data_5W3B
# 
_entry.id   5W3B 
# 
_audit_conform.dict_name       mmcif_pdbx.dic 
_audit_conform.dict_version    5.379 
_audit_conform.dict_location   http://mmcif.pdb.org/dictionaries/ascii/mmcif_pdbx.dic 
# 
loop_
_database_2.database_id 
_database_2.database_code 
_database_2.pdbx_database_accession 
_database_2.pdbx_DOI 
PDB   5W3B         pdb_00005w3b 10.2210/pdb5w3b/pdb 
WWPDB D_1000228357 ?            ?                   
# 
loop_
_pdbx_database_related.db_name 
_pdbx_database_related.details 
_pdbx_database_related.db_id 
_pdbx_database_related.content_type 
PDB CJ-N182C           5W37 unspecified 
PDB 'CJ without thiol' 5W17 unspecified 
# 
_pdbx_database_status.status_code                     REL 
_pdbx_database_status.status_code_sf                  REL 
_pdbx_database_status.status_code_mr                  ? 
_pdbx_database_status.entry_id                        5W3B 
_pdbx_database_status.recvd_initial_deposition_date   2017-06-07 
_pdbx_database_status.SG_entry                        N 
_pdbx_database_status.deposit_site                    RCSB 
_pdbx_database_status.process_site                    RCSB 
_pdbx_database_status.status_code_cs                  ? 
_pdbx_database_status.methods_development_category    ? 
_pdbx_database_status.pdb_format_compatible           Y 
_pdbx_database_status.status_code_nmr_data            ? 
# 
loop_
_audit_author.name 
_audit_author.pdbx_ordinal 
_audit_author.identifier_ORCID 
'Huber, T.R.' 1 ? 
'Snow, C.D.'  2 ? 
# 
_citation.abstract                  ? 
_citation.abstract_id_CAS           ? 
_citation.book_id_ISBN              ? 
_citation.book_publisher            ? 
_citation.book_publisher_city       ? 
_citation.book_title                ? 
_citation.coordinate_linkage        ? 
_citation.country                   US 
_citation.database_id_Medline       ? 
_citation.details                   ? 
_citation.id                        primary 
_citation.journal_abbrev            'Bioconjug. Chem.' 
_citation.journal_id_ASTM           BCCHES 
_citation.journal_id_CSD            2063 
_citation.journal_id_ISSN           1520-4812 
_citation.journal_full              ? 
_citation.journal_issue             ? 
_citation.journal_volume            29 
_citation.language                  ? 
_citation.page_first                17 
_citation.page_last                 22 
_citation.title                     'Installing Guest Molecules at Specific Sites within Scaffold Protein Crystals.' 
_citation.year                      2018 
_citation.database_id_CSD           ? 
_citation.pdbx_database_id_DOI      10.1021/acs.bioconjchem.7b00668 
_citation.pdbx_database_id_PubMed   29232505 
_citation.unpublished_flag          ? 
# 
loop_
_citation_author.citation_id 
_citation_author.name 
_citation_author.ordinal 
_citation_author.identifier_ORCID 
primary 'Huber, T.R.'     1 ? 
primary 'McPherson, E.C.' 2 ? 
primary 'Keating, C.E.'   3 ? 
primary 'Snow, C.D.'      4 ? 
# 
_cell.angle_alpha                  90.000 
_cell.angle_alpha_esd              ? 
_cell.angle_beta                   90.000 
_cell.angle_beta_esd               ? 
_cell.angle_gamma                  120.000 
_cell.angle_gamma_esd              ? 
_cell.entry_id                     5W3B 
_cell.details                      ? 
_cell.formula_units_Z              ? 
_cell.length_a                     179.065 
_cell.length_a_esd                 ? 
_cell.length_b                     179.065 
_cell.length_b_esd                 ? 
_cell.length_c                     50.648 
_cell.length_c_esd                 ? 
_cell.volume                       ? 
_cell.volume_esd                   ? 
_cell.Z_PDB                        12 
_cell.reciprocal_angle_alpha       ? 
_cell.reciprocal_angle_beta        ? 
_cell.reciprocal_angle_gamma       ? 
_cell.reciprocal_angle_alpha_esd   ? 
_cell.reciprocal_angle_beta_esd    ? 
_cell.reciprocal_angle_gamma_esd   ? 
_cell.reciprocal_length_a          ? 
_cell.reciprocal_length_b          ? 
_cell.reciprocal_length_c          ? 
_cell.reciprocal_length_a_esd      ? 
_cell.reciprocal_length_b_esd      ? 
_cell.reciprocal_length_c_esd      ? 
_cell.pdbx_unique_axis             ? 
# 
_symmetry.entry_id                         5W3B 
_symmetry.cell_setting                     ? 
_symmetry.Int_Tables_number                177 
_symmetry.space_group_name_Hall            ? 
_symmetry.space_group_name_H-M             'P 6 2 2' 
_symmetry.pdbx_full_space_group_name_H-M   ? 
# 
loop_
_entity.id 
_entity.type 
_entity.src_method 
_entity.pdbx_description 
_entity.formula_weight 
_entity.pdbx_number_of_molecules 
_entity.pdbx_ec 
_entity.pdbx_mutation 
_entity.pdbx_fragment 
_entity.details 
1 polymer     man 'Polyisoprenoid-binding protein' 20188.832 1  ? N182C 'UNP residues 22-190' ? 
2 non-polymer syn EICOSANE                         282.547   1  ? ?     ?                     ? 
3 non-polymer syn 'SULFATE ION'                    96.063    2  ? ?     ?                     ? 
4 non-polymer syn 'MERCURIBENZOIC ACID'            321.703   2  ? ?     ?                     ? 
5 water       nat water                            18.015    21 ? ?     ?                     ? 
# 
_entity_name_com.entity_id   1 
_entity_name_com.name        'YCEI periplasmic protein, Protein yceI, periplasmic protein' 
# 
_entity_poly.entity_id                      1 
_entity_poly.type                           'polypeptide(L)' 
_entity_poly.nstd_linkage                   no 
_entity_poly.nstd_monomer                   no 
_entity_poly.pdbx_seq_one_letter_code       
;MKEYTLDKAHTDVGFKIKHLQISNVKGNFKDYSAVIDFDPASAEFKKLDVTIKIASVNTENQTRDNHLQQDDFFKAKKYP
DMTFTMKKYEKIDNEKGKMTGTLTIAGVSKDIVLDAEIGGVAKGKDGKEKIGFSLNGKIKRSDFKFATSTSTITLSDDIN
LCIEVEANEKEGGSHHHHHH
;
_entity_poly.pdbx_seq_one_letter_code_can   
;MKEYTLDKAHTDVGFKIKHLQISNVKGNFKDYSAVIDFDPASAEFKKLDVTIKIASVNTENQTRDNHLQQDDFFKAKKYP
DMTFTMKKYEKIDNEKGKMTGTLTIAGVSKDIVLDAEIGGVAKGKDGKEKIGFSLNGKIKRSDFKFATSTSTITLSDDIN
LCIEVEANEKEGGSHHHHHH
;
_entity_poly.pdbx_strand_id                 A 
_entity_poly.pdbx_target_identifier         ? 
# 
loop_
_entity_poly_seq.entity_id 
_entity_poly_seq.num 
_entity_poly_seq.mon_id 
_entity_poly_seq.hetero 
1 1   MET n 
1 2   LYS n 
1 3   GLU n 
1 4   TYR n 
1 5   THR n 
1 6   LEU n 
1 7   ASP n 
1 8   LYS n 
1 9   ALA n 
1 10  HIS n 
1 11  THR n 
1 12  ASP n 
1 13  VAL n 
1 14  GLY n 
1 15  PHE n 
1 16  LYS n 
1 17  ILE n 
1 18  LYS n 
1 19  HIS n 
1 20  LEU n 
1 21  GLN n 
1 22  ILE n 
1 23  SER n 
1 24  ASN n 
1 25  VAL n 
1 26  LYS n 
1 27  GLY n 
1 28  ASN n 
1 29  PHE n 
1 30  LYS n 
1 31  ASP n 
1 32  TYR n 
1 33  SER n 
1 34  ALA n 
1 35  VAL n 
1 36  ILE n 
1 37  ASP n 
1 38  PHE n 
1 39  ASP n 
1 40  PRO n 
1 41  ALA n 
1 42  SER n 
1 43  ALA n 
1 44  GLU n 
1 45  PHE n 
1 46  LYS n 
1 47  LYS n 
1 48  LEU n 
1 49  ASP n 
1 50  VAL n 
1 51  THR n 
1 52  ILE n 
1 53  LYS n 
1 54  ILE n 
1 55  ALA n 
1 56  SER n 
1 57  VAL n 
1 58  ASN n 
1 59  THR n 
1 60  GLU n 
1 61  ASN n 
1 62  GLN n 
1 63  THR n 
1 64  ARG n 
1 65  ASP n 
1 66  ASN n 
1 67  HIS n 
1 68  LEU n 
1 69  GLN n 
1 70  GLN n 
1 71  ASP n 
1 72  ASP n 
1 73  PHE n 
1 74  PHE n 
1 75  LYS n 
1 76  ALA n 
1 77  LYS n 
1 78  LYS n 
1 79  TYR n 
1 80  PRO n 
1 81  ASP n 
1 82  MET n 
1 83  THR n 
1 84  PHE n 
1 85  THR n 
1 86  MET n 
1 87  LYS n 
1 88  LYS n 
1 89  TYR n 
1 90  GLU n 
1 91  LYS n 
1 92  ILE n 
1 93  ASP n 
1 94  ASN n 
1 95  GLU n 
1 96  LYS n 
1 97  GLY n 
1 98  LYS n 
1 99  MET n 
1 100 THR n 
1 101 GLY n 
1 102 THR n 
1 103 LEU n 
1 104 THR n 
1 105 ILE n 
1 106 ALA n 
1 107 GLY n 
1 108 VAL n 
1 109 SER n 
1 110 LYS n 
1 111 ASP n 
1 112 ILE n 
1 113 VAL n 
1 114 LEU n 
1 115 ASP n 
1 116 ALA n 
1 117 GLU n 
1 118 ILE n 
1 119 GLY n 
1 120 GLY n 
1 121 VAL n 
1 122 ALA n 
1 123 LYS n 
1 124 GLY n 
1 125 LYS n 
1 126 ASP n 
1 127 GLY n 
1 128 LYS n 
1 129 GLU n 
1 130 LYS n 
1 131 ILE n 
1 132 GLY n 
1 133 PHE n 
1 134 SER n 
1 135 LEU n 
1 136 ASN n 
1 137 GLY n 
1 138 LYS n 
1 139 ILE n 
1 140 LYS n 
1 141 ARG n 
1 142 SER n 
1 143 ASP n 
1 144 PHE n 
1 145 LYS n 
1 146 PHE n 
1 147 ALA n 
1 148 THR n 
1 149 SER n 
1 150 THR n 
1 151 SER n 
1 152 THR n 
1 153 ILE n 
1 154 THR n 
1 155 LEU n 
1 156 SER n 
1 157 ASP n 
1 158 ASP n 
1 159 ILE n 
1 160 ASN n 
1 161 LEU n 
1 162 CYS n 
1 163 ILE n 
1 164 GLU n 
1 165 VAL n 
1 166 GLU n 
1 167 ALA n 
1 168 ASN n 
1 169 GLU n 
1 170 LYS n 
1 171 GLU n 
1 172 GLY n 
1 173 GLY n 
1 174 SER n 
1 175 HIS n 
1 176 HIS n 
1 177 HIS n 
1 178 HIS n 
1 179 HIS n 
1 180 HIS n 
# 
_entity_src_gen.entity_id                          1 
_entity_src_gen.pdbx_src_id                        1 
_entity_src_gen.pdbx_alt_source_flag               sample 
_entity_src_gen.pdbx_seq_type                      'Biological sequence' 
_entity_src_gen.pdbx_beg_seq_num                   1 
_entity_src_gen.pdbx_end_seq_num                   180 
_entity_src_gen.gene_src_common_name               ? 
_entity_src_gen.gene_src_genus                     ? 
_entity_src_gen.pdbx_gene_src_gene                 'A0L11_08945, A0M64_02260, A0M70_03345, AD53_02580' 
_entity_src_gen.gene_src_species                   ? 
_entity_src_gen.gene_src_strain                    ? 
_entity_src_gen.gene_src_tissue                    ? 
_entity_src_gen.gene_src_tissue_fraction           ? 
_entity_src_gen.gene_src_details                   ? 
_entity_src_gen.pdbx_gene_src_fragment             ? 
_entity_src_gen.pdbx_gene_src_scientific_name      'Campylobacter jejuni' 
_entity_src_gen.pdbx_gene_src_ncbi_taxonomy_id     197 
_entity_src_gen.pdbx_gene_src_variant              ? 
_entity_src_gen.pdbx_gene_src_cell_line            ? 
_entity_src_gen.pdbx_gene_src_atcc                 ? 
_entity_src_gen.pdbx_gene_src_organ                ? 
_entity_src_gen.pdbx_gene_src_organelle            ? 
_entity_src_gen.pdbx_gene_src_cell                 ? 
_entity_src_gen.pdbx_gene_src_cellular_location    ? 
_entity_src_gen.host_org_common_name               ? 
_entity_src_gen.pdbx_host_org_scientific_name      'Escherichia coli BL21(DE3)' 
_entity_src_gen.pdbx_host_org_ncbi_taxonomy_id     469008 
_entity_src_gen.host_org_genus                     ? 
_entity_src_gen.pdbx_host_org_gene                 ? 
_entity_src_gen.pdbx_host_org_organ                ? 
_entity_src_gen.host_org_species                   ? 
_entity_src_gen.pdbx_host_org_tissue               ? 
_entity_src_gen.pdbx_host_org_tissue_fraction      ? 
_entity_src_gen.pdbx_host_org_strain               'C41(DE3)' 
_entity_src_gen.pdbx_host_org_variant              ? 
_entity_src_gen.pdbx_host_org_cell_line            ? 
_entity_src_gen.pdbx_host_org_atcc                 ? 
_entity_src_gen.pdbx_host_org_culture_collection   ? 
_entity_src_gen.pdbx_host_org_cell                 ? 
_entity_src_gen.pdbx_host_org_organelle            ? 
_entity_src_gen.pdbx_host_org_cellular_location    ? 
_entity_src_gen.pdbx_host_org_vector_type          plasmid 
_entity_src_gen.pdbx_host_org_vector               ? 
_entity_src_gen.host_org_details                   ? 
_entity_src_gen.expression_system_id               ? 
_entity_src_gen.plasmid_name                       pSB3 
_entity_src_gen.plasmid_details                    ? 
_entity_src_gen.pdbx_description                   ? 
# 
_struct_ref.id                         1 
_struct_ref.db_name                    UNP 
_struct_ref.db_code                    Q79JB5_CAMJU 
_struct_ref.pdbx_db_accession          Q79JB5 
_struct_ref.pdbx_db_isoform            ? 
_struct_ref.entity_id                  1 
_struct_ref.pdbx_seq_one_letter_code   
;KEYTLDKAHTDVGFKIKHLQISNVKGNFKDYSAVIDFDPASAEFKKLDVTIKIASVNTENQTRDNHLQQDDFFKAKKYPD
MTFTMKKYEKIDNEKGKMTGTLTIAGVSKDIVLDAEIGGVAKGKDGKEKIGFSLNGKIKRSDFKFATSTSTITLSDDINL
NIEVEANEK
;
_struct_ref.pdbx_align_begin           22 
# 
_struct_ref_seq.align_id                      1 
_struct_ref_seq.ref_id                        1 
_struct_ref_seq.pdbx_PDB_id_code              5W3B 
_struct_ref_seq.pdbx_strand_id                A 
_struct_ref_seq.seq_align_beg                 2 
_struct_ref_seq.pdbx_seq_align_beg_ins_code   ? 
_struct_ref_seq.seq_align_end                 170 
_struct_ref_seq.pdbx_seq_align_end_ins_code   ? 
_struct_ref_seq.pdbx_db_accession             Q79JB5 
_struct_ref_seq.db_align_beg                  22 
_struct_ref_seq.pdbx_db_align_beg_ins_code    ? 
_struct_ref_seq.db_align_end                  190 
_struct_ref_seq.pdbx_db_align_end_ins_code    ? 
_struct_ref_seq.pdbx_auth_seq_align_beg       22 
_struct_ref_seq.pdbx_auth_seq_align_end       190 
# 
loop_
_struct_ref_seq_dif.align_id 
_struct_ref_seq_dif.pdbx_pdb_id_code 
_struct_ref_seq_dif.mon_id 
_struct_ref_seq_dif.pdbx_pdb_strand_id 
_struct_ref_seq_dif.seq_num 
_struct_ref_seq_dif.pdbx_pdb_ins_code 
_struct_ref_seq_dif.pdbx_seq_db_name 
_struct_ref_seq_dif.pdbx_seq_db_accession_code 
_struct_ref_seq_dif.db_mon_id 
_struct_ref_seq_dif.pdbx_seq_db_seq_num 
_struct_ref_seq_dif.details 
_struct_ref_seq_dif.pdbx_auth_seq_num 
_struct_ref_seq_dif.pdbx_ordinal 
1 5W3B MET A 1   ? UNP Q79JB5 ?   ?   'initiating methionine' 21  1  
1 5W3B CYS A 162 ? UNP Q79JB5 ASN 182 'engineered mutation'   182 2  
1 5W3B GLU A 171 ? UNP Q79JB5 ?   ?   'expression tag'        191 3  
1 5W3B GLY A 172 ? UNP Q79JB5 ?   ?   'expression tag'        192 4  
1 5W3B GLY A 173 ? UNP Q79JB5 ?   ?   'expression tag'        193 5  
1 5W3B SER A 174 ? UNP Q79JB5 ?   ?   'expression tag'        194 6  
1 5W3B HIS A 175 ? UNP Q79JB5 ?   ?   'expression tag'        195 7  
1 5W3B HIS A 176 ? UNP Q79JB5 ?   ?   'expression tag'        196 8  
1 5W3B HIS A 177 ? UNP Q79JB5 ?   ?   'expression tag'        197 9  
1 5W3B HIS A 178 ? UNP Q79JB5 ?   ?   'expression tag'        198 10 
1 5W3B HIS A 179 ? UNP Q79JB5 ?   ?   'expression tag'        199 11 
1 5W3B HIS A 180 ? UNP Q79JB5 ?   ?   'expression tag'        200 12 
# 
loop_
_chem_comp.id 
_chem_comp.type 
_chem_comp.mon_nstd_flag 
_chem_comp.name 
_chem_comp.pdbx_synonyms 
_chem_comp.formula 
_chem_comp.formula_weight 
ALA 'L-peptide linking' y ALANINE               ?                'C3 H7 N O2'     89.093  
ARG 'L-peptide linking' y ARGININE              ?                'C6 H15 N4 O2 1' 175.209 
ASN 'L-peptide linking' y ASPARAGINE            ?                'C4 H8 N2 O3'    132.118 
ASP 'L-peptide linking' y 'ASPARTIC ACID'       ?                'C4 H7 N O4'     133.103 
CYS 'L-peptide linking' y CYSTEINE              ?                'C3 H7 N O2 S'   121.158 
GLN 'L-peptide linking' y GLUTAMINE             ?                'C5 H10 N2 O3'   146.144 
GLU 'L-peptide linking' y 'GLUTAMIC ACID'       ?                'C5 H9 N O4'     147.129 
GLY 'peptide linking'   y GLYCINE               ?                'C2 H5 N O2'     75.067  
HIS 'L-peptide linking' y HISTIDINE             ?                'C6 H10 N3 O2 1' 156.162 
HOH non-polymer         . WATER                 ?                'H2 O'           18.015  
ILE 'L-peptide linking' y ISOLEUCINE            ?                'C6 H13 N O2'    131.173 
LEU 'L-peptide linking' y LEUCINE               ?                'C6 H13 N O2'    131.173 
LFA non-polymer         . EICOSANE              'LIPID FRAGMENT' 'C20 H42'        282.547 
LYS 'L-peptide linking' y LYSINE                ?                'C6 H15 N2 O2 1' 147.195 
MBO non-polymer         . 'MERCURIBENZOIC ACID' ?                'C7 H5 Hg O2'    321.703 
MET 'L-peptide linking' y METHIONINE            ?                'C5 H11 N O2 S'  149.211 
PHE 'L-peptide linking' y PHENYLALANINE         ?                'C9 H11 N O2'    165.189 
PRO 'L-peptide linking' y PROLINE               ?                'C5 H9 N O2'     115.130 
SER 'L-peptide linking' y SERINE                ?                'C3 H7 N O3'     105.093 
SO4 non-polymer         . 'SULFATE ION'         ?                'O4 S -2'        96.063  
THR 'L-peptide linking' y THREONINE             ?                'C4 H9 N O3'     119.119 
TYR 'L-peptide linking' y TYROSINE              ?                'C9 H11 N O3'    181.189 
VAL 'L-peptide linking' y VALINE                ?                'C5 H11 N O2'    117.146 
# 
_exptl.absorpt_coefficient_mu     ? 
_exptl.absorpt_correction_T_max   ? 
_exptl.absorpt_correction_T_min   ? 
_exptl.absorpt_correction_type    ? 
_exptl.absorpt_process_details    ? 
_exptl.entry_id                   5W3B 
_exptl.crystals_number            1 
_exptl.details                    ? 
_exptl.method                     'X-RAY DIFFRACTION' 
_exptl.method_details             ? 
# 
_exptl_crystal.colour                      ? 
_exptl_crystal.density_diffrn              ? 
_exptl_crystal.density_Matthews            5.81 
_exptl_crystal.density_method              ? 
_exptl_crystal.density_percent_sol         78.81 
_exptl_crystal.description                 ? 
_exptl_crystal.F_000                       ? 
_exptl_crystal.id                          1 
_exptl_crystal.preparation                 ? 
_exptl_crystal.size_max                    ? 
_exptl_crystal.size_mid                    ? 
_exptl_crystal.size_min                    ? 
_exptl_crystal.size_rad                    ? 
_exptl_crystal.colour_lustre               ? 
_exptl_crystal.colour_modifier             ? 
_exptl_crystal.colour_primary              ? 
_exptl_crystal.density_meas                ? 
_exptl_crystal.density_meas_esd            ? 
_exptl_crystal.density_meas_gt             ? 
_exptl_crystal.density_meas_lt             ? 
_exptl_crystal.density_meas_temp           ? 
_exptl_crystal.density_meas_temp_esd       ? 
_exptl_crystal.density_meas_temp_gt        ? 
_exptl_crystal.density_meas_temp_lt        ? 
_exptl_crystal.pdbx_crystal_image_url      ? 
_exptl_crystal.pdbx_crystal_image_format   ? 
_exptl_crystal.pdbx_mosaicity              0.130 
_exptl_crystal.pdbx_mosaicity_esd          ? 
# 
_exptl_crystal_grow.apparatus       ? 
_exptl_crystal_grow.atmosphere      ? 
_exptl_crystal_grow.crystal_id      1 
_exptl_crystal_grow.details         ? 
_exptl_crystal_grow.method          'VAPOR DIFFUSION, SITTING DROP' 
_exptl_crystal_grow.method_ref      ? 
_exptl_crystal_grow.pH              6.0 
_exptl_crystal_grow.pressure        ? 
_exptl_crystal_grow.pressure_esd    ? 
_exptl_crystal_grow.seeding         ? 
_exptl_crystal_grow.seeding_ref     ? 
_exptl_crystal_grow.temp            293 
_exptl_crystal_grow.temp_details    ? 
_exptl_crystal_grow.temp_esd        ? 
_exptl_crystal_grow.time            ? 
_exptl_crystal_grow.pdbx_details    '3.2 M ammonium sulfate, 0.1 M Bis-Tris' 
_exptl_crystal_grow.pdbx_pH_range   ? 
# 
_diffrn.ambient_environment    ? 
_diffrn.ambient_temp           100 
_diffrn.ambient_temp_details   ? 
_diffrn.ambient_temp_esd       ? 
_diffrn.crystal_id             1 
_diffrn.crystal_support        ? 
_diffrn.crystal_treatment      ? 
_diffrn.details                ? 
_diffrn.id                     1 
_diffrn.ambient_pressure       ? 
_diffrn.ambient_pressure_esd   ? 
_diffrn.ambient_pressure_gt    ? 
_diffrn.ambient_pressure_lt    ? 
_diffrn.ambient_temp_gt        ? 
_diffrn.ambient_temp_lt        ? 
# 
_diffrn_detector.details                      ? 
_diffrn_detector.detector                     CMOS 
_diffrn_detector.diffrn_id                    1 
_diffrn_detector.type                         'RDI CMOS_8M' 
_diffrn_detector.area_resol_mean              ? 
_diffrn_detector.dtime                        ? 
_diffrn_detector.pdbx_frames_total            ? 
_diffrn_detector.pdbx_collection_time_total   ? 
_diffrn_detector.pdbx_collection_date         2016-12-02 
# 
_diffrn_radiation.collimation                      ? 
_diffrn_radiation.diffrn_id                        1 
_diffrn_radiation.filter_edge                      ? 
_diffrn_radiation.inhomogeneity                    ? 
_diffrn_radiation.monochromator                    'Si (111) double crystal' 
_diffrn_radiation.polarisn_norm                    ? 
_diffrn_radiation.polarisn_ratio                   ? 
_diffrn_radiation.probe                            ? 
_diffrn_radiation.type                             ? 
_diffrn_radiation.xray_symbol                      ? 
_diffrn_radiation.wavelength_id                    1 
_diffrn_radiation.pdbx_monochromatic_or_laue_m_l   M 
_diffrn_radiation.pdbx_wavelength_list             ? 
_diffrn_radiation.pdbx_wavelength                  ? 
_diffrn_radiation.pdbx_diffrn_protocol             'SINGLE WAVELENGTH' 
_diffrn_radiation.pdbx_analyzer                    ? 
_diffrn_radiation.pdbx_scattering_type             x-ray 
# 
_diffrn_radiation_wavelength.id           1 
_diffrn_radiation_wavelength.wavelength   1.0 
_diffrn_radiation_wavelength.wt           1.0 
# 
_diffrn_source.current                     ? 
_diffrn_source.details                     ? 
_diffrn_source.diffrn_id                   1 
_diffrn_source.power                       ? 
_diffrn_source.size                        ? 
_diffrn_source.source                      SYNCHROTRON 
_diffrn_source.target                      ? 
_diffrn_source.type                        'ALS BEAMLINE 4.2.2' 
_diffrn_source.voltage                     ? 
_diffrn_source.take-off_angle              ? 
_diffrn_source.pdbx_wavelength_list        1.0 
_diffrn_source.pdbx_wavelength             ? 
_diffrn_source.pdbx_synchrotron_beamline   4.2.2 
_diffrn_source.pdbx_synchrotron_site       ALS 
# 
_reflns.B_iso_Wilson_estimate            ? 
_reflns.entry_id                         5W3B 
_reflns.data_reduction_details           ? 
_reflns.data_reduction_method            ? 
_reflns.d_resolution_high                2.704 
_reflns.d_resolution_low                 38.769 
_reflns.details                          ? 
_reflns.limit_h_max                      ? 
_reflns.limit_h_min                      ? 
_reflns.limit_k_max                      ? 
_reflns.limit_k_min                      ? 
_reflns.limit_l_max                      ? 
_reflns.limit_l_min                      ? 
_reflns.number_all                       13431 
_reflns.number_obs                       13431 
_reflns.observed_criterion               ? 
_reflns.observed_criterion_F_max         ? 
_reflns.observed_criterion_F_min         ? 
_reflns.observed_criterion_I_max         ? 
_reflns.observed_criterion_I_min         ? 
_reflns.observed_criterion_sigma_F       ? 
_reflns.observed_criterion_sigma_I       ? 
_reflns.percent_possible_obs             98.800 
_reflns.R_free_details                   ? 
_reflns.Rmerge_F_all                     ? 
_reflns.Rmerge_F_obs                     ? 
_reflns.Friedel_coverage                 ? 
_reflns.number_gt                        ? 
_reflns.threshold_expression             ? 
_reflns.pdbx_redundancy                  18.300 
_reflns.pdbx_Rmerge_I_obs                ? 
_reflns.pdbx_Rmerge_I_all                ? 
_reflns.pdbx_Rsym_value                  0.109 
_reflns.pdbx_netI_over_av_sigmaI         6.100 
_reflns.pdbx_netI_over_sigmaI            20.700 
_reflns.pdbx_res_netI_over_av_sigmaI_2   ? 
_reflns.pdbx_res_netI_over_sigmaI_2      ? 
_reflns.pdbx_chi_squared                 ? 
_reflns.pdbx_scaling_rejects             ? 
_reflns.pdbx_d_res_high_opt              ? 
_reflns.pdbx_d_res_low_opt               ? 
_reflns.pdbx_d_res_opt_method            ? 
_reflns.phase_calculation_details        ? 
_reflns.pdbx_Rrim_I_all                  0.112 
_reflns.pdbx_Rpim_I_all                  0.025 
_reflns.pdbx_d_opt                       ? 
_reflns.pdbx_number_measured_all         245372 
_reflns.pdbx_diffrn_id                   1 
_reflns.pdbx_ordinal                     1 
_reflns.pdbx_CC_half                     ? 
_reflns.pdbx_R_split                     ? 
# 
loop_
_reflns_shell.d_res_high 
_reflns_shell.d_res_low 
_reflns_shell.meanI_over_sigI_all 
_reflns_shell.meanI_over_sigI_obs 
_reflns_shell.number_measured_all 
_reflns_shell.number_measured_obs 
_reflns_shell.number_possible 
_reflns_shell.number_unique_all 
_reflns_shell.number_unique_obs 
_reflns_shell.percent_possible_all 
_reflns_shell.percent_possible_obs 
_reflns_shell.Rmerge_F_all 
_reflns_shell.Rmerge_F_obs 
_reflns_shell.Rmerge_I_all 
_reflns_shell.Rmerge_I_obs 
_reflns_shell.meanI_over_sigI_gt 
_reflns_shell.meanI_over_uI_all 
_reflns_shell.meanI_over_uI_gt 
_reflns_shell.number_measured_gt 
_reflns_shell.number_unique_gt 
_reflns_shell.percent_possible_gt 
_reflns_shell.Rmerge_F_gt 
_reflns_shell.Rmerge_I_gt 
_reflns_shell.pdbx_redundancy 
_reflns_shell.pdbx_Rsym_value 
_reflns_shell.pdbx_chi_squared 
_reflns_shell.pdbx_netI_over_sigmaI_all 
_reflns_shell.pdbx_netI_over_sigmaI_obs 
_reflns_shell.pdbx_Rrim_I_all 
_reflns_shell.pdbx_Rpim_I_all 
_reflns_shell.pdbx_rejects 
_reflns_shell.pdbx_ordinal 
_reflns_shell.pdbx_diffrn_id 
_reflns_shell.pdbx_CC_half 
_reflns_shell.pdbx_R_split 
2.704 2.850  ? 0.600  ? ? ? ? ? 92.200  ? ? ? ? 1.201 ? ? ? ? ? ? ? ? 7.400  1.201 ? ? ? 1.286 0.441 ? 1  1 ? ? 
2.850 3.020  ? 0.900  ? ? ? ? ? 100.000 ? ? ? ? 0.827 ? ? ? ? ? ? ? ? 17.200 0.827 ? ? ? 0.852 0.204 ? 2  1 ? ? 
3.020 3.230  ? 1.800  ? ? ? ? ? 100.000 ? ? ? ? 0.402 ? ? ? ? ? ? ? ? 20.700 0.402 ? ? ? 0.412 0.090 ? 3  1 ? ? 
3.230 3.490  ? 2.900  ? ? ? ? ? 100.000 ? ? ? ? 0.244 ? ? ? ? ? ? ? ? 20.400 0.244 ? ? ? 0.250 0.055 ? 4  1 ? ? 
3.490 3.820  ? 4.500  ? ? ? ? ? 100.000 ? ? ? ? 0.153 ? ? ? ? ? ? ? ? 19.900 0.153 ? ? ? 0.157 0.035 ? 5  1 ? ? 
3.820 4.280  ? 7.500  ? ? ? ? ? 100.000 ? ? ? ? 0.093 ? ? ? ? ? ? ? ? 20.800 0.093 ? ? ? 0.096 0.021 ? 6  1 ? ? 
4.280 4.940  ? 11.200 ? ? ? ? ? 100.000 ? ? ? ? 0.063 ? ? ? ? ? ? ? ? 21.100 0.063 ? ? ? 0.064 0.014 ? 7  1 ? ? 
4.940 6.050  ? 10.500 ? ? ? ? ? 100.000 ? ? ? ? 0.062 ? ? ? ? ? ? ? ? 20.800 0.062 ? ? ? 0.063 0.014 ? 8  1 ? ? 
6.050 8.550  ? 12.100 ? ? ? ? ? 100.000 ? ? ? ? 0.054 ? ? ? ? ? ? ? ? 20.200 0.054 ? ? ? 0.055 0.012 ? 9  1 ? ? 
8.550 38.769 ? 13.800 ? ? ? ? ? 99.000  ? ? ? ? 0.041 ? ? ? ? ? ? ? ? 17.900 0.041 ? ? ? 0.042 0.009 ? 10 1 ? ? 
# 
_refine.aniso_B[1][1]                            0.0200 
_refine.aniso_B[1][2]                            0.0100 
_refine.aniso_B[1][3]                            -0.0000 
_refine.aniso_B[2][2]                            0.0200 
_refine.aniso_B[2][3]                            0.0000 
_refine.aniso_B[3][3]                            -0.0600 
_refine.B_iso_max                                177.050 
_refine.B_iso_mean                               71.5590 
_refine.B_iso_min                                43.330 
_refine.correlation_coeff_Fo_to_Fc               0.9530 
_refine.correlation_coeff_Fo_to_Fc_free          0.9500 
_refine.details                                  'U VALUES      : REFINED INDIVIDUALLY' 
_refine.diff_density_max                         ? 
_refine.diff_density_max_esd                     ? 
_refine.diff_density_min                         ? 
_refine.diff_density_min_esd                     ? 
_refine.diff_density_rms                         ? 
_refine.diff_density_rms_esd                     ? 
_refine.entry_id                                 5W3B 
_refine.pdbx_refine_id                           'X-RAY DIFFRACTION' 
_refine.ls_abs_structure_details                 ? 
_refine.ls_abs_structure_Flack                   ? 
_refine.ls_abs_structure_Flack_esd               ? 
_refine.ls_abs_structure_Rogers                  ? 
_refine.ls_abs_structure_Rogers_esd              ? 
_refine.ls_d_res_high                            2.7000 
_refine.ls_d_res_low                             38.7700 
_refine.ls_extinction_coef                       ? 
_refine.ls_extinction_coef_esd                   ? 
_refine.ls_extinction_expression                 ? 
_refine.ls_extinction_method                     ? 
_refine.ls_goodness_of_fit_all                   ? 
_refine.ls_goodness_of_fit_all_esd               ? 
_refine.ls_goodness_of_fit_obs                   ? 
_refine.ls_goodness_of_fit_obs_esd               ? 
_refine.ls_hydrogen_treatment                    ? 
_refine.ls_matrix_type                           ? 
_refine.ls_number_constraints                    ? 
_refine.ls_number_parameters                     ? 
_refine.ls_number_reflns_all                     ? 
_refine.ls_number_reflns_obs                     12754 
_refine.ls_number_reflns_R_free                  677 
_refine.ls_number_reflns_R_work                  ? 
_refine.ls_number_restraints                     ? 
_refine.ls_percent_reflns_obs                    98.7200 
_refine.ls_percent_reflns_R_free                 5.0000 
_refine.ls_R_factor_all                          ? 
_refine.ls_R_factor_obs                          0.2059 
_refine.ls_R_factor_R_free                       0.2281 
_refine.ls_R_factor_R_free_error                 ? 
_refine.ls_R_factor_R_free_error_details         ? 
_refine.ls_R_factor_R_work                       0.2047 
_refine.ls_R_Fsqd_factor_obs                     ? 
_refine.ls_R_I_factor_obs                        ? 
_refine.ls_redundancy_reflns_all                 ? 
_refine.ls_redundancy_reflns_obs                 ? 
_refine.ls_restrained_S_all                      ? 
_refine.ls_restrained_S_obs                      ? 
_refine.ls_shift_over_esd_max                    ? 
_refine.ls_shift_over_esd_mean                   ? 
_refine.ls_structure_factor_coef                 ? 
_refine.ls_weighting_details                     ? 
_refine.ls_weighting_scheme                      ? 
_refine.ls_wR_factor_all                         ? 
_refine.ls_wR_factor_obs                         ? 
_refine.ls_wR_factor_R_free                      ? 
_refine.ls_wR_factor_R_work                      ? 
_refine.occupancy_max                            ? 
_refine.occupancy_min                            ? 
_refine.solvent_model_details                    ? 
_refine.solvent_model_param_bsol                 ? 
_refine.solvent_model_param_ksol                 ? 
_refine.ls_R_factor_gt                           ? 
_refine.ls_goodness_of_fit_gt                    ? 
_refine.ls_goodness_of_fit_ref                   ? 
_refine.ls_shift_over_su_max                     ? 
_refine.ls_shift_over_su_max_lt                  ? 
_refine.ls_shift_over_su_mean                    ? 
_refine.ls_shift_over_su_mean_lt                 ? 
_refine.pdbx_ls_sigma_I                          ? 
_refine.pdbx_ls_sigma_F                          0.000 
_refine.pdbx_ls_sigma_Fsqd                       ? 
_refine.pdbx_data_cutoff_high_absF               ? 
_refine.pdbx_data_cutoff_high_rms_absF           ? 
_refine.pdbx_data_cutoff_low_absF                ? 
_refine.pdbx_isotropic_thermal_model             ? 
_refine.pdbx_ls_cross_valid_method               THROUGHOUT 
_refine.pdbx_method_to_determine_struct          'MOLECULAR REPLACEMENT' 
_refine.pdbx_starting_model                      'PDB entry 5W37' 
_refine.pdbx_stereochemistry_target_values       ? 
_refine.pdbx_R_Free_selection_details            RANDOM 
_refine.pdbx_stereochem_target_val_spec_case     ? 
_refine.pdbx_overall_ESU_R                       0.2470 
_refine.pdbx_overall_ESU_R_Free                  0.2070 
_refine.pdbx_solvent_vdw_probe_radii             1.2000 
_refine.pdbx_solvent_ion_probe_radii             0.8000 
_refine.pdbx_solvent_shrinkage_radii             0.8000 
_refine.pdbx_real_space_R                        ? 
_refine.pdbx_density_correlation                 ? 
_refine.pdbx_pd_number_of_powder_patterns        ? 
_refine.pdbx_pd_number_of_points                 ? 
_refine.pdbx_pd_meas_number_of_points            ? 
_refine.pdbx_pd_proc_ls_prof_R_factor            ? 
_refine.pdbx_pd_proc_ls_prof_wR_factor           ? 
_refine.pdbx_pd_Marquardt_correlation_coeff      ? 
_refine.pdbx_pd_Fsqrd_R_factor                   ? 
_refine.pdbx_pd_ls_matrix_band_width             ? 
_refine.pdbx_overall_phase_error                 ? 
_refine.pdbx_overall_SU_R_free_Cruickshank_DPI   ? 
_refine.pdbx_overall_SU_R_free_Blow_DPI          ? 
_refine.pdbx_overall_SU_R_Blow_DPI               ? 
_refine.pdbx_TLS_residual_ADP_flag               ? 
_refine.pdbx_diffrn_id                           1 
_refine.overall_SU_B                             ? 
_refine.overall_SU_ML                            ? 
_refine.overall_SU_R_Cruickshank_DPI             ? 
_refine.overall_SU_R_free                        ? 
_refine.overall_FOM_free_R_set                   ? 
_refine.overall_FOM_work_R_set                   ? 
_refine.pdbx_average_fsc_overall                 ? 
_refine.pdbx_average_fsc_work                    ? 
_refine.pdbx_average_fsc_free                    ? 
# 
_refine_hist.cycle_id                         final 
_refine_hist.pdbx_refine_id                   'X-RAY DIFFRACTION' 
_refine_hist.d_res_high                       2.7000 
_refine_hist.d_res_low                        38.7700 
_refine_hist.pdbx_number_atoms_ligand         38 
_refine_hist.number_atoms_solvent             21 
_refine_hist.number_atoms_total               1378 
_refine_hist.pdbx_number_residues_total       171 
_refine_hist.pdbx_B_iso_mean_ligand           73.92 
_refine_hist.pdbx_B_iso_mean_solvent          62.05 
_refine_hist.pdbx_number_atoms_protein        1319 
_refine_hist.pdbx_number_atoms_nucleic_acid   0 
# 
loop_
_refine_ls_restr.pdbx_refine_id 
_refine_ls_restr.criterion 
_refine_ls_restr.dev_ideal 
_refine_ls_restr.dev_ideal_target 
_refine_ls_restr.number 
_refine_ls_restr.rejects 
_refine_ls_restr.type 
_refine_ls_restr.weight 
_refine_ls_restr.pdbx_restraint_function 
'X-RAY DIFFRACTION' ? 0.062  0.019  1378 ? r_bond_refined_d       ? ? 
'X-RAY DIFFRACTION' ? 2.013  1.979  1842 ? r_angle_refined_deg    ? ? 
'X-RAY DIFFRACTION' ? 7.653  5.000  172  ? r_dihedral_angle_1_deg ? ? 
'X-RAY DIFFRACTION' ? 37.389 26.379 58   ? r_dihedral_angle_2_deg ? ? 
'X-RAY DIFFRACTION' ? 20.165 15.000 256  ? r_dihedral_angle_3_deg ? ? 
'X-RAY DIFFRACTION' ? 27.057 15.000 2    ? r_dihedral_angle_4_deg ? ? 
'X-RAY DIFFRACTION' ? 0.116  0.200  209  ? r_chiral_restr         ? ? 
'X-RAY DIFFRACTION' ? 0.007  0.020  990  ? r_gen_planes_refined   ? ? 
# 
_refine_ls_shell.pdbx_refine_id                   'X-RAY DIFFRACTION' 
_refine_ls_shell.d_res_high                       2.7040 
_refine_ls_shell.d_res_low                        2.7740 
_refine_ls_shell.number_reflns_all                813 
_refine_ls_shell.number_reflns_obs                ? 
_refine_ls_shell.number_reflns_R_free             36 
_refine_ls_shell.number_reflns_R_work             777 
_refine_ls_shell.percent_reflns_obs               83.6400 
_refine_ls_shell.percent_reflns_R_free            ? 
_refine_ls_shell.R_factor_all                     ? 
_refine_ls_shell.R_factor_obs                     ? 
_refine_ls_shell.R_factor_R_free                  0.4400 
_refine_ls_shell.R_factor_R_free_error            0.0000 
_refine_ls_shell.R_factor_R_work                  0.4220 
_refine_ls_shell.redundancy_reflns_all            ? 
_refine_ls_shell.redundancy_reflns_obs            ? 
_refine_ls_shell.wR_factor_all                    ? 
_refine_ls_shell.wR_factor_obs                    ? 
_refine_ls_shell.wR_factor_R_free                 ? 
_refine_ls_shell.wR_factor_R_work                 ? 
_refine_ls_shell.pdbx_total_number_of_bins_used   20 
_refine_ls_shell.pdbx_phase_error                 ? 
_refine_ls_shell.pdbx_fsc_work                    ? 
_refine_ls_shell.pdbx_fsc_free                    ? 
# 
_struct.entry_id                     5W3B 
_struct.title                        
'Crystal structure of mutant CJ YCEI protein (CJ-N182C) with mercuribenzoic acid guest structure' 
_struct.pdbx_model_details           ? 
_struct.pdbx_formula_weight          ? 
_struct.pdbx_formula_weight_method   ? 
_struct.pdbx_model_type_details      ? 
_struct.pdbx_CASP_flag               N 
# 
_struct_keywords.entry_id        5W3B 
_struct_keywords.text            'nanotechnology, nanoporous, UNKNOWN FUNCTION' 
_struct_keywords.pdbx_keywords   'UNKNOWN FUNCTION' 
# 
loop_
_struct_asym.id 
_struct_asym.pdbx_blank_PDB_chainid_flag 
_struct_asym.pdbx_modified 
_struct_asym.entity_id 
_struct_asym.details 
A N N 1 ? 
B N N 2 ? 
C N N 3 ? 
D N N 3 ? 
E N N 4 ? 
F N N 4 ? 
G N N 5 ? 
# 
loop_
_struct_conf.conf_type_id 
_struct_conf.id 
_struct_conf.pdbx_PDB_helix_id 
_struct_conf.beg_label_comp_id 
_struct_conf.beg_label_asym_id 
_struct_conf.beg_label_seq_id 
_struct_conf.pdbx_beg_PDB_ins_code 
_struct_conf.end_label_comp_id 
_struct_conf.end_label_asym_id 
_struct_conf.end_label_seq_id 
_struct_conf.pdbx_end_PDB_ins_code 
_struct_conf.beg_auth_comp_id 
_struct_conf.beg_auth_asym_id 
_struct_conf.beg_auth_seq_id 
_struct_conf.end_auth_comp_id 
_struct_conf.end_auth_asym_id 
_struct_conf.end_auth_seq_id 
_struct_conf.pdbx_PDB_helix_class 
_struct_conf.details 
_struct_conf.pdbx_PDB_helix_length 
HELX_P HELX_P1 AA1 ASP A 7   ? THR A 11  ? ASP A 27  THR A 31  5 ? 5  
HELX_P HELX_P2 AA2 ASN A 61  ? GLN A 70  ? ASN A 81  GLN A 90  1 ? 10 
HELX_P HELX_P3 AA3 SER A 142 ? LYS A 145 ? SER A 162 LYS A 165 5 ? 4  
# 
_struct_conf_type.id          HELX_P 
_struct_conf_type.criteria    ? 
_struct_conf_type.reference   ? 
# 
loop_
_struct_conn.id 
_struct_conn.conn_type_id 
_struct_conn.pdbx_leaving_atom_flag 
_struct_conn.pdbx_PDB_id 
_struct_conn.ptnr1_label_asym_id 
_struct_conn.ptnr1_label_comp_id 
_struct_conn.ptnr1_label_seq_id 
_struct_conn.ptnr1_label_atom_id 
_struct_conn.pdbx_ptnr1_label_alt_id 
_struct_conn.pdbx_ptnr1_PDB_ins_code 
_struct_conn.pdbx_ptnr1_standard_comp_id 
_struct_conn.ptnr1_symmetry 
_struct_conn.ptnr2_label_asym_id 
_struct_conn.ptnr2_label_comp_id 
_struct_conn.ptnr2_label_seq_id 
_struct_conn.ptnr2_label_atom_id 
_struct_conn.pdbx_ptnr2_label_alt_id 
_struct_conn.pdbx_ptnr2_PDB_ins_code 
_struct_conn.ptnr1_auth_asym_id 
_struct_conn.ptnr1_auth_comp_id 
_struct_conn.ptnr1_auth_seq_id 
_struct_conn.ptnr2_auth_asym_id 
_struct_conn.ptnr2_auth_comp_id 
_struct_conn.ptnr2_auth_seq_id 
_struct_conn.ptnr2_symmetry 
_struct_conn.pdbx_ptnr3_label_atom_id 
_struct_conn.pdbx_ptnr3_label_seq_id 
_struct_conn.pdbx_ptnr3_label_comp_id 
_struct_conn.pdbx_ptnr3_label_asym_id 
_struct_conn.pdbx_ptnr3_label_alt_id 
_struct_conn.pdbx_ptnr3_PDB_ins_code 
_struct_conn.details 
_struct_conn.pdbx_dist_value 
_struct_conn.pdbx_value_order 
_struct_conn.pdbx_role 
metalc1 metalc ? ? A ASN 136 OD1 ? ? ? 1_555 F MBO . HG ? ? A ASN 156 A MBO 305 1_555 ? ? ? ? ? ? ? 2.453 ? ? 
metalc2 metalc ? ? A LEU 161 O   ? ? ? 1_555 E MBO . HG ? ? A LEU 181 A MBO 304 1_555 ? ? ? ? ? ? ? 3.169 ? ? 
# 
_struct_conn_type.id          metalc 
_struct_conn_type.criteria    ? 
_struct_conn_type.reference   ? 
# 
loop_
_struct_sheet.id 
_struct_sheet.type 
_struct_sheet.number_strands 
_struct_sheet.details 
AA1 ? 2 ? 
AA2 ? 7 ? 
# 
loop_
_struct_sheet_order.sheet_id 
_struct_sheet_order.range_id_1 
_struct_sheet_order.range_id_2 
_struct_sheet_order.offset 
_struct_sheet_order.sense 
AA1 1 2 ? anti-parallel 
AA2 1 2 ? anti-parallel 
AA2 2 3 ? anti-parallel 
AA2 3 4 ? anti-parallel 
AA2 4 5 ? anti-parallel 
AA2 5 6 ? anti-parallel 
AA2 6 7 ? anti-parallel 
# 
loop_
_struct_sheet_range.sheet_id 
_struct_sheet_range.id 
_struct_sheet_range.beg_label_comp_id 
_struct_sheet_range.beg_label_asym_id 
_struct_sheet_range.beg_label_seq_id 
_struct_sheet_range.pdbx_beg_PDB_ins_code 
_struct_sheet_range.end_label_comp_id 
_struct_sheet_range.end_label_asym_id 
_struct_sheet_range.end_label_seq_id 
_struct_sheet_range.pdbx_end_PDB_ins_code 
_struct_sheet_range.beg_auth_comp_id 
_struct_sheet_range.beg_auth_asym_id 
_struct_sheet_range.beg_auth_seq_id 
_struct_sheet_range.end_auth_comp_id 
_struct_sheet_range.end_auth_asym_id 
_struct_sheet_range.end_auth_seq_id 
AA1 1 ASN A 28  ? PHE A 29  ? ASN A 48  PHE A 49  
AA1 2 VAL A 57  ? ASN A 58  ? VAL A 77  ASN A 78  
AA2 1 TYR A 32  ? PHE A 38  ? TYR A 52  PHE A 58  
AA2 2 PHE A 45  ? LYS A 53  ? PHE A 65  LYS A 73  
AA2 3 ASP A 81  ? ASP A 93  ? ASP A 101 ASP A 113 
AA2 4 LYS A 96  ? ILE A 105 ? LYS A 116 ILE A 125 
AA2 5 VAL A 108 ? LYS A 123 ? VAL A 128 LYS A 143 
AA2 6 GLU A 129 ? LYS A 140 ? GLU A 149 LYS A 160 
AA2 7 ASP A 158 ? ASN A 168 ? ASP A 178 ASN A 188 
# 
loop_
_pdbx_struct_sheet_hbond.sheet_id 
_pdbx_struct_sheet_hbond.range_id_1 
_pdbx_struct_sheet_hbond.range_id_2 
_pdbx_struct_sheet_hbond.range_1_label_atom_id 
_pdbx_struct_sheet_hbond.range_1_label_comp_id 
_pdbx_struct_sheet_hbond.range_1_label_asym_id 
_pdbx_struct_sheet_hbond.range_1_label_seq_id 
_pdbx_struct_sheet_hbond.range_1_PDB_ins_code 
_pdbx_struct_sheet_hbond.range_1_auth_atom_id 
_pdbx_struct_sheet_hbond.range_1_auth_comp_id 
_pdbx_struct_sheet_hbond.range_1_auth_asym_id 
_pdbx_struct_sheet_hbond.range_1_auth_seq_id 
_pdbx_struct_sheet_hbond.range_2_label_atom_id 
_pdbx_struct_sheet_hbond.range_2_label_comp_id 
_pdbx_struct_sheet_hbond.range_2_label_asym_id 
_pdbx_struct_sheet_hbond.range_2_label_seq_id 
_pdbx_struct_sheet_hbond.range_2_PDB_ins_code 
_pdbx_struct_sheet_hbond.range_2_auth_atom_id 
_pdbx_struct_sheet_hbond.range_2_auth_comp_id 
_pdbx_struct_sheet_hbond.range_2_auth_asym_id 
_pdbx_struct_sheet_hbond.range_2_auth_seq_id 
AA1 1 2 N ASN A 28  ? N ASN A 48  O ASN A 58  ? O ASN A 78  
AA2 1 2 N ASP A 37  ? N ASP A 57  O LYS A 46  ? O LYS A 66  
AA2 2 3 N ILE A 52  ? N ILE A 72  O MET A 82  ? O MET A 102 
AA2 3 4 N LYS A 87  ? N LYS A 107 O THR A 100 ? O THR A 120 
AA2 4 5 N LEU A 103 ? N LEU A 123 O LYS A 110 ? O LYS A 130 
AA2 5 6 N ASP A 115 ? N ASP A 135 O ASN A 136 ? O ASN A 156 
AA2 6 7 N GLY A 137 ? N GLY A 157 O LEU A 161 ? O LEU A 181 
# 
loop_
_struct_site.id 
_struct_site.pdbx_evidence_code 
_struct_site.pdbx_auth_asym_id 
_struct_site.pdbx_auth_comp_id 
_struct_site.pdbx_auth_seq_id 
_struct_site.pdbx_auth_ins_code 
_struct_site.pdbx_num_residues 
_struct_site.details 
AC1 Software A LFA 301 ? 3 'binding site for residue LFA A 301' 
AC2 Software A SO4 302 ? 2 'binding site for residue SO4 A 302' 
AC3 Software A SO4 303 ? 7 'binding site for residue SO4 A 303' 
AC4 Software A MBO 304 ? 5 'binding site for residue MBO A 304' 
AC5 Software A MBO 305 ? 2 'binding site for residue MBO A 305' 
# 
loop_
_struct_site_gen.id 
_struct_site_gen.site_id 
_struct_site_gen.pdbx_num_res 
_struct_site_gen.label_comp_id 
_struct_site_gen.label_asym_id 
_struct_site_gen.label_seq_id 
_struct_site_gen.pdbx_auth_ins_code 
_struct_site_gen.auth_comp_id 
_struct_site_gen.auth_asym_id 
_struct_site_gen.auth_seq_id 
_struct_site_gen.label_atom_id 
_struct_site_gen.label_alt_id 
_struct_site_gen.symmetry 
_struct_site_gen.details 
1  AC1 3 PHE A 15  ? PHE A 35  . ? 9_556 ? 
2  AC1 3 ARG A 64  ? ARG A 84  . ? 1_555 ? 
3  AC1 3 MET A 82  ? MET A 102 . ? 1_555 ? 
4  AC2 2 LYS A 110 ? LYS A 130 . ? 1_555 ? 
5  AC2 2 ASP A 111 ? ASP A 131 . ? 1_555 ? 
6  AC3 7 SER A 149 ? SER A 169 . ? 4_545 ? 
7  AC3 7 THR A 150 ? THR A 170 . ? 4_545 ? 
8  AC3 7 THR A 150 ? THR A 170 . ? 1_555 ? 
9  AC3 7 SER A 151 ? SER A 171 . ? 1_555 ? 
10 AC3 7 SER A 151 ? SER A 171 . ? 4_545 ? 
11 AC3 7 THR A 154 ? THR A 174 . ? 4_545 ? 
12 AC3 7 THR A 154 ? THR A 174 . ? 1_555 ? 
13 AC4 5 ASN A 136 ? ASN A 156 . ? 1_555 ? 
14 AC4 5 GLY A 137 ? GLY A 157 . ? 1_555 ? 
15 AC4 5 ASN A 160 ? ASN A 180 . ? 1_555 ? 
16 AC4 5 LEU A 161 ? LEU A 181 . ? 1_555 ? 
17 AC4 5 CYS A 162 ? CYS A 182 . ? 1_555 ? 
18 AC5 2 ASN A 136 ? ASN A 156 . ? 1_555 ? 
19 AC5 2 CYS A 162 ? CYS A 182 . ? 1_555 ? 
# 
_atom_sites.entry_id                    5W3B 
_atom_sites.fract_transf_matrix[1][1]   -0.00504437 
_atom_sites.fract_transf_matrix[1][2]   -0.00361944 
_atom_sites.fract_transf_matrix[1][3]   0.00174367 
_atom_sites.fract_transf_matrix[2][1]   -0.00470432 
_atom_sites.fract_transf_matrix[2][2]   -0.00122759 
_atom_sites.fract_transf_matrix[2][3]   -0.00423545 
_atom_sites.fract_transf_matrix[3][1]   0.00957836 
_atom_sites.fract_transf_matrix[3][2]   -0.01621095 
_atom_sites.fract_transf_matrix[3][3]   -0.00594016 
_atom_sites.fract_transf_vector[1]      -0.118369 
_atom_sites.fract_transf_vector[2]      -0.500588 
_atom_sites.fract_transf_vector[3]      0.322876 
# 
loop_
_atom_type.symbol 
C  
HG 
N  
O  
S  
# 
loop_
_atom_site.group_PDB 
_atom_site.id 
_atom_site.type_symbol 
_atom_site.label_atom_id 
_atom_site.label_alt_id 
_atom_site.label_comp_id 
_atom_site.label_asym_id 
_atom_site.label_entity_id 
_atom_site.label_seq_id 
_atom_site.pdbx_PDB_ins_code 
_atom_site.Cartn_x 
_atom_site.Cartn_y 
_atom_site.Cartn_z 
_atom_site.occupancy 
_atom_site.B_iso_or_equiv 
_atom_site.pdbx_formal_charge 
_atom_site.auth_seq_id 
_atom_site.auth_comp_id 
_atom_site.auth_asym_id 
_atom_site.auth_atom_id 
_atom_site.pdbx_PDB_model_num 
ATOM   1    N  N   . MET A 1 1   ? -40.996 -54.901 9.329   1.00 81.08  ? 21  MET A N   1 
ATOM   2    C  CA  . MET A 1 1   ? -40.114 -54.017 8.511   1.00 89.57  ? 21  MET A CA  1 
ATOM   3    C  C   . MET A 1 1   ? -40.384 -54.097 6.984   1.00 79.50  ? 21  MET A C   1 
ATOM   4    O  O   . MET A 1 1   ? -41.380 -54.628 6.564   1.00 75.48  ? 21  MET A O   1 
ATOM   5    C  CB  . MET A 1 1   ? -38.620 -54.174 8.908   1.00 97.59  ? 21  MET A CB  1 
ATOM   6    C  CG  . MET A 1 1   ? -37.993 -55.544 8.679   1.00 105.63 ? 21  MET A CG  1 
ATOM   7    S  SD  . MET A 1 1   ? -37.418 -55.795 6.977   1.00 132.30 ? 21  MET A SD  1 
ATOM   8    C  CE  . MET A 1 1   ? -37.241 -57.589 6.885   1.00 118.05 ? 21  MET A CE  1 
ATOM   9    N  N   . LYS A 1 2   ? -39.495 -53.536 6.177   1.00 79.50  ? 22  LYS A N   1 
ATOM   10   C  CA  . LYS A 1 2   ? -39.688 -53.367 4.745   1.00 77.54  ? 22  LYS A CA  1 
ATOM   11   C  C   . LYS A 1 2   ? -38.371 -52.821 4.223   1.00 82.43  ? 22  LYS A C   1 
ATOM   12   O  O   . LYS A 1 2   ? -37.684 -52.068 4.912   1.00 102.38 ? 22  LYS A O   1 
ATOM   13   C  CB  . LYS A 1 2   ? -40.804 -52.370 4.450   1.00 75.90  ? 22  LYS A CB  1 
ATOM   14   C  CG  . LYS A 1 2   ? -41.988 -52.943 3.717   1.00 84.89  ? 22  LYS A CG  1 
ATOM   15   C  CD  . LYS A 1 2   ? -43.269 -52.243 4.168   1.00 101.62 ? 22  LYS A CD  1 
ATOM   16   C  CE  . LYS A 1 2   ? -44.449 -52.421 3.208   1.00 104.49 ? 22  LYS A CE  1 
ATOM   17   N  NZ  . LYS A 1 2   ? -44.916 -53.831 3.040   1.00 100.07 ? 22  LYS A NZ  1 
ATOM   18   N  N   . GLU A 1 3   ? -38.034 -53.182 2.995   1.00 78.20  ? 23  GLU A N   1 
ATOM   19   C  CA  . GLU A 1 3   ? -36.713 -52.946 2.463   1.00 74.07  ? 23  GLU A CA  1 
ATOM   20   C  C   . GLU A 1 3   ? -36.790 -51.908 1.389   1.00 75.27  ? 23  GLU A C   1 
ATOM   21   O  O   . GLU A 1 3   ? -37.707 -51.932 0.550   1.00 79.69  ? 23  GLU A O   1 
ATOM   22   C  CB  . GLU A 1 3   ? -36.135 -54.237 1.910   1.00 84.44  ? 23  GLU A CB  1 
ATOM   23   C  CG  . GLU A 1 3   ? -36.160 -55.370 2.930   1.00 95.41  ? 23  GLU A CG  1 
ATOM   24   C  CD  . GLU A 1 3   ? -35.533 -56.642 2.419   1.00 99.70  ? 23  GLU A CD  1 
ATOM   25   O  OE1 . GLU A 1 3   ? -35.830 -57.717 3.002   1.00 92.25  ? 23  GLU A OE1 1 
ATOM   26   O  OE2 . GLU A 1 3   ? -34.743 -56.550 1.446   1.00 107.34 ? 23  GLU A OE2 1 
ATOM   27   N  N   . TYR A 1 4   ? -35.843 -50.977 1.425   1.00 66.32  ? 24  TYR A N   1 
ATOM   28   C  CA  . TYR A 1 4   ? -35.842 -49.891 0.452   1.00 67.63  ? 24  TYR A CA  1 
ATOM   29   C  C   . TYR A 1 4   ? -34.539 -49.865 -0.341  1.00 67.19  ? 24  TYR A C   1 
ATOM   30   O  O   . TYR A 1 4   ? -33.595 -50.556 0.026   1.00 66.38  ? 24  TYR A O   1 
ATOM   31   C  CB  . TYR A 1 4   ? -36.087 -48.565 1.149   1.00 63.61  ? 24  TYR A CB  1 
ATOM   32   C  CG  . TYR A 1 4   ? -37.396 -48.468 1.910   1.00 64.71  ? 24  TYR A CG  1 
ATOM   33   C  CD1 . TYR A 1 4   ? -37.660 -49.271 3.069   1.00 62.33  ? 24  TYR A CD1 1 
ATOM   34   C  CD2 . TYR A 1 4   ? -38.370 -47.533 1.513   1.00 63.62  ? 24  TYR A CD2 1 
ATOM   35   C  CE1 . TYR A 1 4   ? -38.872 -49.160 3.780   1.00 63.20  ? 24  TYR A CE1 1 
ATOM   36   C  CE2 . TYR A 1 4   ? -39.571 -47.393 2.232   1.00 69.88  ? 24  TYR A CE2 1 
ATOM   37   C  CZ  . TYR A 1 4   ? -39.828 -48.199 3.357   1.00 68.87  ? 24  TYR A CZ  1 
ATOM   38   O  OH  . TYR A 1 4   ? -41.034 -48.016 4.017   1.00 70.30  ? 24  TYR A OH  1 
ATOM   39   N  N   . THR A 1 5   ? -34.512 -49.099 -1.431  1.00 61.96  ? 25  THR A N   1 
ATOM   40   C  CA  . THR A 1 5   ? -33.327 -48.950 -2.248  1.00 71.71  ? 25  THR A CA  1 
ATOM   41   C  C   . THR A 1 5   ? -33.248 -47.495 -2.578  1.00 70.98  ? 25  THR A C   1 
ATOM   42   O  O   . THR A 1 5   ? -34.208 -46.915 -3.096  1.00 73.58  ? 25  THR A O   1 
ATOM   43   C  CB  . THR A 1 5   ? -33.386 -49.766 -3.575  1.00 79.06  ? 25  THR A CB  1 
ATOM   44   O  OG1 . THR A 1 5   ? -33.565 -51.153 -3.277  1.00 92.52  ? 25  THR A OG1 1 
ATOM   45   C  CG2 . THR A 1 5   ? -32.066 -49.630 -4.394  1.00 84.84  ? 25  THR A CG2 1 
ATOM   46   N  N   . LEU A 1 6   ? -32.090 -46.911 -2.311  1.00 70.94  ? 26  LEU A N   1 
ATOM   47   C  CA  . LEU A 1 6   ? -31.891 -45.476 -2.529  1.00 78.88  ? 26  LEU A CA  1 
ATOM   48   C  C   . LEU A 1 6   ? -32.310 -45.089 -3.938  1.00 76.90  ? 26  LEU A C   1 
ATOM   49   O  O   . LEU A 1 6   ? -32.189 -45.885 -4.851  1.00 92.90  ? 26  LEU A O   1 
ATOM   50   C  CB  . LEU A 1 6   ? -30.427 -45.088 -2.314  1.00 75.52  ? 26  LEU A CB  1 
ATOM   51   C  CG  . LEU A 1 6   ? -29.694 -45.563 -1.071  1.00 72.21  ? 26  LEU A CG  1 
ATOM   52   C  CD1 . LEU A 1 6   ? -28.972 -46.875 -1.332  1.00 84.23  ? 26  LEU A CD1 1 
ATOM   53   C  CD2 . LEU A 1 6   ? -28.696 -44.487 -0.783  1.00 75.70  ? 26  LEU A CD2 1 
ATOM   54   N  N   . ASP A 1 7   ? -32.854 -43.897 -4.104  1.00 74.28  ? 27  ASP A N   1 
ATOM   55   C  CA  . ASP A 1 7   ? -32.972 -43.307 -5.414  1.00 73.78  ? 27  ASP A CA  1 
ATOM   56   C  C   . ASP A 1 7   ? -31.725 -42.450 -5.469  1.00 75.23  ? 27  ASP A C   1 
ATOM   57   O  O   . ASP A 1 7   ? -31.739 -41.299 -5.033  1.00 80.29  ? 27  ASP A O   1 
ATOM   58   C  CB  . ASP A 1 7   ? -34.285 -42.495 -5.555  1.00 80.53  ? 27  ASP A CB  1 
ATOM   59   C  CG  . ASP A 1 7   ? -34.335 -41.579 -6.826  1.00 93.03  ? 27  ASP A CG  1 
ATOM   60   O  OD1 . ASP A 1 7   ? -33.414 -41.602 -7.701  1.00 91.56  ? 27  ASP A OD1 1 
ATOM   61   O  OD2 . ASP A 1 7   ? -35.328 -40.811 -6.939  1.00 90.33  ? 27  ASP A OD2 1 
ATOM   62   N  N   . LYS A 1 8   ? -30.633 -43.021 -5.983  1.00 81.80  ? 28  LYS A N   1 
ATOM   63   C  CA  . LYS A 1 8   ? -29.337 -42.310 -6.096  1.00 76.54  ? 28  LYS A CA  1 
ATOM   64   C  C   . LYS A 1 8   ? -29.472 -40.902 -6.696  1.00 77.49  ? 28  LYS A C   1 
ATOM   65   O  O   . LYS A 1 8   ? -28.703 -40.004 -6.342  1.00 84.80  ? 28  LYS A O   1 
ATOM   66   C  CB  . LYS A 1 8   ? -28.274 -43.134 -6.854  1.00 70.86  ? 28  LYS A CB  1 
ATOM   67   C  CG  . LYS A 1 8   ? -27.567 -44.252 -6.066  1.00 73.23  ? 28  LYS A CG  1 
ATOM   68   C  CD  . LYS A 1 8   ? -26.075 -44.347 -6.446  1.00 95.22  ? 28  LYS A CD  1 
ATOM   69   C  CE  . LYS A 1 8   ? -25.532 -45.761 -6.685  1.00 92.34  ? 28  LYS A CE  1 
ATOM   70   N  NZ  . LYS A 1 8   ? -25.786 -46.702 -5.556  1.00 79.54  ? 28  LYS A NZ  1 
ATOM   71   N  N   . ALA A 1 9   ? -30.469 -40.712 -7.562  1.00 79.82  ? 29  ALA A N   1 
ATOM   72   C  CA  . ALA A 1 9   ? -30.718 -39.425 -8.220  1.00 82.64  ? 29  ALA A CA  1 
ATOM   73   C  C   . ALA A 1 9   ? -31.290 -38.315 -7.294  1.00 82.84  ? 29  ALA A C   1 
ATOM   74   O  O   . ALA A 1 9   ? -31.187 -37.133 -7.609  1.00 75.22  ? 29  ALA A O   1 
ATOM   75   C  CB  . ALA A 1 9   ? -31.607 -39.642 -9.433  1.00 84.61  ? 29  ALA A CB  1 
ATOM   76   N  N   . HIS A 1 10  ? -31.892 -38.699 -6.167  1.00 89.04  ? 30  HIS A N   1 
ATOM   77   C  CA  . HIS A 1 10  ? -32.427 -37.747 -5.164  1.00 95.90  ? 30  HIS A CA  1 
ATOM   78   C  C   . HIS A 1 10  ? -31.914 -38.045 -3.728  1.00 93.50  ? 30  HIS A C   1 
ATOM   79   O  O   . HIS A 1 10  ? -32.638 -37.898 -2.729  1.00 92.23  ? 30  HIS A O   1 
ATOM   80   C  CB  . HIS A 1 10  ? -33.962 -37.742 -5.213  1.00 103.27 ? 30  HIS A CB  1 
ATOM   81   C  CG  . HIS A 1 10  ? -34.526 -37.101 -6.440  1.00 112.31 ? 30  HIS A CG  1 
ATOM   82   N  ND1 . HIS A 1 10  ? -35.109 -37.830 -7.461  1.00 104.93 ? 30  HIS A ND1 1 
ATOM   83   C  CD2 . HIS A 1 10  ? -34.607 -35.798 -6.808  1.00 111.91 ? 30  HIS A CD2 1 
ATOM   84   C  CE1 . HIS A 1 10  ? -35.525 -37.002 -8.403  1.00 115.23 ? 30  HIS A CE1 1 
ATOM   85   N  NE2 . HIS A 1 10  ? -35.231 -35.766 -8.033  1.00 122.36 ? 30  HIS A NE2 1 
ATOM   86   N  N   . THR A 1 11  ? -30.664 -38.498 -3.660  1.00 84.96  ? 31  THR A N   1 
ATOM   87   C  CA  . THR A 1 11  ? -29.954 -38.827 -2.428  1.00 69.21  ? 31  THR A CA  1 
ATOM   88   C  C   . THR A 1 11  ? -28.609 -38.127 -2.519  1.00 68.10  ? 31  THR A C   1 
ATOM   89   O  O   . THR A 1 11  ? -27.998 -38.085 -3.587  1.00 72.90  ? 31  THR A O   1 
ATOM   90   C  CB  . THR A 1 11  ? -29.804 -40.355 -2.250  1.00 63.80  ? 31  THR A CB  1 
ATOM   91   O  OG1 . THR A 1 11  ? -31.090 -40.928 -2.012  1.00 60.96  ? 31  THR A OG1 1 
ATOM   92   C  CG2 . THR A 1 11  ? -28.935 -40.705 -1.085  1.00 63.05  ? 31  THR A CG2 1 
ATOM   93   N  N   . ASP A 1 12  ? -28.186 -37.531 -1.407  1.00 70.86  ? 32  ASP A N   1 
ATOM   94   C  CA  . ASP A 1 12  ? -26.912 -36.842 -1.322  1.00 69.50  ? 32  ASP A CA  1 
ATOM   95   C  C   . ASP A 1 12  ? -26.160 -37.338 -0.075  1.00 69.29  ? 32  ASP A C   1 
ATOM   96   O  O   . ASP A 1 12  ? -26.662 -37.169 1.041   1.00 71.00  ? 32  ASP A O   1 
ATOM   97   C  CB  . ASP A 1 12  ? -27.168 -35.342 -1.274  1.00 66.30  ? 32  ASP A CB  1 
ATOM   98   C  CG  . ASP A 1 12  ? -25.907 -34.518 -1.525  1.00 81.13  ? 32  ASP A CG  1 
ATOM   99   O  OD1 . ASP A 1 12  ? -25.526 -34.418 -2.707  1.00 91.34  ? 32  ASP A OD1 1 
ATOM   100  O  OD2 . ASP A 1 12  ? -25.303 -33.958 -0.567  1.00 83.08  ? 32  ASP A OD2 1 
ATOM   101  N  N   . VAL A 1 13  ? -24.996 -37.975 -0.248  1.00 62.24  ? 33  VAL A N   1 
ATOM   102  C  CA  . VAL A 1 13  ? -24.230 -38.436 0.916   1.00 57.41  ? 33  VAL A CA  1 
ATOM   103  C  C   . VAL A 1 13  ? -23.192 -37.374 1.117   1.00 63.09  ? 33  VAL A C   1 
ATOM   104  O  O   . VAL A 1 13  ? -22.110 -37.450 0.549   1.00 79.39  ? 33  VAL A O   1 
ATOM   105  C  CB  . VAL A 1 13  ? -23.618 -39.830 0.694   1.00 54.36  ? 33  VAL A CB  1 
ATOM   106  C  CG1 . VAL A 1 13  ? -22.959 -40.360 1.948   1.00 48.46  ? 33  VAL A CG1 1 
ATOM   107  C  CG2 . VAL A 1 13  ? -24.705 -40.798 0.275   1.00 51.98  ? 33  VAL A CG2 1 
ATOM   108  N  N   . GLY A 1 14  ? -23.553 -36.351 1.889   1.00 70.87  ? 34  GLY A N   1 
ATOM   109  C  CA  . GLY A 1 14  ? -22.781 -35.097 1.971   1.00 70.55  ? 34  GLY A CA  1 
ATOM   110  C  C   . GLY A 1 14  ? -22.113 -34.777 3.304   1.00 71.09  ? 34  GLY A C   1 
ATOM   111  O  O   . GLY A 1 14  ? -22.457 -35.354 4.337   1.00 71.22  ? 34  GLY A O   1 
ATOM   112  N  N   . PHE A 1 15  ? -21.162 -33.840 3.268   1.00 68.64  ? 35  PHE A N   1 
ATOM   113  C  CA  . PHE A 1 15  ? -20.373 -33.399 4.434   1.00 60.68  ? 35  PHE A CA  1 
ATOM   114  C  C   . PHE A 1 15  ? -19.966 -31.924 4.284   1.00 62.32  ? 35  PHE A C   1 
ATOM   115  O  O   . PHE A 1 15  ? -19.918 -31.416 3.158   1.00 64.83  ? 35  PHE A O   1 
ATOM   116  C  CB  . PHE A 1 15  ? -19.136 -34.277 4.591   1.00 65.92  ? 35  PHE A CB  1 
ATOM   117  C  CG  . PHE A 1 15  ? -18.175 -34.182 3.440   1.00 69.87  ? 35  PHE A CG  1 
ATOM   118  C  CD1 . PHE A 1 15  ? -18.333 -34.973 2.317   1.00 72.29  ? 35  PHE A CD1 1 
ATOM   119  C  CD2 . PHE A 1 15  ? -17.117 -33.284 3.474   1.00 73.52  ? 35  PHE A CD2 1 
ATOM   120  C  CE1 . PHE A 1 15  ? -17.459 -34.870 1.251   1.00 73.44  ? 35  PHE A CE1 1 
ATOM   121  C  CE2 . PHE A 1 15  ? -16.243 -33.175 2.409   1.00 73.57  ? 35  PHE A CE2 1 
ATOM   122  C  CZ  . PHE A 1 15  ? -16.416 -33.970 1.298   1.00 70.70  ? 35  PHE A CZ  1 
ATOM   123  N  N   . LYS A 1 16  ? -19.700 -31.241 5.407   1.00 62.92  ? 36  LYS A N   1 
ATOM   124  C  CA  . LYS A 1 16  ? -19.268 -29.824 5.444   1.00 57.68  ? 36  LYS A CA  1 
ATOM   125  C  C   . LYS A 1 16  ? -18.153 -29.764 6.445   1.00 55.57  ? 36  LYS A C   1 
ATOM   126  O  O   . LYS A 1 16  ? -18.302 -30.290 7.552   1.00 54.40  ? 36  LYS A O   1 
ATOM   127  C  CB  . LYS A 1 16  ? -20.387 -28.874 5.899   1.00 62.88  ? 36  LYS A CB  1 
ATOM   128  C  CG  . LYS A 1 16  ? -21.386 -28.496 4.821   1.00 79.75  ? 36  LYS A CG  1 
ATOM   129  C  CD  . LYS A 1 16  ? -22.597 -27.740 5.369   1.00 101.76 ? 36  LYS A CD  1 
ATOM   130  C  CE  . LYS A 1 16  ? -23.848 -28.002 4.516   1.00 118.75 ? 36  LYS A CE  1 
ATOM   131  N  NZ  . LYS A 1 16  ? -25.063 -27.225 4.913   1.00 121.45 ? 36  LYS A NZ  1 
ATOM   132  N  N   . ILE A 1 17  ? -17.032 -29.156 6.067   1.00 50.95  ? 37  ILE A N   1 
ATOM   133  C  CA  . ILE A 1 17  ? -15.929 -28.938 7.017   1.00 51.31  ? 37  ILE A CA  1 
ATOM   134  C  C   . ILE A 1 17  ? -15.324 -27.544 6.830   1.00 57.52  ? 37  ILE A C   1 
ATOM   135  O  O   . ILE A 1 17  ? -15.134 -27.074 5.689   1.00 55.61  ? 37  ILE A O   1 
ATOM   136  C  CB  . ILE A 1 17  ? -14.858 -30.054 6.941   1.00 49.57  ? 37  ILE A CB  1 
ATOM   137  C  CG1 . ILE A 1 17  ? -13.814 -29.869 8.020   1.00 48.22  ? 37  ILE A CG1 1 
ATOM   138  C  CG2 . ILE A 1 17  ? -14.227 -30.198 5.546   1.00 47.49  ? 37  ILE A CG2 1 
ATOM   139  C  CD1 . ILE A 1 17  ? -12.898 -31.054 8.088   1.00 53.60  ? 37  ILE A CD1 1 
ATOM   140  N  N   . LYS A 1 18  ? -15.047 -26.879 7.946   1.00 60.01  ? 38  LYS A N   1 
ATOM   141  C  CA  . LYS A 1 18  ? -14.598 -25.495 7.890   1.00 61.52  ? 38  LYS A CA  1 
ATOM   142  C  C   . LYS A 1 18  ? -13.067 -25.472 7.696   1.00 66.38  ? 38  LYS A C   1 
ATOM   143  O  O   . LYS A 1 18  ? -12.343 -26.185 8.409   1.00 69.34  ? 38  LYS A O   1 
ATOM   144  C  CB  . LYS A 1 18  ? -15.055 -24.740 9.172   1.00 67.55  ? 38  LYS A CB  1 
ATOM   145  C  CG  . LYS A 1 18  ? -16.427 -24.032 9.093   1.00 69.22  ? 38  LYS A CG  1 
ATOM   146  C  CD  . LYS A 1 18  ? -17.034 -23.721 10.476  1.00 82.69  ? 38  LYS A CD  1 
ATOM   147  C  CE  . LYS A 1 18  ? -18.431 -23.049 10.417  1.00 96.79  ? 38  LYS A CE  1 
ATOM   148  N  NZ  . LYS A 1 18  ? -19.660 -23.902 10.656  1.00 89.26  ? 38  LYS A NZ  1 
ATOM   149  N  N   . HIS A 1 19  ? -12.569 -24.699 6.721   1.00 65.17  ? 39  HIS A N   1 
ATOM   150  C  CA  . HIS A 1 19  ? -11.124 -24.347 6.707   1.00 67.47  ? 39  HIS A CA  1 
ATOM   151  C  C   . HIS A 1 19  ? -10.752 -22.875 6.509   1.00 68.60  ? 39  HIS A C   1 
ATOM   152  O  O   . HIS A 1 19  ? -11.559 -22.067 6.068   1.00 68.85  ? 39  HIS A O   1 
ATOM   153  C  CB  . HIS A 1 19  ? -10.308 -25.235 5.760   1.00 68.34  ? 39  HIS A CB  1 
ATOM   154  C  CG  . HIS A 1 19  ? -10.419 -24.875 4.308   1.00 70.77  ? 39  HIS A CG  1 
ATOM   155  N  ND1 . HIS A 1 19  ? -11.558 -24.320 3.752   1.00 67.57  ? 39  HIS A ND1 1 
ATOM   156  C  CD2 . HIS A 1 19  ? -9.540  -25.041 3.285   1.00 71.11  ? 39  HIS A CD2 1 
ATOM   157  C  CE1 . HIS A 1 19  ? -11.366 -24.123 2.459   1.00 63.42  ? 39  HIS A CE1 1 
ATOM   158  N  NE2 . HIS A 1 19  ? -10.151 -24.555 2.152   1.00 74.68  ? 39  HIS A NE2 1 
ATOM   159  N  N   . LEU A 1 20  ? -9.499  -22.573 6.839   1.00 67.02  ? 40  LEU A N   1 
ATOM   160  C  CA  . LEU A 1 20  ? -8.911  -21.264 6.644   1.00 64.18  ? 40  LEU A CA  1 
ATOM   161  C  C   . LEU A 1 20  ? -8.157  -21.178 5.336   1.00 68.22  ? 40  LEU A C   1 
ATOM   162  O  O   . LEU A 1 20  ? -7.665  -22.179 4.846   1.00 82.05  ? 40  LEU A O   1 
ATOM   163  C  CB  . LEU A 1 20  ? -7.981  -20.963 7.796   1.00 55.86  ? 40  LEU A CB  1 
ATOM   164  C  CG  . LEU A 1 20  ? -8.727  -20.920 9.132   1.00 58.76  ? 40  LEU A CG  1 
ATOM   165  C  CD1 . LEU A 1 20  ? -7.748  -20.521 10.220  1.00 54.47  ? 40  LEU A CD1 1 
ATOM   166  C  CD2 . LEU A 1 20  ? -9.923  -19.977 9.110   1.00 56.25  ? 40  LEU A CD2 1 
ATOM   167  N  N   . GLN A 1 21  ? -8.114  -19.985 4.750   1.00 76.88  ? 41  GLN A N   1 
ATOM   168  C  CA  . GLN A 1 21  ? -7.218  -19.673 3.629   1.00 73.02  ? 41  GLN A CA  1 
ATOM   169  C  C   . GLN A 1 21  ? -6.629  -18.289 3.811   1.00 76.39  ? 41  GLN A C   1 
ATOM   170  O  O   . GLN A 1 21  ? -7.337  -17.307 4.094   1.00 78.19  ? 41  GLN A O   1 
ATOM   171  C  CB  . GLN A 1 21  ? -7.933  -19.712 2.299   1.00 71.04  ? 41  GLN A CB  1 
ATOM   172  C  CG  . GLN A 1 21  ? -8.935  -20.830 2.174   1.00 85.05  ? 41  GLN A CG  1 
ATOM   173  C  CD  . GLN A 1 21  ? -9.265  -21.149 0.740   1.00 92.23  ? 41  GLN A CD  1 
ATOM   174  O  OE1 . GLN A 1 21  ? -10.414 -20.988 0.325   1.00 94.41  ? 41  GLN A OE1 1 
ATOM   175  N  NE2 . GLN A 1 21  ? -8.264  -21.614 -0.029  1.00 100.32 ? 41  GLN A NE2 1 
ATOM   176  N  N   . ILE A 1 22  ? -5.318  -18.227 3.646   1.00 75.46  ? 42  ILE A N   1 
ATOM   177  C  CA  . ILE A 1 22  ? -4.588  -16.976 3.637   1.00 69.75  ? 42  ILE A CA  1 
ATOM   178  C  C   . ILE A 1 22  ? -4.613  -16.422 2.208   1.00 67.45  ? 42  ILE A C   1 
ATOM   179  O  O   . ILE A 1 22  ? -4.494  -17.164 1.248   1.00 67.90  ? 42  ILE A O   1 
ATOM   180  C  CB  . ILE A 1 22  ? -3.179  -17.197 4.208   1.00 70.72  ? 42  ILE A CB  1 
ATOM   181  C  CG1 . ILE A 1 22  ? -2.490  -15.866 4.538   1.00 73.32  ? 42  ILE A CG1 1 
ATOM   182  C  CG2 . ILE A 1 22  ? -2.372  -18.149 3.322   1.00 74.63  ? 42  ILE A CG2 1 
ATOM   183  C  CD1 . ILE A 1 22  ? -1.472  -15.939 5.679   1.00 69.58  ? 42  ILE A CD1 1 
ATOM   184  N  N   . SER A 1 23  ? -4.872  -15.128 2.081   1.00 78.33  ? 43  SER A N   1 
ATOM   185  C  CA  . SER A 1 23  ? -4.820  -14.423 0.797   1.00 81.19  ? 43  SER A CA  1 
ATOM   186  C  C   . SER A 1 23  ? -4.250  -13.014 1.040   1.00 88.36  ? 43  SER A C   1 
ATOM   187  O  O   . SER A 1 23  ? -4.347  -12.475 2.156   1.00 85.76  ? 43  SER A O   1 
ATOM   188  C  CB  . SER A 1 23  ? -6.194  -14.394 0.100   1.00 75.39  ? 43  SER A CB  1 
ATOM   189  O  OG  . SER A 1 23  ? -7.146  -13.622 0.818   1.00 79.17  ? 43  SER A OG  1 
ATOM   190  N  N   . ASN A 1 24  ? -3.611  -12.451 0.012   1.00 95.84  ? 44  ASN A N   1 
ATOM   191  C  CA  . ASN A 1 24  ? -3.123  -11.065 0.031   1.00 87.48  ? 44  ASN A CA  1 
ATOM   192  C  C   . ASN A 1 24  ? -4.216  -10.102 -0.401  1.00 75.49  ? 44  ASN A C   1 
ATOM   193  O  O   . ASN A 1 24  ? -4.727  -10.268 -1.497  1.00 82.36  ? 44  ASN A O   1 
ATOM   194  C  CB  . ASN A 1 24  ? -1.966  -10.922 -0.965  1.00 96.35  ? 44  ASN A CB  1 
ATOM   195  C  CG  . ASN A 1 24  ? -0.613  -10.842 -0.294  1.00 112.40 ? 44  ASN A CG  1 
ATOM   196  O  OD1 . ASN A 1 24  ? -0.393  -10.041 0.626   1.00 120.01 ? 44  ASN A OD1 1 
ATOM   197  N  ND2 . ASN A 1 24  ? 0.321   -11.657 -0.775  1.00 134.85 ? 44  ASN A ND2 1 
ATOM   198  N  N   . VAL A 1 25  ? -4.583  -9.109  0.419   1.00 68.07  ? 45  VAL A N   1 
ATOM   199  C  CA  . VAL A 1 25  ? -5.309  -7.934  -0.120  1.00 69.16  ? 45  VAL A CA  1 
ATOM   200  C  C   . VAL A 1 25  ? -4.285  -7.005  -0.805  1.00 76.52  ? 45  VAL A C   1 
ATOM   201  O  O   . VAL A 1 25  ? -3.324  -6.534  -0.150  1.00 80.79  ? 45  VAL A O   1 
ATOM   202  C  CB  . VAL A 1 25  ? -6.084  -7.132  0.945   1.00 67.05  ? 45  VAL A CB  1 
ATOM   203  C  CG1 . VAL A 1 25  ? -6.939  -6.059  0.276   1.00 66.07  ? 45  VAL A CG1 1 
ATOM   204  C  CG2 . VAL A 1 25  ? -6.970  -8.041  1.759   1.00 64.58  ? 45  VAL A CG2 1 
ATOM   205  N  N   . LYS A 1 26  ? -4.469  -6.792  -2.115  1.00 66.72  ? 46  LYS A N   1 
ATOM   206  C  CA  . LYS A 1 26  ? -3.691  -5.819  -2.902  1.00 66.49  ? 46  LYS A CA  1 
ATOM   207  C  C   . LYS A 1 26  ? -4.597  -4.577  -3.146  1.00 71.01  ? 46  LYS A C   1 
ATOM   208  O  O   . LYS A 1 26  ? -5.817  -4.699  -3.237  1.00 82.78  ? 46  LYS A O   1 
ATOM   209  C  CB  . LYS A 1 26  ? -3.130  -6.455  -4.200  1.00 53.75  ? 46  LYS A CB  1 
ATOM   210  N  N   . GLY A 1 27  ? -4.019  -3.382  -3.174  1.00 71.63  ? 47  GLY A N   1 
ATOM   211  C  CA  . GLY A 1 27  ? -4.794  -2.161  -3.364  1.00 65.63  ? 47  GLY A CA  1 
ATOM   212  C  C   . GLY A 1 27  ? -3.886  -1.015  -3.704  1.00 68.02  ? 47  GLY A C   1 
ATOM   213  O  O   . GLY A 1 27  ? -2.674  -1.116  -3.519  1.00 71.84  ? 47  GLY A O   1 
ATOM   214  N  N   . ASN A 1 28  ? -4.468  0.066   -4.223  1.00 72.16  ? 48  ASN A N   1 
ATOM   215  C  CA  . ASN A 1 28  ? -3.767  1.369   -4.408  1.00 68.73  ? 48  ASN A CA  1 
ATOM   216  C  C   . ASN A 1 28  ? -4.693  2.514   -4.010  1.00 68.35  ? 48  ASN A C   1 
ATOM   217  O  O   . ASN A 1 28  ? -5.799  2.288   -3.466  1.00 64.95  ? 48  ASN A O   1 
ATOM   218  C  CB  . ASN A 1 28  ? -3.353  1.564   -5.861  1.00 66.15  ? 48  ASN A CB  1 
ATOM   219  C  CG  . ASN A 1 28  ? -4.474  1.232   -6.822  1.00 70.37  ? 48  ASN A CG  1 
ATOM   220  O  OD1 . ASN A 1 28  ? -5.647  1.211   -6.454  1.00 75.60  ? 48  ASN A OD1 1 
ATOM   221  N  ND2 . ASN A 1 28  ? -4.118  0.936   -8.051  1.00 79.22  ? 48  ASN A ND2 1 
ATOM   222  N  N   . PHE A 1 29  ? -4.258  3.736   -4.295  1.00 63.47  ? 49  PHE A N   1 
ATOM   223  C  CA  . PHE A 1 29  ? -5.135  4.879   -4.118  1.00 66.27  ? 49  PHE A CA  1 
ATOM   224  C  C   . PHE A 1 29  ? -5.213  5.628   -5.450  1.00 75.12  ? 49  PHE A C   1 
ATOM   225  O  O   . PHE A 1 29  ? -4.150  5.930   -6.026  1.00 73.10  ? 49  PHE A O   1 
ATOM   226  C  CB  . PHE A 1 29  ? -4.613  5.775   -3.005  1.00 62.43  ? 49  PHE A CB  1 
ATOM   227  C  CG  . PHE A 1 29  ? -4.536  5.106   -1.659  1.00 64.64  ? 49  PHE A CG  1 
ATOM   228  C  CD1 . PHE A 1 29  ? -3.429  4.343   -1.295  1.00 66.59  ? 49  PHE A CD1 1 
ATOM   229  C  CD2 . PHE A 1 29  ? -5.550  5.273   -0.721  1.00 65.67  ? 49  PHE A CD2 1 
ATOM   230  C  CE1 . PHE A 1 29  ? -3.357  3.739   -0.034  1.00 66.46  ? 49  PHE A CE1 1 
ATOM   231  C  CE2 . PHE A 1 29  ? -5.471  4.678   0.544   1.00 61.15  ? 49  PHE A CE2 1 
ATOM   232  C  CZ  . PHE A 1 29  ? -4.377  3.911   0.884   1.00 62.38  ? 49  PHE A CZ  1 
ATOM   233  N  N   . LYS A 1 30  ? -6.449  5.889   -5.937  1.00 77.47  ? 50  LYS A N   1 
ATOM   234  C  CA  . LYS A 1 30  ? -6.709  6.604   -7.225  1.00 82.12  ? 50  LYS A CA  1 
ATOM   235  C  C   . LYS A 1 30  ? -6.239  8.072   -7.155  1.00 85.06  ? 50  LYS A C   1 
ATOM   236  O  O   . LYS A 1 30  ? -5.769  8.651   -8.151  1.00 82.10  ? 50  LYS A O   1 
ATOM   237  C  CB  . LYS A 1 30  ? -8.190  6.500   -7.680  1.00 72.65  ? 50  LYS A CB  1 
ATOM   238  N  N   . ASP A 1 31  ? -6.285  8.635   -5.949  1.00 81.66  ? 51  ASP A N   1 
ATOM   239  C  CA  . ASP A 1 31  ? -6.114  10.059  -5.768  1.00 85.61  ? 51  ASP A CA  1 
ATOM   240  C  C   . ASP A 1 31  ? -5.067  10.507  -4.707  1.00 73.34  ? 51  ASP A C   1 
ATOM   241  O  O   . ASP A 1 31  ? -5.242  10.308  -3.494  1.00 78.40  ? 51  ASP A O   1 
ATOM   242  C  CB  . ASP A 1 31  ? -7.511  10.618  -5.487  1.00 102.80 ? 51  ASP A CB  1 
ATOM   243  C  CG  . ASP A 1 31  ? -7.564  12.103  -5.504  1.00 115.88 ? 51  ASP A CG  1 
ATOM   244  O  OD1 . ASP A 1 31  ? -6.673  12.747  -6.123  1.00 124.93 ? 51  ASP A OD1 1 
ATOM   245  O  OD2 . ASP A 1 31  ? -8.525  12.610  -4.885  1.00 123.61 ? 51  ASP A OD2 1 
ATOM   246  N  N   . TYR A 1 32  ? -4.001  11.141  -5.182  1.00 60.07  ? 52  TYR A N   1 
ATOM   247  C  CA  . TYR A 1 32  ? -2.862  11.520  -4.332  1.00 61.36  ? 52  TYR A CA  1 
ATOM   248  C  C   . TYR A 1 32  ? -2.084  12.657  -4.983  1.00 65.01  ? 52  TYR A C   1 
ATOM   249  O  O   . TYR A 1 32  ? -2.129  12.857  -6.199  1.00 60.81  ? 52  TYR A O   1 
ATOM   250  C  CB  . TYR A 1 32  ? -1.885  10.330  -4.144  1.00 64.42  ? 52  TYR A CB  1 
ATOM   251  C  CG  . TYR A 1 32  ? -1.471  9.682   -5.471  1.00 61.13  ? 52  TYR A CG  1 
ATOM   252  C  CD1 . TYR A 1 32  ? -2.273  8.688   -6.051  1.00 64.69  ? 52  TYR A CD1 1 
ATOM   253  C  CD2 . TYR A 1 32  ? -0.313  10.082  -6.166  1.00 57.26  ? 52  TYR A CD2 1 
ATOM   254  C  CE1 . TYR A 1 32  ? -1.950  8.103   -7.270  1.00 65.98  ? 52  TYR A CE1 1 
ATOM   255  C  CE2 . TYR A 1 32  ? 0.011   9.505   -7.397  1.00 58.38  ? 52  TYR A CE2 1 
ATOM   256  C  CZ  . TYR A 1 32  ? -0.815  8.510   -7.938  1.00 65.00  ? 52  TYR A CZ  1 
ATOM   257  O  OH  . TYR A 1 32  ? -0.557  7.888   -9.143  1.00 72.56  ? 52  TYR A OH  1 
ATOM   258  N  N   . SER A 1 33  ? -1.324  13.368  -4.174  1.00 69.18  ? 53  SER A N   1 
ATOM   259  C  CA  . SER A 1 33  ? -0.450  14.414  -4.655  1.00 78.01  ? 53  SER A CA  1 
ATOM   260  C  C   . SER A 1 33  ? 0.997   14.128  -4.226  1.00 82.27  ? 53  SER A C   1 
ATOM   261  O  O   . SER A 1 33  ? 1.227   13.627  -3.123  1.00 87.93  ? 53  SER A O   1 
ATOM   262  C  CB  . SER A 1 33  ? -0.919  15.734  -4.045  1.00 78.81  ? 53  SER A CB  1 
ATOM   263  O  OG  . SER A 1 33  ? 0.159   16.678  -3.963  1.00 99.65  ? 53  SER A OG  1 
ATOM   264  N  N   . ALA A 1 34  ? 1.972   14.459  -5.068  1.00 78.00  ? 54  ALA A N   1 
ATOM   265  C  CA  . ALA A 1 34  ? 3.367   14.466  -4.607  1.00 73.56  ? 54  ALA A CA  1 
ATOM   266  C  C   . ALA A 1 34  ? 4.208   15.605  -5.146  1.00 70.03  ? 54  ALA A C   1 
ATOM   267  O  O   . ALA A 1 34  ? 3.978   16.063  -6.268  1.00 75.27  ? 54  ALA A O   1 
ATOM   268  C  CB  . ALA A 1 34  ? 4.050   13.134  -4.908  1.00 72.26  ? 54  ALA A CB  1 
ATOM   269  N  N   . VAL A 1 35  ? 5.189   16.010  -4.332  1.00 66.85  ? 55  VAL A N   1 
ATOM   270  C  CA  . VAL A 1 35  ? 6.331   16.891  -4.677  1.00 66.77  ? 55  VAL A CA  1 
ATOM   271  C  C   . VAL A 1 35  ? 7.654   16.087  -4.752  1.00 69.16  ? 55  VAL A C   1 
ATOM   272  O  O   . VAL A 1 35  ? 8.116   15.506  -3.766  1.00 74.70  ? 55  VAL A O   1 
ATOM   273  C  CB  . VAL A 1 35  ? 6.474   18.019  -3.624  1.00 67.58  ? 55  VAL A CB  1 
ATOM   274  C  CG1 . VAL A 1 35  ? 7.655   18.938  -3.900  1.00 64.33  ? 55  VAL A CG1 1 
ATOM   275  C  CG2 . VAL A 1 35  ? 5.182   18.807  -3.526  1.00 70.14  ? 55  VAL A CG2 1 
ATOM   276  N  N   . ILE A 1 36  ? 8.266   16.061  -5.929  1.00 68.85  ? 56  ILE A N   1 
ATOM   277  C  CA  . ILE A 1 36  ? 9.466   15.257  -6.152  1.00 64.09  ? 56  ILE A CA  1 
ATOM   278  C  C   . ILE A 1 36  ? 10.682  16.086  -6.642  1.00 66.58  ? 56  ILE A C   1 
ATOM   279  O  O   . ILE A 1 36  ? 10.685  16.609  -7.763  1.00 73.07  ? 56  ILE A O   1 
ATOM   280  C  CB  . ILE A 1 36  ? 9.155   14.099  -7.119  1.00 59.33  ? 56  ILE A CB  1 
ATOM   281  C  CG1 . ILE A 1 36  ? 7.830   13.426  -6.747  1.00 53.67  ? 56  ILE A CG1 1 
ATOM   282  C  CG2 . ILE A 1 36  ? 10.293  13.093  -7.092  1.00 61.51  ? 56  ILE A CG2 1 
ATOM   283  C  CD1 . ILE A 1 36  ? 7.282   12.482  -7.804  1.00 55.41  ? 56  ILE A CD1 1 
ATOM   284  N  N   . ASP A 1 37  ? 11.696  16.197  -5.779  1.00 67.18  ? 57  ASP A N   1 
ATOM   285  C  CA  . ASP A 1 37  ? 12.992  16.823  -6.083  1.00 68.06  ? 57  ASP A CA  1 
ATOM   286  C  C   . ASP A 1 37  ? 14.106  15.807  -6.128  1.00 75.48  ? 57  ASP A C   1 
ATOM   287  O  O   . ASP A 1 37  ? 14.444  15.191  -5.096  1.00 76.95  ? 57  ASP A O   1 
ATOM   288  C  CB  . ASP A 1 37  ? 13.391  17.829  -5.016  1.00 65.72  ? 57  ASP A CB  1 
ATOM   289  C  CG  . ASP A 1 37  ? 12.591  19.118  -5.083  1.00 75.99  ? 57  ASP A CG  1 
ATOM   290  O  OD1 . ASP A 1 37  ? 11.626  19.230  -5.915  1.00 66.31  ? 57  ASP A OD1 1 
ATOM   291  O  OD2 . ASP A 1 37  ? 12.957  20.023  -4.271  1.00 72.36  ? 57  ASP A OD2 1 
ATOM   292  N  N   . PHE A 1 38  ? 14.712  15.688  -7.309  1.00 74.74  ? 58  PHE A N   1 
ATOM   293  C  CA  . PHE A 1 38  ? 15.706  14.660  -7.596  1.00 76.01  ? 58  PHE A CA  1 
ATOM   294  C  C   . PHE A 1 38  ? 16.823  15.190  -8.489  1.00 76.21  ? 58  PHE A C   1 
ATOM   295  O  O   . PHE A 1 38  ? 16.555  15.834  -9.502  1.00 86.71  ? 58  PHE A O   1 
ATOM   296  C  CB  . PHE A 1 38  ? 15.007  13.472  -8.262  1.00 74.60  ? 58  PHE A CB  1 
ATOM   297  C  CG  . PHE A 1 38  ? 15.896  12.305  -8.517  1.00 74.22  ? 58  PHE A CG  1 
ATOM   298  C  CD1 . PHE A 1 38  ? 16.343  11.509  -7.461  1.00 71.77  ? 58  PHE A CD1 1 
ATOM   299  C  CD2 . PHE A 1 38  ? 16.273  11.981  -9.823  1.00 75.56  ? 58  PHE A CD2 1 
ATOM   300  C  CE1 . PHE A 1 38  ? 17.169  10.417  -7.708  1.00 78.38  ? 58  PHE A CE1 1 
ATOM   301  C  CE2 . PHE A 1 38  ? 17.103  10.892  -10.073 1.00 75.27  ? 58  PHE A CE2 1 
ATOM   302  C  CZ  . PHE A 1 38  ? 17.548  10.108  -9.017  1.00 75.98  ? 58  PHE A CZ  1 
ATOM   303  N  N   . ASP A 1 39  ? 18.062  14.881  -8.115  1.00 75.51  ? 59  ASP A N   1 
ATOM   304  C  CA  . ASP A 1 39  ? 19.270  15.303  -8.833  1.00 67.55  ? 59  ASP A CA  1 
ATOM   305  C  C   . ASP A 1 39  ? 19.881  14.179  -9.661  1.00 71.56  ? 59  ASP A C   1 
ATOM   306  O  O   . ASP A 1 39  ? 20.633  13.358  -9.101  1.00 68.21  ? 59  ASP A O   1 
ATOM   307  C  CB  . ASP A 1 39  ? 20.327  15.797  -7.840  1.00 66.56  ? 59  ASP A CB  1 
ATOM   308  C  CG  . ASP A 1 39  ? 21.533  16.423  -8.521  1.00 68.72  ? 59  ASP A CG  1 
ATOM   309  O  OD1 . ASP A 1 39  ? 21.507  16.733  -9.750  1.00 68.04  ? 59  ASP A OD1 1 
ATOM   310  O  OD2 . ASP A 1 39  ? 22.519  16.611  -7.798  1.00 69.20  ? 59  ASP A OD2 1 
ATOM   311  N  N   . PRO A 1 40  ? 19.634  14.171  -11.001 1.00 69.52  ? 60  PRO A N   1 
ATOM   312  C  CA  . PRO A 1 40  ? 20.183  13.077  -11.808 1.00 64.73  ? 60  PRO A CA  1 
ATOM   313  C  C   . PRO A 1 40  ? 21.710  13.097  -11.953 1.00 61.87  ? 60  PRO A C   1 
ATOM   314  O  O   . PRO A 1 40  ? 22.291  12.082  -12.307 1.00 64.08  ? 60  PRO A O   1 
ATOM   315  C  CB  . PRO A 1 40  ? 19.470  13.225  -13.155 1.00 62.19  ? 60  PRO A CB  1 
ATOM   316  C  CG  . PRO A 1 40  ? 18.393  14.247  -12.936 1.00 60.23  ? 60  PRO A CG  1 
ATOM   317  C  CD  . PRO A 1 40  ? 18.919  15.133  -11.852 1.00 62.48  ? 60  PRO A CD  1 
ATOM   318  N  N   . ALA A 1 41  ? 22.368  14.205  -11.621 1.00 61.41  ? 61  ALA A N   1 
ATOM   319  C  CA  . ALA A 1 41  ? 23.841  14.192  -11.529 1.00 70.31  ? 61  ALA A CA  1 
ATOM   320  C  C   . ALA A 1 41  ? 24.382  13.193  -10.483 1.00 74.50  ? 61  ALA A C   1 
ATOM   321  O  O   . ALA A 1 41  ? 25.424  12.552  -10.687 1.00 67.10  ? 61  ALA A O   1 
ATOM   322  C  CB  . ALA A 1 41  ? 24.397  15.592  -11.261 1.00 72.17  ? 61  ALA A CB  1 
ATOM   323  N  N   . SER A 1 42  ? 23.669  13.081  -9.361  1.00 78.33  ? 62  SER A N   1 
ATOM   324  C  CA  . SER A 1 42  ? 24.149  12.301  -8.224  1.00 72.42  ? 62  SER A CA  1 
ATOM   325  C  C   . SER A 1 42  ? 23.222  11.130  -7.853  1.00 70.58  ? 62  SER A C   1 
ATOM   326  O  O   . SER A 1 42  ? 23.593  10.282  -7.048  1.00 70.53  ? 62  SER A O   1 
ATOM   327  C  CB  . SER A 1 42  ? 24.455  13.212  -7.033  1.00 62.30  ? 62  SER A CB  1 
ATOM   328  O  OG  . SER A 1 42  ? 23.294  13.913  -6.649  1.00 68.23  ? 62  SER A OG  1 
ATOM   329  N  N   . ALA A 1 43  ? 22.054  11.057  -8.496  1.00 73.60  ? 63  ALA A N   1 
ATOM   330  C  CA  . ALA A 1 43  ? 21.009  10.047  -8.206  1.00 69.53  ? 63  ALA A CA  1 
ATOM   331  C  C   . ALA A 1 43  ? 20.611  10.010  -6.720  1.00 66.30  ? 63  ALA A C   1 
ATOM   332  O  O   . ALA A 1 43  ? 20.555  8.936   -6.090  1.00 76.98  ? 63  ALA A O   1 
ATOM   333  C  CB  . ALA A 1 43  ? 21.409  8.671   -8.729  1.00 67.25  ? 63  ALA A CB  1 
ATOM   334  N  N   . GLU A 1 44  ? 20.378  11.220  -6.196  1.00 64.65  ? 64  GLU A N   1 
ATOM   335  C  CA  . GLU A 1 44  ? 19.882  11.521  -4.850  1.00 63.78  ? 64  GLU A CA  1 
ATOM   336  C  C   . GLU A 1 44  ? 18.523  12.188  -4.890  1.00 65.53  ? 64  GLU A C   1 
ATOM   337  O  O   . GLU A 1 44  ? 18.254  13.041  -5.743  1.00 58.51  ? 64  GLU A O   1 
ATOM   338  C  CB  . GLU A 1 44  ? 20.854  12.410  -4.112  1.00 56.33  ? 64  GLU A CB  1 
ATOM   339  C  CG  . GLU A 1 44  ? 22.165  11.680  -3.994  1.00 66.78  ? 64  GLU A CG  1 
ATOM   340  C  CD  . GLU A 1 44  ? 23.193  12.411  -3.195  1.00 77.10  ? 64  GLU A CD  1 
ATOM   341  O  OE1 . GLU A 1 44  ? 23.336  13.628  -3.392  1.00 96.88  ? 64  GLU A OE1 1 
ATOM   342  O  OE2 . GLU A 1 44  ? 23.876  11.753  -2.391  1.00 80.03  ? 64  GLU A OE2 1 
ATOM   343  N  N   . PHE A 1 45  ? 17.648  11.762  -3.985  1.00 62.29  ? 65  PHE A N   1 
ATOM   344  C  CA  . PHE A 1 45  ? 16.426  12.490  -3.762  1.00 56.99  ? 65  PHE A CA  1 
ATOM   345  C  C   . PHE A 1 45  ? 16.710  13.612  -2.790  1.00 61.29  ? 65  PHE A C   1 
ATOM   346  O  O   . PHE A 1 45  ? 17.552  13.469  -1.867  1.00 57.55  ? 65  PHE A O   1 
ATOM   347  C  CB  . PHE A 1 45  ? 15.400  11.573  -3.221  1.00 51.85  ? 65  PHE A CB  1 
ATOM   348  C  CG  . PHE A 1 45  ? 14.812  10.662  -4.243  1.00 48.77  ? 65  PHE A CG  1 
ATOM   349  C  CD1 . PHE A 1 45  ? 15.384  9.433   -4.503  1.00 50.86  ? 65  PHE A CD1 1 
ATOM   350  C  CD2 . PHE A 1 45  ? 13.642  11.011  -4.904  1.00 45.56  ? 65  PHE A CD2 1 
ATOM   351  C  CE1 . PHE A 1 45  ? 14.803  8.566   -5.436  1.00 55.87  ? 65  PHE A CE1 1 
ATOM   352  C  CE2 . PHE A 1 45  ? 13.045  10.158  -5.837  1.00 54.24  ? 65  PHE A CE2 1 
ATOM   353  C  CZ  . PHE A 1 45  ? 13.626  8.924   -6.105  1.00 56.51  ? 65  PHE A CZ  1 
ATOM   354  N  N   . LYS A 1 46  ? 16.050  14.745  -3.045  1.00 70.46  ? 66  LYS A N   1 
ATOM   355  C  CA  . LYS A 1 46  ? 16.289  16.018  -2.310  1.00 74.02  ? 66  LYS A CA  1 
ATOM   356  C  C   . LYS A 1 46  ? 15.097  16.322  -1.407  1.00 66.65  ? 66  LYS A C   1 
ATOM   357  O  O   . LYS A 1 46  ? 15.263  16.812  -0.292  1.00 57.63  ? 66  LYS A O   1 
ATOM   358  C  CB  . LYS A 1 46  ? 16.547  17.197  -3.279  1.00 86.09  ? 66  LYS A CB  1 
ATOM   359  C  CG  . LYS A 1 46  ? 17.816  17.097  -4.134  1.00 96.62  ? 66  LYS A CG  1 
ATOM   360  C  CD  . LYS A 1 46  ? 19.035  17.634  -3.393  1.00 104.24 ? 66  LYS A CD  1 
ATOM   361  C  CE  . LYS A 1 46  ? 20.244  16.729  -3.565  1.00 102.19 ? 66  LYS A CE  1 
ATOM   362  N  NZ  . LYS A 1 46  ? 21.230  16.956  -2.471  1.00 107.21 ? 66  LYS A NZ  1 
ATOM   363  N  N   . LYS A 1 47  ? 13.902  16.002  -1.905  1.00 60.73  ? 67  LYS A N   1 
ATOM   364  C  CA  . LYS A 1 47  ? 12.676  16.198  -1.184  1.00 61.46  ? 67  LYS A CA  1 
ATOM   365  C  C   . LYS A 1 47  ? 11.659  15.253  -1.828  1.00 62.34  ? 67  LYS A C   1 
ATOM   366  O  O   . LYS A 1 47  ? 11.602  15.138  -3.053  1.00 59.91  ? 67  LYS A O   1 
ATOM   367  C  CB  . LYS A 1 47  ? 12.304  17.666  -1.313  1.00 64.46  ? 67  LYS A CB  1 
ATOM   368  C  CG  . LYS A 1 47  ? 10.987  18.136  -0.748  1.00 76.75  ? 67  LYS A CG  1 
ATOM   369  C  CD  . LYS A 1 47  ? 10.544  19.361  -1.543  1.00 78.84  ? 67  LYS A CD  1 
ATOM   370  C  CE  . LYS A 1 47  ? 9.471   20.182  -0.854  1.00 93.36  ? 67  LYS A CE  1 
ATOM   371  N  NZ  . LYS A 1 47  ? 10.017  20.841  0.373   1.00 108.09 ? 67  LYS A NZ  1 
ATOM   372  N  N   . LEU A 1 48  ? 10.913  14.521  -0.997  1.00 66.03  ? 68  LEU A N   1 
ATOM   373  C  CA  . LEU A 1 48  ? 9.788   13.700  -1.483  1.00 64.99  ? 68  LEU A CA  1 
ATOM   374  C  C   . LEU A 1 48  ? 8.672   13.718  -0.446  1.00 66.06  ? 68  LEU A C   1 
ATOM   375  O  O   . LEU A 1 48  ? 8.855   13.265  0.688   1.00 69.09  ? 68  LEU A O   1 
ATOM   376  C  CB  . LEU A 1 48  ? 10.204  12.269  -1.806  1.00 60.34  ? 68  LEU A CB  1 
ATOM   377  C  CG  . LEU A 1 48  ? 9.033   11.410  -2.229  1.00 57.34  ? 68  LEU A CG  1 
ATOM   378  C  CD1 . LEU A 1 48  ? 8.816   11.675  -3.688  1.00 71.53  ? 68  LEU A CD1 1 
ATOM   379  C  CD2 . LEU A 1 48  ? 9.440   9.983   -2.080  1.00 60.33  ? 68  LEU A CD2 1 
ATOM   380  N  N   . ASP A 1 49  ? 7.535   14.272  -0.859  1.00 65.12  ? 69  ASP A N   1 
ATOM   381  C  CA  . ASP A 1 49  ? 6.387   14.566  0.010   1.00 61.91  ? 69  ASP A CA  1 
ATOM   382  C  C   . ASP A 1 49  ? 5.135   14.152  -0.714  1.00 60.14  ? 69  ASP A C   1 
ATOM   383  O  O   . ASP A 1 49  ? 4.826   14.676  -1.771  1.00 68.94  ? 69  ASP A O   1 
ATOM   384  C  CB  . ASP A 1 49  ? 6.313   16.052  0.383   1.00 58.51  ? 69  ASP A CB  1 
ATOM   385  C  CG  . ASP A 1 49  ? 7.509   16.518  1.253   1.00 74.62  ? 69  ASP A CG  1 
ATOM   386  O  OD1 . ASP A 1 49  ? 8.145   15.714  1.986   1.00 82.40  ? 69  ASP A OD1 1 
ATOM   387  O  OD2 . ASP A 1 49  ? 7.835   17.723  1.211   1.00 78.21  ? 69  ASP A OD2 1 
ATOM   388  N  N   . VAL A 1 50  ? 4.436   13.180  -0.151  1.00 57.56  ? 70  VAL A N   1 
ATOM   389  C  CA  . VAL A 1 50  ? 3.263   12.595  -0.784  1.00 59.18  ? 70  VAL A CA  1 
ATOM   390  C  C   . VAL A 1 50  ? 2.068   12.808  0.161   1.00 65.23  ? 70  VAL A C   1 
ATOM   391  O  O   . VAL A 1 50  ? 2.232   12.755  1.387   1.00 63.38  ? 70  VAL A O   1 
ATOM   392  C  CB  . VAL A 1 50  ? 3.475   11.088  -1.049  1.00 56.34  ? 70  VAL A CB  1 
ATOM   393  C  CG1 . VAL A 1 50  ? 2.349   10.509  -1.864  1.00 49.60  ? 70  VAL A CG1 1 
ATOM   394  C  CG2 . VAL A 1 50  ? 4.782   10.834  -1.763  1.00 59.48  ? 70  VAL A CG2 1 
ATOM   395  N  N   . THR A 1 51  ? 0.886   13.059  -0.419  1.00 65.34  ? 71  THR A N   1 
ATOM   396  C  CA  . THR A 1 51  ? -0.402  13.121  0.305   1.00 64.48  ? 71  THR A CA  1 
ATOM   397  C  C   . THR A 1 51  ? -1.390  12.269  -0.451  1.00 64.76  ? 71  THR A C   1 
ATOM   398  O  O   . THR A 1 51  ? -1.543  12.415  -1.680  1.00 62.55  ? 71  THR A O   1 
ATOM   399  C  CB  . THR A 1 51  ? -0.964  14.549  0.392   1.00 65.05  ? 71  THR A CB  1 
ATOM   400  O  OG1 . THR A 1 51  ? 0.114   15.445  0.668   1.00 80.19  ? 71  THR A OG1 1 
ATOM   401  C  CG2 . THR A 1 51  ? -2.010  14.682  1.497   1.00 58.92  ? 71  THR A CG2 1 
ATOM   402  N  N   . ILE A 1 52  ? -2.061  11.387  0.288   1.00 60.71  ? 72  ILE A N   1 
ATOM   403  C  CA  . ILE A 1 52  ? -2.918  10.383  -0.310  1.00 62.32  ? 72  ILE A CA  1 
ATOM   404  C  C   . ILE A 1 52  ? -4.289  10.599  0.230   1.00 62.60  ? 72  ILE A C   1 
ATOM   405  O  O   . ILE A 1 52  ? -4.425  10.742  1.446   1.00 60.38  ? 72  ILE A O   1 
ATOM   406  C  CB  . ILE A 1 52  ? -2.444  8.994   0.107   1.00 60.90  ? 72  ILE A CB  1 
ATOM   407  C  CG1 . ILE A 1 52  ? -1.129  8.707   -0.591  1.00 64.94  ? 72  ILE A CG1 1 
ATOM   408  C  CG2 . ILE A 1 52  ? -3.454  7.948   -0.298  1.00 55.51  ? 72  ILE A CG2 1 
ATOM   409  C  CD1 . ILE A 1 52  ? -0.169  7.956   0.280   1.00 70.41  ? 72  ILE A CD1 1 
ATOM   410  N  N   . LYS A 1 53  ? -5.299  10.598  -0.646  1.00 63.30  ? 73  LYS A N   1 
ATOM   411  C  CA  . LYS A 1 53  ? -6.689  10.737  -0.168  1.00 67.89  ? 73  LYS A CA  1 
ATOM   412  C  C   . LYS A 1 53  ? -7.251  9.364   0.126   1.00 65.42  ? 73  LYS A C   1 
ATOM   413  O  O   . LYS A 1 53  ? -7.489  8.556   -0.782  1.00 60.99  ? 73  LYS A O   1 
ATOM   414  C  CB  . LYS A 1 53  ? -7.580  11.604  -1.082  1.00 66.65  ? 73  LYS A CB  1 
ATOM   415  C  CG  . LYS A 1 53  ? -7.046  13.027  -1.185  1.00 80.36  ? 73  LYS A CG  1 
ATOM   416  C  CD  . LYS A 1 53  ? -8.057  14.124  -1.491  1.00 93.97  ? 73  LYS A CD  1 
ATOM   417  C  CE  . LYS A 1 53  ? -7.429  15.513  -1.280  1.00 98.32  ? 73  LYS A CE  1 
ATOM   418  N  NZ  . LYS A 1 53  ? -6.970  15.709  0.136   1.00 83.62  ? 73  LYS A NZ  1 
ATOM   419  N  N   . ILE A 1 54  ? -7.411  9.103   1.420   1.00 61.82  ? 74  ILE A N   1 
ATOM   420  C  CA  . ILE A 1 54  ? -7.911  7.830   1.914   1.00 63.30  ? 74  ILE A CA  1 
ATOM   421  C  C   . ILE A 1 54  ? -9.205  7.412   1.183   1.00 71.57  ? 74  ILE A C   1 
ATOM   422  O  O   . ILE A 1 54  ? -9.349  6.256   0.755   1.00 69.42  ? 74  ILE A O   1 
ATOM   423  C  CB  . ILE A 1 54  ? -8.091  7.888   3.449   1.00 62.96  ? 74  ILE A CB  1 
ATOM   424  C  CG1 . ILE A 1 54  ? -6.741  7.880   4.171   1.00 63.78  ? 74  ILE A CG1 1 
ATOM   425  C  CG2 . ILE A 1 54  ? -8.974  6.762   3.957   1.00 65.59  ? 74  ILE A CG2 1 
ATOM   426  C  CD1 . ILE A 1 54  ? -5.679  6.962   3.563   1.00 70.51  ? 74  ILE A CD1 1 
ATOM   427  N  N   . ALA A 1 55  ? -10.120 8.368   1.001   1.00 76.77  ? 75  ALA A N   1 
ATOM   428  C  CA  . ALA A 1 55  ? -11.373 8.139   0.257   1.00 74.54  ? 75  ALA A CA  1 
ATOM   429  C  C   . ALA A 1 55  ? -11.186 7.389   -1.075  1.00 78.18  ? 75  ALA A C   1 
ATOM   430  O  O   . ALA A 1 55  ? -12.098 6.692   -1.528  1.00 81.13  ? 75  ALA A O   1 
ATOM   431  C  CB  . ALA A 1 55  ? -12.101 9.463   0.029   1.00 68.90  ? 75  ALA A CB  1 
ATOM   432  N  N   . SER A 1 56  ? -9.999  7.518   -1.677  1.00 73.33  ? 76  SER A N   1 
ATOM   433  C  CA  . SER A 1 56  ? -9.758  7.019   -3.020  1.00 68.13  ? 76  SER A CA  1 
ATOM   434  C  C   . SER A 1 56  ? -9.140  5.622   -3.048  1.00 71.21  ? 76  SER A C   1 
ATOM   435  O  O   . SER A 1 56  ? -8.686  5.159   -4.107  1.00 72.75  ? 76  SER A O   1 
ATOM   436  C  CB  . SER A 1 56  ? -8.905  8.010   -3.815  1.00 74.94  ? 76  SER A CB  1 
ATOM   437  O  OG  . SER A 1 56  ? -7.548  8.026   -3.402  1.00 70.99  ? 76  SER A OG  1 
ATOM   438  N  N   . VAL A 1 57  ? -9.132  4.953   -1.894  1.00 62.99  ? 77  VAL A N   1 
ATOM   439  C  CA  . VAL A 1 57  ? -8.666  3.579   -1.807  1.00 63.70  ? 77  VAL A CA  1 
ATOM   440  C  C   . VAL A 1 57  ? -9.378  2.657   -2.800  1.00 68.20  ? 77  VAL A C   1 
ATOM   441  O  O   . VAL A 1 57  ? -10.570 2.796   -3.043  1.00 70.85  ? 77  VAL A O   1 
ATOM   442  C  CB  . VAL A 1 57  ? -8.729  3.051   -0.356  1.00 62.51  ? 77  VAL A CB  1 
ATOM   443  C  CG1 . VAL A 1 57  ? -10.154 2.759   0.096   1.00 62.78  ? 77  VAL A CG1 1 
ATOM   444  C  CG2 . VAL A 1 57  ? -7.836  1.825   -0.190  1.00 64.44  ? 77  VAL A CG2 1 
ATOM   445  N  N   . ASN A 1 58  ? -8.626  1.754   -3.410  1.00 74.40  ? 78  ASN A N   1 
ATOM   446  C  CA  . ASN A 1 58  ? -9.223  0.746   -4.265  1.00 78.07  ? 78  ASN A CA  1 
ATOM   447  C  C   . ASN A 1 58  ? -8.554  -0.610  -4.083  1.00 76.64  ? 78  ASN A C   1 
ATOM   448  O  O   . ASN A 1 58  ? -7.403  -0.824  -4.477  1.00 76.17  ? 78  ASN A O   1 
ATOM   449  C  CB  . ASN A 1 58  ? -9.220  1.186   -5.734  1.00 76.71  ? 78  ASN A CB  1 
ATOM   450  C  CG  . ASN A 1 58  ? -9.730  0.101   -6.674  1.00 89.72  ? 78  ASN A CG  1 
ATOM   451  O  OD1 . ASN A 1 58  ? -10.621 -0.704  -6.336  1.00 103.86 ? 78  ASN A OD1 1 
ATOM   452  N  ND2 . ASN A 1 58  ? -9.160  0.067   -7.868  1.00 90.21  ? 78  ASN A ND2 1 
ATOM   453  N  N   . THR A 1 59  ? -9.300  -1.517  -3.480  1.00 74.41  ? 79  THR A N   1 
ATOM   454  C  CA  . THR A 1 59  ? -8.848  -2.881  -3.310  1.00 80.71  ? 79  THR A CA  1 
ATOM   455  C  C   . THR A 1 59  ? -9.721  -3.814  -4.129  1.00 88.52  ? 79  THR A C   1 
ATOM   456  O  O   . THR A 1 59  ? -9.928  -4.976  -3.745  1.00 91.19  ? 79  THR A O   1 
ATOM   457  C  CB  . THR A 1 59  ? -8.845  -3.311  -1.827  1.00 79.14  ? 79  THR A CB  1 
ATOM   458  O  OG1 . THR A 1 59  ? -10.176 -3.243  -1.291  1.00 74.72  ? 79  THR A OG1 1 
ATOM   459  C  CG2 . THR A 1 59  ? -7.944  -2.433  -1.015  1.00 80.69  ? 79  THR A CG2 1 
ATOM   460  N  N   . GLU A 1 60  ? -10.245 -3.291  -5.247  1.00 96.75  ? 80  GLU A N   1 
ATOM   461  C  CA  . GLU A 1 60  ? -11.036 -4.068  -6.218  1.00 106.64 ? 80  GLU A CA  1 
ATOM   462  C  C   . GLU A 1 60  ? -12.402 -4.507  -5.719  1.00 113.56 ? 80  GLU A C   1 
ATOM   463  O  O   . GLU A 1 60  ? -13.083 -5.300  -6.369  1.00 139.06 ? 80  GLU A O   1 
ATOM   464  C  CB  . GLU A 1 60  ? -10.248 -5.303  -6.682  1.00 120.14 ? 80  GLU A CB  1 
ATOM   465  C  CG  . GLU A 1 60  ? -9.008  -4.968  -7.482  1.00 132.05 ? 80  GLU A CG  1 
ATOM   466  C  CD  . GLU A 1 60  ? -9.363  -4.333  -8.810  1.00 136.75 ? 80  GLU A CD  1 
ATOM   467  O  OE1 . GLU A 1 60  ? -9.151  -5.016  -9.829  1.00 150.15 ? 80  GLU A OE1 1 
ATOM   468  O  OE2 . GLU A 1 60  ? -9.878  -3.181  -8.835  1.00 120.69 ? 80  GLU A OE2 1 
ATOM   469  N  N   . ASN A 1 61  ? -12.805 -3.987  -4.571  1.00 105.38 ? 81  ASN A N   1 
ATOM   470  C  CA  . ASN A 1 61  ? -13.973 -4.478  -3.892  1.00 96.22  ? 81  ASN A CA  1 
ATOM   471  C  C   . ASN A 1 61  ? -14.657 -3.290  -3.238  1.00 103.62 ? 81  ASN A C   1 
ATOM   472  O  O   . ASN A 1 61  ? -14.244 -2.819  -2.169  1.00 102.53 ? 81  ASN A O   1 
ATOM   473  C  CB  . ASN A 1 61  ? -13.558 -5.580  -2.905  1.00 88.89  ? 81  ASN A CB  1 
ATOM   474  C  CG  . ASN A 1 61  ? -14.628 -5.913  -1.869  1.00 90.49  ? 81  ASN A CG  1 
ATOM   475  O  OD1 . ASN A 1 61  ? -15.570 -5.150  -1.615  1.00 104.35 ? 81  ASN A OD1 1 
ATOM   476  N  ND2 . ASN A 1 61  ? -14.464 -7.064  -1.237  1.00 85.20  ? 81  ASN A ND2 1 
ATOM   477  N  N   . GLN A 1 62  ? -15.713 -2.834  -3.912  1.00 112.29 ? 82  GLN A N   1 
ATOM   478  C  CA  . GLN A 1 62  ? -16.562 -1.728  -3.471  1.00 117.41 ? 82  GLN A CA  1 
ATOM   479  C  C   . GLN A 1 62  ? -16.925 -1.781  -1.966  1.00 109.66 ? 82  GLN A C   1 
ATOM   480  O  O   . GLN A 1 62  ? -16.610 -0.846  -1.220  1.00 98.00  ? 82  GLN A O   1 
ATOM   481  C  CB  . GLN A 1 62  ? -17.812 -1.621  -4.384  1.00 138.07 ? 82  GLN A CB  1 
ATOM   482  C  CG  . GLN A 1 62  ? -18.605 -0.303  -4.331  1.00 146.38 ? 82  GLN A CG  1 
ATOM   483  C  CD  . GLN A 1 62  ? -17.745 0.961   -4.432  1.00 148.84 ? 82  GLN A CD  1 
ATOM   484  O  OE1 . GLN A 1 62  ? -16.797 1.033   -5.217  1.00 146.53 ? 82  GLN A OE1 1 
ATOM   485  N  NE2 . GLN A 1 62  ? -18.085 1.969   -3.631  1.00 146.55 ? 82  GLN A NE2 1 
ATOM   486  N  N   . THR A 1 63  ? -17.543 -2.871  -1.509  1.00 101.04 ? 83  THR A N   1 
ATOM   487  C  CA  . THR A 1 63  ? -17.983 -2.916  -0.110  1.00 103.49 ? 83  THR A CA  1 
ATOM   488  C  C   . THR A 1 63  ? -16.790 -2.807  0.853   1.00 98.35  ? 83  THR A C   1 
ATOM   489  O  O   . THR A 1 63  ? -16.928 -2.203  1.923   1.00 105.85 ? 83  THR A O   1 
ATOM   490  C  CB  . THR A 1 63  ? -18.975 -4.082  0.233   1.00 104.22 ? 83  THR A CB  1 
ATOM   491  O  OG1 . THR A 1 63  ? -18.425 -5.337  -0.171  1.00 130.30 ? 83  THR A OG1 1 
ATOM   492  C  CG2 . THR A 1 63  ? -20.350 -3.897  -0.463  1.00 102.43 ? 83  THR A CG2 1 
ATOM   493  N  N   . ARG A 1 64  ? -15.618 -3.319  0.458   1.00 88.10  ? 84  ARG A N   1 
ATOM   494  C  CA  . ARG A 1 64  ? -14.439 -3.241  1.340   1.00 88.20  ? 84  ARG A CA  1 
ATOM   495  C  C   . ARG A 1 64  ? -13.834 -1.832  1.394   1.00 83.82  ? 84  ARG A C   1 
ATOM   496  O  O   . ARG A 1 64  ? -13.467 -1.338  2.461   1.00 76.70  ? 84  ARG A O   1 
ATOM   497  C  CB  . ARG A 1 64  ? -13.371 -4.270  0.989   1.00 87.90  ? 84  ARG A CB  1 
ATOM   498  C  CG  . ARG A 1 64  ? -12.527 -4.690  2.189   1.00 92.62  ? 84  ARG A CG  1 
ATOM   499  C  CD  . ARG A 1 64  ? -11.088 -4.901  1.771   1.00 89.36  ? 84  ARG A CD  1 
ATOM   500  N  NE  . ARG A 1 64  ? -10.884 -6.200  1.133   1.00 91.77  ? 84  ARG A NE  1 
ATOM   501  C  CZ  . ARG A 1 64  ? -10.761 -6.399  -0.183  1.00 84.78  ? 84  ARG A CZ  1 
ATOM   502  N  NH1 . ARG A 1 64  ? -10.823 -5.394  -1.035  1.00 81.07  ? 84  ARG A NH1 1 
ATOM   503  N  NH2 . ARG A 1 64  ? -10.581 -7.619  -0.664  1.00 78.81  ? 84  ARG A NH2 1 
ATOM   504  N  N   . ASP A 1 65  ? -13.744 -1.185  0.242   1.00 81.28  ? 85  ASP A N   1 
ATOM   505  C  CA  . ASP A 1 65  ? -13.315 0.198   0.178   1.00 85.74  ? 85  ASP A CA  1 
ATOM   506  C  C   . ASP A 1 65  ? -14.111 1.137   1.119   1.00 87.17  ? 85  ASP A C   1 
ATOM   507  O  O   . ASP A 1 65  ? -13.516 1.935   1.854   1.00 92.91  ? 85  ASP A O   1 
ATOM   508  C  CB  . ASP A 1 65  ? -13.264 0.634   -1.286  1.00 86.57  ? 85  ASP A CB  1 
ATOM   509  C  CG  . ASP A 1 65  ? -12.425 -0.344  -2.150  1.00 91.46  ? 85  ASP A CG  1 
ATOM   510  O  OD1 . ASP A 1 65  ? -11.590 -1.072  -1.568  1.00 81.53  ? 85  ASP A OD1 1 
ATOM   511  O  OD2 . ASP A 1 65  ? -12.606 -0.404  -3.395  1.00 96.60  ? 85  ASP A OD2 1 
ATOM   512  N  N   . ASN A 1 66  ? -15.432 0.974   1.155   1.00 84.19  ? 86  ASN A N   1 
ATOM   513  C  CA  . ASN A 1 66  ? -16.286 1.733   2.079   1.00 85.06  ? 86  ASN A CA  1 
ATOM   514  C  C   . ASN A 1 66  ? -15.986 1.406   3.518   1.00 77.72  ? 86  ASN A C   1 
ATOM   515  O  O   . ASN A 1 66  ? -15.922 2.288   4.363   1.00 84.74  ? 86  ASN A O   1 
ATOM   516  C  CB  . ASN A 1 66  ? -17.774 1.464   1.839   1.00 94.70  ? 86  ASN A CB  1 
ATOM   517  C  CG  . ASN A 1 66  ? -18.252 1.920   0.469   1.00 107.98 ? 86  ASN A CG  1 
ATOM   518  O  OD1 . ASN A 1 66  ? -17.621 2.748   -0.214  1.00 105.18 ? 86  ASN A OD1 1 
ATOM   519  N  ND2 . ASN A 1 66  ? -19.388 1.368   0.056   1.00 114.77 ? 86  ASN A ND2 1 
ATOM   520  N  N   . HIS A 1 67  ? -15.806 0.128   3.784   1.00 74.08  ? 87  HIS A N   1 
ATOM   521  C  CA  . HIS A 1 67  ? -15.614 -0.372  5.130   1.00 78.16  ? 87  HIS A CA  1 
ATOM   522  C  C   . HIS A 1 67  ? -14.270 0.203   5.657   1.00 78.39  ? 87  HIS A C   1 
ATOM   523  O  O   . HIS A 1 67  ? -14.122 0.446   6.868   1.00 74.40  ? 87  HIS A O   1 
ATOM   524  C  CB  . HIS A 1 67  ? -15.800 -1.924  5.078   1.00 92.59  ? 87  HIS A CB  1 
ATOM   525  C  CG  . HIS A 1 67  ? -15.507 -2.676  6.346   1.00 109.83 ? 87  HIS A CG  1 
ATOM   526  N  ND1 . HIS A 1 67  ? -15.070 -3.993  6.325   1.00 123.31 ? 87  HIS A ND1 1 
ATOM   527  C  CD2 . HIS A 1 67  ? -15.591 -2.321  7.655   1.00 97.76  ? 87  HIS A CD2 1 
ATOM   528  C  CE1 . HIS A 1 67  ? -14.874 -4.406  7.565   1.00 120.81 ? 87  HIS A CE1 1 
ATOM   529  N  NE2 . HIS A 1 67  ? -15.180 -3.411  8.387   1.00 114.64 ? 87  HIS A NE2 1 
ATOM   530  N  N   . LEU A 1 68  ? -13.343 0.515   4.731   1.00 79.14  ? 88  LEU A N   1 
ATOM   531  C  CA  . LEU A 1 68  ? -11.994 1.014   5.089   1.00 74.63  ? 88  LEU A CA  1 
ATOM   532  C  C   . LEU A 1 68  ? -11.994 2.440   5.618   1.00 78.48  ? 88  LEU A C   1 
ATOM   533  O  O   . LEU A 1 68  ? -11.169 2.804   6.462   1.00 75.03  ? 88  LEU A O   1 
ATOM   534  C  CB  . LEU A 1 68  ? -11.012 0.884   3.928   1.00 66.30  ? 88  LEU A CB  1 
ATOM   535  C  CG  . LEU A 1 68  ? -10.409 -0.516  3.748   1.00 64.08  ? 88  LEU A CG  1 
ATOM   536  C  CD1 . LEU A 1 68  ? -9.661  -0.617  2.436   1.00 61.08  ? 88  LEU A CD1 1 
ATOM   537  C  CD2 . LEU A 1 68  ? -9.523  -0.959  4.898   1.00 64.05  ? 88  LEU A CD2 1 
ATOM   538  N  N   . GLN A 1 69  ? -12.934 3.227   5.109   1.00 73.10  ? 89  GLN A N   1 
ATOM   539  C  CA  . GLN A 1 69  ? -13.235 4.560   5.621   1.00 67.44  ? 89  GLN A CA  1 
ATOM   540  C  C   . GLN A 1 69  ? -13.790 4.621   7.053   1.00 64.06  ? 89  GLN A C   1 
ATOM   541  O  O   . GLN A 1 69  ? -13.656 5.649   7.685   1.00 64.61  ? 89  GLN A O   1 
ATOM   542  C  CB  . GLN A 1 69  ? -14.209 5.233   4.687   1.00 61.93  ? 89  GLN A CB  1 
ATOM   543  C  CG  . GLN A 1 69  ? -13.959 4.859   3.248   1.00 67.92  ? 89  GLN A CG  1 
ATOM   544  C  CD  . GLN A 1 69  ? -12.872 5.682   2.642   1.00 76.59  ? 89  GLN A CD  1 
ATOM   545  O  OE1 . GLN A 1 69  ? -12.883 6.902   2.755   1.00 88.99  ? 89  GLN A OE1 1 
ATOM   546  N  NE2 . GLN A 1 69  ? -11.929 5.031   1.983   1.00 80.99  ? 89  GLN A NE2 1 
ATOM   547  N  N   . GLN A 1 70  ? -14.396 3.541   7.553   1.00 70.56  ? 90  GLN A N   1 
ATOM   548  C  CA  . GLN A 1 70  ? -15.102 3.511   8.867   1.00 76.51  ? 90  GLN A CA  1 
ATOM   549  C  C   . GLN A 1 70  ? -14.165 3.685   10.097  1.00 72.46  ? 90  GLN A C   1 
ATOM   550  O  O   . GLN A 1 70  ? -12.954 3.596   9.973   1.00 66.98  ? 90  GLN A O   1 
ATOM   551  C  CB  . GLN A 1 70  ? -15.976 2.217   9.032   1.00 96.41  ? 90  GLN A CB  1 
ATOM   552  C  CG  . GLN A 1 70  ? -16.979 1.820   7.928   1.00 104.58 ? 90  GLN A CG  1 
ATOM   553  C  CD  . GLN A 1 70  ? -17.806 2.983   7.390   1.00 116.88 ? 90  GLN A CD  1 
ATOM   554  O  OE1 . GLN A 1 70  ? -18.376 3.753   8.164   1.00 134.93 ? 90  GLN A OE1 1 
ATOM   555  N  NE2 . GLN A 1 70  ? -17.873 3.120   6.058   1.00 112.64 ? 90  GLN A NE2 1 
ATOM   556  N  N   . ASP A 1 71  ? -14.736 3.899   11.285  1.00 80.00  ? 91  ASP A N   1 
ATOM   557  C  CA  . ASP A 1 71  ? -13.957 4.076   12.533  1.00 87.85  ? 91  ASP A CA  1 
ATOM   558  C  C   . ASP A 1 71  ? -12.965 2.984   12.842  1.00 84.63  ? 91  ASP A C   1 
ATOM   559  O  O   . ASP A 1 71  ? -11.984 3.248   13.520  1.00 99.65  ? 91  ASP A O   1 
ATOM   560  C  CB  . ASP A 1 71  ? -14.846 4.242   13.774  1.00 93.12  ? 91  ASP A CB  1 
ATOM   561  C  CG  . ASP A 1 71  ? -15.787 5.411   13.666  1.00 120.44 ? 91  ASP A CG  1 
ATOM   562  O  OD1 . ASP A 1 71  ? -15.436 6.446   13.049  1.00 140.08 ? 91  ASP A OD1 1 
ATOM   563  O  OD2 . ASP A 1 71  ? -16.901 5.288   14.207  1.00 139.66 ? 91  ASP A OD2 1 
ATOM   564  N  N   . ASP A 1 72  ? -13.232 1.766   12.377  1.00 87.64  ? 92  ASP A N   1 
ATOM   565  C  CA  . ASP A 1 72  ? -12.415 0.589   12.732  1.00 86.24  ? 92  ASP A CA  1 
ATOM   566  C  C   . ASP A 1 72  ? -11.176 0.423   11.789  1.00 82.06  ? 92  ASP A C   1 
ATOM   567  O  O   . ASP A 1 72  ? -10.311 -0.442  12.012  1.00 70.91  ? 92  ASP A O   1 
ATOM   568  C  CB  . ASP A 1 72  ? -13.304 -0.683  12.908  1.00 87.88  ? 92  ASP A CB  1 
ATOM   569  C  CG  . ASP A 1 72  ? -14.291 -0.947  11.707  1.00 106.67 ? 92  ASP A CG  1 
ATOM   570  O  OD1 . ASP A 1 72  ? -14.545 -0.086  10.814  1.00 104.27 ? 92  ASP A OD1 1 
ATOM   571  O  OD2 . ASP A 1 72  ? -14.835 -2.071  11.662  1.00 103.81 ? 92  ASP A OD2 1 
ATOM   572  N  N   . PHE A 1 73  ? -11.123 1.297   10.763  1.00 77.55  ? 93  PHE A N   1 
ATOM   573  C  CA  . PHE A 1 73  ? -9.996  1.478   9.833   1.00 66.38  ? 93  PHE A CA  1 
ATOM   574  C  C   . PHE A 1 73  ? -9.501  2.925   9.727   1.00 63.43  ? 93  PHE A C   1 
ATOM   575  O  O   . PHE A 1 73  ? -8.993  3.435   10.731  1.00 59.18  ? 93  PHE A O   1 
ATOM   576  C  CB  . PHE A 1 73  ? -10.287 0.827   8.483   1.00 70.05  ? 93  PHE A CB  1 
ATOM   577  C  CG  . PHE A 1 73  ? -10.351 -0.642  8.590   1.00 83.45  ? 93  PHE A CG  1 
ATOM   578  C  CD1 . PHE A 1 73  ? -9.186  -1.398  8.547   1.00 80.72  ? 93  PHE A CD1 1 
ATOM   579  C  CD2 . PHE A 1 73  ? -11.564 -1.275  8.880   1.00 84.90  ? 93  PHE A CD2 1 
ATOM   580  C  CE1 . PHE A 1 73  ? -9.241  -2.765  8.730   1.00 83.97  ? 93  PHE A CE1 1 
ATOM   581  C  CE2 . PHE A 1 73  ? -11.622 -2.641  9.068   1.00 72.58  ? 93  PHE A CE2 1 
ATOM   582  C  CZ  . PHE A 1 73  ? -10.460 -3.387  8.987   1.00 82.00  ? 93  PHE A CZ  1 
ATOM   583  N  N   . PHE A 1 74  ? -9.627  3.572   8.559   1.00 58.98  ? 94  PHE A N   1 
ATOM   584  C  CA  . PHE A 1 74  ? -8.959  4.865   8.298   1.00 63.04  ? 94  PHE A CA  1 
ATOM   585  C  C   . PHE A 1 74  ? -9.539  6.099   8.990   1.00 69.12  ? 94  PHE A C   1 
ATOM   586  O  O   . PHE A 1 74  ? -8.828  7.103   9.169   1.00 83.64  ? 94  PHE A O   1 
ATOM   587  C  CB  . PHE A 1 74  ? -8.832  5.148   6.805   1.00 65.25  ? 94  PHE A CB  1 
ATOM   588  C  CG  . PHE A 1 74  ? -7.721  4.389   6.129   1.00 76.13  ? 94  PHE A CG  1 
ATOM   589  C  CD1 . PHE A 1 74  ? -6.365  4.685   6.407   1.00 77.79  ? 94  PHE A CD1 1 
ATOM   590  C  CD2 . PHE A 1 74  ? -8.012  3.393   5.183   1.00 73.30  ? 94  PHE A CD2 1 
ATOM   591  C  CE1 . PHE A 1 74  ? -5.326  3.991   5.770   1.00 78.39  ? 94  PHE A CE1 1 
ATOM   592  C  CE2 . PHE A 1 74  ? -6.979  2.703   4.546   1.00 78.86  ? 94  PHE A CE2 1 
ATOM   593  C  CZ  . PHE A 1 74  ? -5.634  2.999   4.838   1.00 78.39  ? 94  PHE A CZ  1 
ATOM   594  N  N   . LYS A 1 75  ? -10.819 6.001   9.361   1.00 64.55  ? 95  LYS A N   1 
ATOM   595  C  CA  . LYS A 1 75  ? -11.643 7.064   9.931   1.00 59.62  ? 95  LYS A CA  1 
ATOM   596  C  C   . LYS A 1 75  ? -11.551 8.317   9.097   1.00 57.48  ? 95  LYS A C   1 
ATOM   597  O  O   . LYS A 1 75  ? -11.272 9.403   9.611   1.00 55.17  ? 95  LYS A O   1 
ATOM   598  C  CB  . LYS A 1 75  ? -11.317 7.316   11.398  1.00 66.77  ? 95  LYS A CB  1 
ATOM   599  C  CG  . LYS A 1 75  ? -12.492 7.875   12.205  1.00 83.71  ? 95  LYS A CG  1 
ATOM   600  C  CD  . LYS A 1 75  ? -12.067 8.120   13.655  1.00 91.88  ? 95  LYS A CD  1 
ATOM   601  C  CE  . LYS A 1 75  ? -13.213 8.366   14.621  1.00 85.92  ? 95  LYS A CE  1 
ATOM   602  N  NZ  . LYS A 1 75  ? -12.612 8.194   15.968  1.00 92.83  ? 95  LYS A NZ  1 
ATOM   603  N  N   . ALA A 1 76  ? -11.763 8.131   7.795   1.00 57.70  ? 96  ALA A N   1 
ATOM   604  C  CA  . ALA A 1 76  ? -11.669 9.196   6.783   1.00 64.55  ? 96  ALA A CA  1 
ATOM   605  C  C   . ALA A 1 76  ? -12.478 10.470  7.036   1.00 69.32  ? 96  ALA A C   1 
ATOM   606  O  O   . ALA A 1 76  ? -12.106 11.526  6.516   1.00 72.40  ? 96  ALA A O   1 
ATOM   607  C  CB  . ALA A 1 76  ? -12.026 8.639   5.419   1.00 70.59  ? 96  ALA A CB  1 
ATOM   608  N  N   . LYS A 1 77  ? -13.594 10.361  7.772   1.00 71.43  ? 97  LYS A N   1 
ATOM   609  C  CA  . LYS A 1 77  ? -14.367 11.548  8.144   1.00 70.32  ? 97  LYS A CA  1 
ATOM   610  C  C   . LYS A 1 77  ? -13.408 12.486  8.915   1.00 64.74  ? 97  LYS A C   1 
ATOM   611  O  O   . LYS A 1 77  ? -13.146 13.566  8.422   1.00 74.13  ? 97  LYS A O   1 
ATOM   612  C  CB  . LYS A 1 77  ? -15.698 11.212  8.866   1.00 64.17  ? 97  LYS A CB  1 
ATOM   613  N  N   . LYS A 1 78  ? -12.814 12.034  10.032  1.00 57.95  ? 98  LYS A N   1 
ATOM   614  C  CA  . LYS A 1 78  ? -11.801 12.802  10.845  1.00 54.53  ? 98  LYS A CA  1 
ATOM   615  C  C   . LYS A 1 78  ? -10.413 12.998  10.172  1.00 62.35  ? 98  LYS A C   1 
ATOM   616  O  O   . LYS A 1 78  ? -9.854  14.090  10.246  1.00 79.65  ? 98  LYS A O   1 
ATOM   617  C  CB  . LYS A 1 78  ? -11.654 12.155  12.244  1.00 48.62  ? 98  LYS A CB  1 
ATOM   618  C  CG  . LYS A 1 78  ? -10.907 12.878  13.379  1.00 48.87  ? 98  LYS A CG  1 
ATOM   619  C  CD  . LYS A 1 78  ? -11.443 12.473  14.774  1.00 48.12  ? 98  LYS A CD  1 
ATOM   620  C  CE  . LYS A 1 78  ? -10.507 12.746  15.958  1.00 57.37  ? 98  LYS A CE  1 
ATOM   621  N  NZ  . LYS A 1 78  ? -11.097 13.172  17.293  1.00 59.24  ? 98  LYS A NZ  1 
ATOM   622  N  N   . TYR A 1 79  ? -9.864  11.963  9.518   1.00 64.28  ? 99  TYR A N   1 
ATOM   623  C  CA  . TYR A 1 79  ? -8.486  11.992  8.987   1.00 56.47  ? 99  TYR A CA  1 
ATOM   624  C  C   . TYR A 1 79  ? -8.546  11.568  7.535   1.00 60.54  ? 99  TYR A C   1 
ATOM   625  O  O   . TYR A 1 79  ? -8.305  10.407  7.207   1.00 67.02  ? 99  TYR A O   1 
ATOM   626  C  CB  . TYR A 1 79  ? -7.549  11.065  9.761   1.00 47.28  ? 99  TYR A CB  1 
ATOM   627  C  CG  . TYR A 1 79  ? -7.591  11.159  11.276  1.00 50.58  ? 99  TYR A CG  1 
ATOM   628  C  CD1 . TYR A 1 79  ? -6.773  12.072  12.007  1.00 54.19  ? 99  TYR A CD1 1 
ATOM   629  C  CD2 . TYR A 1 79  ? -8.421  10.315  12.008  1.00 52.51  ? 99  TYR A CD2 1 
ATOM   630  C  CE1 . TYR A 1 79  ? -6.802  12.134  13.435  1.00 53.19  ? 99  TYR A CE1 1 
ATOM   631  C  CE2 . TYR A 1 79  ? -8.453  10.356  13.418  1.00 58.33  ? 99  TYR A CE2 1 
ATOM   632  C  CZ  . TYR A 1 79  ? -7.664  11.263  14.133  1.00 56.20  ? 99  TYR A CZ  1 
ATOM   633  O  OH  . TYR A 1 79  ? -7.801  11.246  15.516  1.00 61.96  ? 99  TYR A OH  1 
ATOM   634  N  N   . PRO A 1 80  ? -8.894  12.506  6.650   1.00 70.06  ? 100 PRO A N   1 
ATOM   635  C  CA  . PRO A 1 80  ? -9.141  12.211  5.204   1.00 70.08  ? 100 PRO A CA  1 
ATOM   636  C  C   . PRO A 1 80  ? -7.911  11.871  4.352   1.00 68.63  ? 100 PRO A C   1 
ATOM   637  O  O   . PRO A 1 80  ? -8.043  11.392  3.198   1.00 77.62  ? 100 PRO A O   1 
ATOM   638  C  CB  . PRO A 1 80  ? -9.749  13.523  4.680   1.00 61.17  ? 100 PRO A CB  1 
ATOM   639  C  CG  . PRO A 1 80  ? -9.190  14.566  5.607   1.00 57.64  ? 100 PRO A CG  1 
ATOM   640  C  CD  . PRO A 1 80  ? -9.164  13.923  6.976   1.00 59.56  ? 100 PRO A CD  1 
ATOM   641  N  N   . ASP A 1 81  ? -6.732  12.166  4.875   1.00 62.97  ? 101 ASP A N   1 
ATOM   642  C  CA  . ASP A 1 81  ? -5.536  11.877  4.090   1.00 75.00  ? 101 ASP A CA  1 
ATOM   643  C  C   . ASP A 1 81  ? -4.334  11.268  4.846   1.00 70.46  ? 101 ASP A C   1 
ATOM   644  O  O   . ASP A 1 81  ? -4.177  11.500  6.043   1.00 61.04  ? 101 ASP A O   1 
ATOM   645  C  CB  . ASP A 1 81  ? -5.162  13.054  3.154   1.00 82.38  ? 101 ASP A CB  1 
ATOM   646  C  CG  . ASP A 1 81  ? -5.282  14.408  3.802   1.00 76.61  ? 101 ASP A CG  1 
ATOM   647  O  OD1 . ASP A 1 81  ? -5.309  14.502  5.045   1.00 88.19  ? 101 ASP A OD1 1 
ATOM   648  O  OD2 . ASP A 1 81  ? -5.335  15.387  3.039   1.00 68.87  ? 101 ASP A OD2 1 
ATOM   649  N  N   . MET A 1 82  ? -3.547  10.419  4.173   1.00 65.99  ? 102 MET A N   1 
ATOM   650  C  CA  . MET A 1 82  ? -2.274  10.024  4.754   1.00 61.57  ? 102 MET A CA  1 
ATOM   651  C  C   . MET A 1 82  ? -1.158  10.714  4.000   1.00 60.27  ? 102 MET A C   1 
ATOM   652  O  O   . MET A 1 82  ? -1.277  10.996  2.793   1.00 61.16  ? 102 MET A O   1 
ATOM   653  C  CB  . MET A 1 82  ? -2.101  8.512   4.933   1.00 58.17  ? 102 MET A CB  1 
ATOM   654  C  CG  . MET A 1 82  ? -1.822  7.718   3.681   1.00 65.31  ? 102 MET A CG  1 
ATOM   655  S  SD  . MET A 1 82  ? -1.706  5.937   4.004   1.00 66.94  ? 102 MET A SD  1 
ATOM   656  C  CE  . MET A 1 82  ? -0.620  5.929   5.390   1.00 64.16  ? 102 MET A CE  1 
ATOM   657  N  N   . THR A 1 83  ? -0.120  11.042  4.760   1.00 54.53  ? 103 THR A N   1 
ATOM   658  C  CA  . THR A 1 83  ? 0.992   11.835  4.298   1.00 54.19  ? 103 THR A CA  1 
ATOM   659  C  C   . THR A 1 83  ? 2.336   11.146  4.587   1.00 57.34  ? 103 THR A C   1 
ATOM   660  O  O   . THR A 1 83  ? 2.563   10.565  5.668   1.00 54.78  ? 103 THR A O   1 
ATOM   661  C  CB  . THR A 1 83  ? 1.029   13.222  4.982   1.00 54.02  ? 103 THR A CB  1 
ATOM   662  O  OG1 . THR A 1 83  ? 1.358   13.070  6.376   1.00 51.19  ? 103 THR A OG1 1 
ATOM   663  C  CG2 . THR A 1 83  ? -0.286  13.942  4.826   1.00 49.97  ? 103 THR A CG2 1 
ATOM   664  N  N   . PHE A 1 84  ? 3.219   11.234  3.596   1.00 58.64  ? 104 PHE A N   1 
ATOM   665  C  CA  . PHE A 1 84  ? 4.598   10.841  3.744   1.00 56.39  ? 104 PHE A CA  1 
ATOM   666  C  C   . PHE A 1 84  ? 5.532   12.023  3.495   1.00 57.45  ? 104 PHE A C   1 
ATOM   667  O  O   . PHE A 1 84  ? 5.376   12.726  2.506   1.00 62.45  ? 104 PHE A O   1 
ATOM   668  C  CB  . PHE A 1 84  ? 4.954   9.730   2.765   1.00 56.27  ? 104 PHE A CB  1 
ATOM   669  C  CG  . PHE A 1 84  ? 6.363   9.311   2.896   1.00 56.34  ? 104 PHE A CG  1 
ATOM   670  C  CD1 . PHE A 1 84  ? 6.784   8.620   4.035   1.00 59.47  ? 104 PHE A CD1 1 
ATOM   671  C  CD2 . PHE A 1 84  ? 7.292   9.677   1.953   1.00 51.96  ? 104 PHE A CD2 1 
ATOM   672  C  CE1 . PHE A 1 84  ? 8.109   8.258   4.204   1.00 57.17  ? 104 PHE A CE1 1 
ATOM   673  C  CE2 . PHE A 1 84  ? 8.618   9.318   2.117   1.00 50.77  ? 104 PHE A CE2 1 
ATOM   674  C  CZ  . PHE A 1 84  ? 9.030   8.616   3.242   1.00 54.08  ? 104 PHE A CZ  1 
ATOM   675  N  N   . THR A 1 85  ? 6.525   12.192  4.361   1.00 55.24  ? 105 THR A N   1 
ATOM   676  C  CA  . THR A 1 85  ? 7.512   13.257  4.260   1.00 53.28  ? 105 THR A CA  1 
ATOM   677  C  C   . THR A 1 85  ? 8.940   12.759  4.369   1.00 54.28  ? 105 THR A C   1 
ATOM   678  O  O   . THR A 1 85  ? 9.355   12.314  5.459   1.00 57.95  ? 105 THR A O   1 
ATOM   679  C  CB  . THR A 1 85  ? 7.247   14.291  5.350   1.00 56.14  ? 105 THR A CB  1 
ATOM   680  O  OG1 . THR A 1 85  ? 6.220   15.131  4.860   1.00 70.83  ? 105 THR A OG1 1 
ATOM   681  C  CG2 . THR A 1 85  ? 8.455   15.178  5.628   1.00 59.86  ? 105 THR A CG2 1 
ATOM   682  N  N   . MET A 1 86  ? 9.702   12.866  3.272   1.00 50.02  ? 106 MET A N   1 
ATOM   683  C  CA  . MET A 1 86  ? 11.076  12.376  3.283   1.00 53.06  ? 106 MET A CA  1 
ATOM   684  C  C   . MET A 1 86  ? 11.932  13.178  4.227   1.00 51.20  ? 106 MET A C   1 
ATOM   685  O  O   . MET A 1 86  ? 11.916  14.375  4.164   1.00 54.10  ? 106 MET A O   1 
ATOM   686  C  CB  . MET A 1 86  ? 11.701  12.421  1.913   1.00 56.79  ? 106 MET A CB  1 
ATOM   687  C  CG  . MET A 1 86  ? 13.007  11.634  1.915   1.00 60.62  ? 106 MET A CG  1 
ATOM   688  S  SD  . MET A 1 86  ? 13.889  11.857  0.377   1.00 63.61  ? 106 MET A SD  1 
ATOM   689  C  CE  . MET A 1 86  ? 14.748  13.343  0.847   1.00 48.53  ? 106 MET A CE  1 
ATOM   690  N  N   . LYS A 1 87  ? 12.677  12.528  5.102   1.00 55.17  ? 107 LYS A N   1 
ATOM   691  C  CA  . LYS A 1 87  ? 13.583  13.263  5.998   1.00 58.79  ? 107 LYS A CA  1 
ATOM   692  C  C   . LYS A 1 87  ? 15.069  13.126  5.630   1.00 58.73  ? 107 LYS A C   1 
ATOM   693  O  O   . LYS A 1 87  ? 15.882  13.941  6.048   1.00 63.76  ? 107 LYS A O   1 
ATOM   694  C  CB  . LYS A 1 87  ? 13.337  12.894  7.469   1.00 58.55  ? 107 LYS A CB  1 
ATOM   695  C  CG  . LYS A 1 87  ? 12.173  13.662  8.088   1.00 70.39  ? 107 LYS A CG  1 
ATOM   696  C  CD  . LYS A 1 87  ? 11.877  13.193  9.508   1.00 81.35  ? 107 LYS A CD  1 
ATOM   697  C  CE  . LYS A 1 87  ? 13.035  13.453  10.464  1.00 91.79  ? 107 LYS A CE  1 
ATOM   698  N  NZ  . LYS A 1 87  ? 12.625  13.111  11.848  1.00 90.52  ? 107 LYS A NZ  1 
ATOM   699  N  N   . LYS A 1 88  ? 15.417  12.123  4.824   1.00 62.70  ? 108 LYS A N   1 
ATOM   700  C  CA  . LYS A 1 88  ? 16.811  11.702  4.640   1.00 60.50  ? 108 LYS A CA  1 
ATOM   701  C  C   . LYS A 1 88  ? 16.818  10.754  3.445   1.00 63.90  ? 108 LYS A C   1 
ATOM   702  O  O   . LYS A 1 88  ? 15.969  9.841   3.346   1.00 71.15  ? 108 LYS A O   1 
ATOM   703  C  CB  . LYS A 1 88  ? 17.241  10.963  5.903   1.00 61.00  ? 108 LYS A CB  1 
ATOM   704  C  CG  . LYS A 1 88  ? 18.699  10.876  6.264   1.00 64.38  ? 108 LYS A CG  1 
ATOM   705  C  CD  . LYS A 1 88  ? 18.830  9.659   7.182   1.00 74.43  ? 108 LYS A CD  1 
ATOM   706  C  CE  . LYS A 1 88  ? 20.008  9.780   8.138   1.00 86.53  ? 108 LYS A CE  1 
ATOM   707  N  NZ  . LYS A 1 88  ? 19.597  9.958   9.563   1.00 101.13 ? 108 LYS A NZ  1 
ATOM   708  N  N   . TYR A 1 89  ? 17.736  10.980  2.513   1.00 61.52  ? 109 TYR A N   1 
ATOM   709  C  CA  . TYR A 1 89  ? 18.033  9.942   1.523   1.00 60.33  ? 109 TYR A CA  1 
ATOM   710  C  C   . TYR A 1 89  ? 19.488  9.567   1.677   1.00 60.55  ? 109 TYR A C   1 
ATOM   711  O  O   . TYR A 1 89  ? 20.346  10.436  1.724   1.00 73.20  ? 109 TYR A O   1 
ATOM   712  C  CB  . TYR A 1 89  ? 17.702  10.389  0.116   1.00 52.40  ? 109 TYR A CB  1 
ATOM   713  C  CG  . TYR A 1 89  ? 17.913  9.321   -0.921  1.00 59.35  ? 109 TYR A CG  1 
ATOM   714  C  CD1 . TYR A 1 89  ? 16.904  8.415   -1.257  1.00 57.43  ? 109 TYR A CD1 1 
ATOM   715  C  CD2 . TYR A 1 89  ? 19.123  9.229   -1.612  1.00 64.14  ? 109 TYR A CD2 1 
ATOM   716  C  CE1 . TYR A 1 89  ? 17.115  7.437   -2.249  1.00 55.63  ? 109 TYR A CE1 1 
ATOM   717  C  CE2 . TYR A 1 89  ? 19.329  8.250   -2.596  1.00 58.44  ? 109 TYR A CE2 1 
ATOM   718  C  CZ  . TYR A 1 89  ? 18.328  7.360   -2.915  1.00 52.39  ? 109 TYR A CZ  1 
ATOM   719  O  OH  . TYR A 1 89  ? 18.599  6.409   -3.885  1.00 55.48  ? 109 TYR A OH  1 
ATOM   720  N  N   . GLU A 1 90  ? 19.753  8.277   1.834   1.00 58.50  ? 110 GLU A N   1 
ATOM   721  C  CA  . GLU A 1 90  ? 21.111  7.777   2.029   1.00 58.02  ? 110 GLU A CA  1 
ATOM   722  C  C   . GLU A 1 90  ? 21.424  6.906   0.822   1.00 63.52  ? 110 GLU A C   1 
ATOM   723  O  O   . GLU A 1 90  ? 20.888  5.785   0.742   1.00 65.29  ? 110 GLU A O   1 
ATOM   724  C  CB  . GLU A 1 90  ? 21.228  6.966   3.334   1.00 53.87  ? 110 GLU A CB  1 
ATOM   725  C  CG  . GLU A 1 90  ? 20.972  7.756   4.620   1.00 53.34  ? 110 GLU A CG  1 
ATOM   726  C  CD  . GLU A 1 90  ? 20.985  6.904   5.899   1.00 60.48  ? 110 GLU A CD  1 
ATOM   727  O  OE1 . GLU A 1 90  ? 21.821  7.222   6.779   1.00 65.11  ? 110 GLU A OE1 1 
ATOM   728  O  OE2 . GLU A 1 90  ? 20.188  5.926   6.060   1.00 60.22  ? 110 GLU A OE2 1 
ATOM   729  N  N   . LYS A 1 91  ? 22.256  7.420   -0.111  1.00 63.85  ? 111 LYS A N   1 
ATOM   730  C  CA  . LYS A 1 91  ? 22.576  6.724   -1.396  1.00 64.96  ? 111 LYS A CA  1 
ATOM   731  C  C   . LYS A 1 91  ? 23.333  5.424   -1.151  1.00 64.42  ? 111 LYS A C   1 
ATOM   732  O  O   . LYS A 1 91  ? 24.231  5.396   -0.307  1.00 59.80  ? 111 LYS A O   1 
ATOM   733  C  CB  . LYS A 1 91  ? 23.428  7.599   -2.342  1.00 70.70  ? 111 LYS A CB  1 
ATOM   734  C  CG  . LYS A 1 91  ? 23.127  7.399   -3.842  1.00 77.34  ? 111 LYS A CG  1 
ATOM   735  C  CD  . LYS A 1 91  ? 24.372  7.226   -4.730  1.00 81.26  ? 111 LYS A CD  1 
ATOM   736  C  CE  . LYS A 1 91  ? 25.178  8.492   -5.074  1.00 76.05  ? 111 LYS A CE  1 
ATOM   737  N  NZ  . LYS A 1 91  ? 25.765  8.370   -6.447  1.00 63.99  ? 111 LYS A NZ  1 
ATOM   738  N  N   . ILE A 1 92  ? 22.961  4.341   -1.847  1.00 58.96  ? 112 ILE A N   1 
ATOM   739  C  CA  . ILE A 1 92  ? 23.814  3.151   -1.804  1.00 57.00  ? 112 ILE A CA  1 
ATOM   740  C  C   . ILE A 1 92  ? 24.666  3.172   -3.051  1.00 59.33  ? 112 ILE A C   1 
ATOM   741  O  O   . ILE A 1 92  ? 25.876  3.190   -2.944  1.00 53.14  ? 112 ILE A O   1 
ATOM   742  C  CB  . ILE A 1 92  ? 23.052  1.830   -1.589  1.00 55.57  ? 112 ILE A CB  1 
ATOM   743  C  CG1 . ILE A 1 92  ? 22.594  1.791   -0.136  1.00 51.95  ? 112 ILE A CG1 1 
ATOM   744  C  CG2 . ILE A 1 92  ? 23.910  0.584   -1.925  1.00 43.36  ? 112 ILE A CG2 1 
ATOM   745  C  CD1 . ILE A 1 92  ? 21.358  0.950   0.060   1.00 55.71  ? 112 ILE A CD1 1 
ATOM   746  N  N   . ASP A 1 93  ? 24.020  3.154   -4.212  1.00 59.92  ? 113 ASP A N   1 
ATOM   747  C  CA  . ASP A 1 93  ? 24.645  3.472   -5.474  1.00 57.48  ? 113 ASP A CA  1 
ATOM   748  C  C   . ASP A 1 93  ? 23.566  4.171   -6.312  1.00 59.62  ? 113 ASP A C   1 
ATOM   749  O  O   . ASP A 1 93  ? 22.556  4.659   -5.764  1.00 83.65  ? 113 ASP A O   1 
ATOM   750  C  CB  . ASP A 1 93  ? 25.264  2.212   -6.110  1.00 54.42  ? 113 ASP A CB  1 
ATOM   751  C  CG  . ASP A 1 93  ? 24.239  1.110   -6.420  1.00 60.91  ? 113 ASP A CG  1 
ATOM   752  O  OD1 . ASP A 1 93  ? 23.058  1.427   -6.728  1.00 58.06  ? 113 ASP A OD1 1 
ATOM   753  O  OD2 . ASP A 1 93  ? 24.637  -0.090  -6.401  1.00 63.75  ? 113 ASP A OD2 1 
ATOM   754  N  N   . ASN A 1 94  ? 23.752  4.233   -7.619  1.00 62.10  ? 114 ASN A N   1 
ATOM   755  C  CA  . ASN A 1 94  ? 22.791  4.919   -8.496  1.00 65.44  ? 114 ASN A CA  1 
ATOM   756  C  C   . ASN A 1 94  ? 21.505  4.156   -8.701  1.00 67.67  ? 114 ASN A C   1 
ATOM   757  O  O   . ASN A 1 94  ? 20.559  4.720   -9.216  1.00 86.40  ? 114 ASN A O   1 
ATOM   758  C  CB  . ASN A 1 94  ? 23.371  5.213   -9.880  1.00 67.07  ? 114 ASN A CB  1 
ATOM   759  C  CG  . ASN A 1 94  ? 24.580  6.123   -9.856  1.00 70.41  ? 114 ASN A CG  1 
ATOM   760  O  OD1 . ASN A 1 94  ? 25.054  6.621   -8.806  1.00 73.25  ? 114 ASN A OD1 1 
ATOM   761  N  ND2 . ASN A 1 94  ? 25.105  6.345   -11.044 1.00 83.93  ? 114 ASN A ND2 1 
ATOM   762  N  N   . GLU A 1 95  ? 21.441  2.884   -8.344  1.00 68.70  ? 115 GLU A N   1 
ATOM   763  C  CA  . GLU A 1 95  ? 20.172  2.181   -8.524  1.00 73.46  ? 115 GLU A CA  1 
ATOM   764  C  C   . GLU A 1 95  ? 19.361  2.093   -7.259  1.00 74.75  ? 115 GLU A C   1 
ATOM   765  O  O   . GLU A 1 95  ? 18.167  1.754   -7.328  1.00 70.38  ? 115 GLU A O   1 
ATOM   766  C  CB  . GLU A 1 95  ? 20.381  0.793   -9.079  1.00 78.64  ? 115 GLU A CB  1 
ATOM   767  C  CG  . GLU A 1 95  ? 21.210  0.820   -10.337 1.00 90.46  ? 115 GLU A CG  1 
ATOM   768  C  CD  . GLU A 1 95  ? 21.469  -0.560  -10.853 1.00 99.23  ? 115 GLU A CD  1 
ATOM   769  O  OE1 . GLU A 1 95  ? 21.826  -1.438  -10.025 1.00 110.59 ? 115 GLU A OE1 1 
ATOM   770  O  OE2 . GLU A 1 95  ? 21.307  -0.741  -12.079 1.00 96.24  ? 115 GLU A OE2 1 
ATOM   771  N  N   . LYS A 1 96  ? 20.010  2.424   -6.131  1.00 68.27  ? 116 LYS A N   1 
ATOM   772  C  CA  . LYS A 1 96  ? 19.598  1.960   -4.807  1.00 62.98  ? 116 LYS A CA  1 
ATOM   773  C  C   . LYS A 1 96  ? 19.884  2.974   -3.717  1.00 60.41  ? 116 LYS A C   1 
ATOM   774  O  O   . LYS A 1 96  ? 20.984  3.548   -3.618  1.00 56.27  ? 116 LYS A O   1 
ATOM   775  C  CB  . LYS A 1 96  ? 20.267  0.599   -4.470  1.00 66.43  ? 116 LYS A CB  1 
ATOM   776  C  CG  . LYS A 1 96  ? 19.533  -0.621  -5.026  1.00 75.82  ? 116 LYS A CG  1 
ATOM   777  C  CD  . LYS A 1 96  ? 20.398  -1.875  -5.211  1.00 92.84  ? 116 LYS A CD  1 
ATOM   778  C  CE  . LYS A 1 96  ? 19.690  -2.943  -6.067  1.00 100.86 ? 116 LYS A CE  1 
ATOM   779  N  NZ  . LYS A 1 96  ? 20.355  -4.281  -6.189  1.00 99.75  ? 116 LYS A NZ  1 
ATOM   780  N  N   . GLY A 1 97  ? 18.881  3.186   -2.878  1.00 57.04  ? 117 GLY A N   1 
ATOM   781  C  CA  . GLY A 1 97  ? 19.104  3.991   -1.683  1.00 57.03  ? 117 GLY A CA  1 
ATOM   782  C  C   . GLY A 1 97  ? 18.114  3.680   -0.600  1.00 52.19  ? 117 GLY A C   1 
ATOM   783  O  O   . GLY A 1 97  ? 17.080  3.071   -0.862  1.00 58.48  ? 117 GLY A O   1 
ATOM   784  N  N   . LYS A 1 98  ? 18.443  4.122   0.605   1.00 49.35  ? 118 LYS A N   1 
ATOM   785  C  CA  . LYS A 1 98  ? 17.613  3.990   1.790   1.00 49.78  ? 118 LYS A CA  1 
ATOM   786  C  C   . LYS A 1 98  ? 16.945  5.359   2.024   1.00 48.74  ? 118 LYS A C   1 
ATOM   787  O  O   . LYS A 1 98  ? 17.643  6.346   2.256   1.00 46.63  ? 118 LYS A O   1 
ATOM   788  C  CB  . LYS A 1 98  ? 18.531  3.668   2.951   1.00 49.64  ? 118 LYS A CB  1 
ATOM   789  C  CG  . LYS A 1 98  ? 18.055  2.660   3.954   1.00 59.68  ? 118 LYS A CG  1 
ATOM   790  C  CD  . LYS A 1 98  ? 18.506  3.100   5.356   1.00 72.51  ? 118 LYS A CD  1 
ATOM   791  C  CE  . LYS A 1 98  ? 18.471  2.023   6.442   1.00 68.16  ? 118 LYS A CE  1 
ATOM   792  N  NZ  . LYS A 1 98  ? 19.047  2.672   7.641   1.00 65.65  ? 118 LYS A NZ  1 
ATOM   793  N  N   . MET A 1 99  ? 15.607  5.424   1.920   1.00 48.46  ? 119 MET A N   1 
ATOM   794  C  CA  . MET A 1 99  ? 14.837  6.648   2.206   1.00 47.67  ? 119 MET A CA  1 
ATOM   795  C  C   . MET A 1 99  ? 14.210  6.587   3.596   1.00 50.98  ? 119 MET A C   1 
ATOM   796  O  O   . MET A 1 99  ? 13.574  5.607   3.929   1.00 57.23  ? 119 MET A O   1 
ATOM   797  C  CB  . MET A 1 99  ? 13.742  6.827   1.186   1.00 44.57  ? 119 MET A CB  1 
ATOM   798  C  CG  . MET A 1 99  ? 13.186  8.229   1.194   1.00 47.36  ? 119 MET A CG  1 
ATOM   799  S  SD  . MET A 1 99  ? 12.087  8.561   -0.201  1.00 58.57  ? 119 MET A SD  1 
ATOM   800  C  CE  . MET A 1 99  ? 13.215  8.811   -1.569  1.00 62.99  ? 119 MET A CE  1 
ATOM   801  N  N   . THR A 1 100 ? 14.416  7.620   4.405   1.00 47.43  ? 120 THR A N   1 
ATOM   802  C  CA  . THR A 1 100 ? 13.793  7.728   5.722   1.00 49.77  ? 120 THR A CA  1 
ATOM   803  C  C   . THR A 1 100 ? 12.816  8.905   5.756   1.00 55.57  ? 120 THR A C   1 
ATOM   804  O  O   . THR A 1 100 ? 13.151  10.018  5.350   1.00 58.38  ? 120 THR A O   1 
ATOM   805  C  CB  . THR A 1 100 ? 14.854  7.863   6.827   1.00 48.67  ? 120 THR A CB  1 
ATOM   806  O  OG1 . THR A 1 100 ? 15.586  6.642   6.891   1.00 52.90  ? 120 THR A OG1 1 
ATOM   807  C  CG2 . THR A 1 100 ? 14.234  8.098   8.205   1.00 45.00  ? 120 THR A CG2 1 
ATOM   808  N  N   . GLY A 1 101 ? 11.604  8.649   6.237   1.00 54.96  ? 121 GLY A N   1 
ATOM   809  C  CA  . GLY A 1 101 ? 10.561  9.652   6.239   1.00 53.62  ? 121 GLY A CA  1 
ATOM   810  C  C   . GLY A 1 101 ? 9.474   9.426   7.261   1.00 55.36  ? 121 GLY A C   1 
ATOM   811  O  O   . GLY A 1 101 ? 9.426   8.395   7.928   1.00 56.70  ? 121 GLY A O   1 
ATOM   812  N  N   . THR A 1 102 ? 8.597   10.412  7.387   1.00 53.81  ? 122 THR A N   1 
ATOM   813  C  CA  . THR A 1 102 ? 7.531   10.374  8.371   1.00 49.83  ? 122 THR A CA  1 
ATOM   814  C  C   . THR A 1 102 ? 6.265   10.012  7.660   1.00 50.30  ? 122 THR A C   1 
ATOM   815  O  O   . THR A 1 102 ? 5.802   10.740  6.766   1.00 52.54  ? 122 THR A O   1 
ATOM   816  C  CB  . THR A 1 102 ? 7.365   11.731  9.067   1.00 50.06  ? 122 THR A CB  1 
ATOM   817  O  OG1 . THR A 1 102 ? 8.549   12.002  9.808   1.00 52.63  ? 122 THR A OG1 1 
ATOM   818  C  CG2 . THR A 1 102 ? 6.217   11.712  10.043  1.00 51.07  ? 122 THR A CG2 1 
ATOM   819  N  N   . LEU A 1 103 ? 5.709   8.873   8.058   1.00 50.04  ? 123 LEU A N   1 
ATOM   820  C  CA  . LEU A 1 103 ? 4.409   8.457   7.575   1.00 47.45  ? 123 LEU A CA  1 
ATOM   821  C  C   . LEU A 1 103 ? 3.402   8.868   8.622   1.00 48.19  ? 123 LEU A C   1 
ATOM   822  O  O   . LEU A 1 103 ? 3.684   8.788   9.838   1.00 45.14  ? 123 LEU A O   1 
ATOM   823  C  CB  . LEU A 1 103 ? 4.382   6.949   7.387   1.00 48.30  ? 123 LEU A CB  1 
ATOM   824  C  CG  . LEU A 1 103 ? 3.169   6.406   6.631   1.00 49.37  ? 123 LEU A CG  1 
ATOM   825  C  CD1 . LEU A 1 103 ? 3.074   7.043   5.254   1.00 45.91  ? 123 LEU A CD1 1 
ATOM   826  C  CD2 . LEU A 1 103 ? 3.265   4.888   6.529   1.00 48.28  ? 123 LEU A CD2 1 
ATOM   827  N  N   . THR A 1 104 ? 2.241   9.328   8.162   1.00 49.38  ? 124 THR A N   1 
ATOM   828  C  CA  . THR A 1 104 ? 1.150   9.662   9.084   1.00 54.18  ? 124 THR A CA  1 
ATOM   829  C  C   . THR A 1 104 ? -0.091  9.006   8.612   1.00 55.53  ? 124 THR A C   1 
ATOM   830  O  O   . THR A 1 104 ? -0.569  9.324   7.518   1.00 59.25  ? 124 THR A O   1 
ATOM   831  C  CB  . THR A 1 104 ? 0.916   11.170  9.185   1.00 51.19  ? 124 THR A CB  1 
ATOM   832  O  OG1 . THR A 1 104 ? 2.138   11.743  9.612   1.00 51.99  ? 124 THR A OG1 1 
ATOM   833  C  CG2 . THR A 1 104 ? -0.104  11.484  10.244  1.00 46.32  ? 124 THR A CG2 1 
ATOM   834  N  N   . ILE A 1 105 ? -0.594  8.085   9.429   1.00 55.35  ? 125 ILE A N   1 
ATOM   835  C  CA  . ILE A 1 105 ? -1.859  7.402   9.138   1.00 58.98  ? 125 ILE A CA  1 
ATOM   836  C  C   . ILE A 1 105 ? -2.784  7.767   10.267  1.00 59.56  ? 125 ILE A C   1 
ATOM   837  O  O   . ILE A 1 105 ? -2.409  7.604   11.449  1.00 53.08  ? 125 ILE A O   1 
ATOM   838  C  CB  . ILE A 1 105 ? -1.735  5.864   9.098   1.00 58.30  ? 125 ILE A CB  1 
ATOM   839  C  CG1 . ILE A 1 105 ? -0.547  5.441   8.254   1.00 56.02  ? 125 ILE A CG1 1 
ATOM   840  C  CG2 . ILE A 1 105 ? -3.009  5.259   8.521   1.00 69.78  ? 125 ILE A CG2 1 
ATOM   841  C  CD1 . ILE A 1 105 ? -0.232  3.964   8.260   1.00 60.12  ? 125 ILE A CD1 1 
ATOM   842  N  N   . ALA A 1 106 ? -3.973  8.271   9.907   1.00 56.65  ? 126 ALA A N   1 
ATOM   843  C  CA  . ALA A 1 106 ? -4.988  8.673   10.908  1.00 58.07  ? 126 ALA A CA  1 
ATOM   844  C  C   . ALA A 1 106 ? -4.410  9.451   12.104  1.00 58.81  ? 126 ALA A C   1 
ATOM   845  O  O   . ALA A 1 106 ? -4.651  9.104   13.269  1.00 63.42  ? 126 ALA A O   1 
ATOM   846  C  CB  . ALA A 1 106 ? -5.772  7.455   11.400  1.00 57.06  ? 126 ALA A CB  1 
ATOM   847  N  N   . GLY A 1 107 ? -3.603  10.471  11.817  1.00 54.20  ? 127 GLY A N   1 
ATOM   848  C  CA  . GLY A 1 107 ? -3.067  11.321  12.870  1.00 49.15  ? 127 GLY A CA  1 
ATOM   849  C  C   . GLY A 1 107 ? -1.971  10.698  13.707  1.00 54.44  ? 127 GLY A C   1 
ATOM   850  O  O   . GLY A 1 107 ? -1.460  11.305  14.654  1.00 61.07  ? 127 GLY A O   1 
ATOM   851  N  N   . VAL A 1 108 ? -1.560  9.491   13.370  1.00 56.46  ? 128 VAL A N   1 
ATOM   852  C  CA  . VAL A 1 108 ? -0.401  8.970   14.069  1.00 53.72  ? 128 VAL A CA  1 
ATOM   853  C  C   . VAL A 1 108 ? 0.792   8.833   13.120  1.00 52.39  ? 128 VAL A C   1 
ATOM   854  O  O   . VAL A 1 108 ? 0.656   8.410   11.941  1.00 46.48  ? 128 VAL A O   1 
ATOM   855  C  CB  . VAL A 1 108 ? -0.765  7.769   14.968  1.00 56.93  ? 128 VAL A CB  1 
ATOM   856  C  CG1 . VAL A 1 108 ? -1.711  6.837   14.254  1.00 68.77  ? 128 VAL A CG1 1 
ATOM   857  C  CG2 . VAL A 1 108 ? 0.461   7.043   15.483  1.00 52.11  ? 128 VAL A CG2 1 
ATOM   858  N  N   . SER A 1 109 ? 1.928   9.314   13.627  1.00 50.79  ? 129 SER A N   1 
ATOM   859  C  CA  . SER A 1 109 ? 3.123   9.524   12.815  1.00 51.61  ? 129 SER A CA  1 
ATOM   860  C  C   . SER A 1 109 ? 4.253   8.699   13.283  1.00 51.59  ? 129 SER A C   1 
ATOM   861  O  O   . SER A 1 109 ? 4.539   8.676   14.458  1.00 52.94  ? 129 SER A O   1 
ATOM   862  C  CB  . SER A 1 109 ? 3.561   10.978  12.879  1.00 54.28  ? 129 SER A CB  1 
ATOM   863  O  OG  . SER A 1 109 ? 2.703   11.738  12.049  1.00 60.14  ? 129 SER A OG  1 
ATOM   864  N  N   . LYS A 1 110 ? 4.909   8.021   12.361  1.00 56.16  ? 130 LYS A N   1 
ATOM   865  C  CA  . LYS A 1 110 ? 6.104   7.282   12.696  1.00 55.96  ? 130 LYS A CA  1 
ATOM   866  C  C   . LYS A 1 110 ? 7.070   7.417   11.521  1.00 54.29  ? 130 LYS A C   1 
ATOM   867  O  O   . LYS A 1 110 ? 6.683   7.683   10.370  1.00 53.45  ? 130 LYS A O   1 
ATOM   868  C  CB  . LYS A 1 110 ? 5.722   5.842   13.075  1.00 66.17  ? 130 LYS A CB  1 
ATOM   869  C  CG  . LYS A 1 110 ? 6.809   4.784   12.907  1.00 84.73  ? 130 LYS A CG  1 
ATOM   870  C  CD  . LYS A 1 110 ? 7.212   4.087   14.201  1.00 89.05  ? 130 LYS A CD  1 
ATOM   871  C  CE  . LYS A 1 110 ? 8.341   3.093   13.949  1.00 77.80  ? 130 LYS A CE  1 
ATOM   872  N  NZ  . LYS A 1 110 ? 8.813   2.598   15.268  1.00 88.58  ? 130 LYS A NZ  1 
ATOM   873  N  N   . ASP A 1 111 ? 8.347   7.311   11.833  1.00 59.01  ? 131 ASP A N   1 
ATOM   874  C  CA  . ASP A 1 111 ? 9.390   7.344   10.814  1.00 57.76  ? 131 ASP A CA  1 
ATOM   875  C  C   . ASP A 1 111 ? 9.667   5.968   10.269  1.00 55.13  ? 131 ASP A C   1 
ATOM   876  O  O   . ASP A 1 111 ? 9.945   5.047   11.012  1.00 59.49  ? 131 ASP A O   1 
ATOM   877  C  CB  . ASP A 1 111 ? 10.671  7.937   11.380  1.00 60.02  ? 131 ASP A CB  1 
ATOM   878  C  CG  . ASP A 1 111 ? 10.596  9.436   11.553  1.00 68.72  ? 131 ASP A CG  1 
ATOM   879  O  OD1 . ASP A 1 111 ? 9.583   10.071  11.144  1.00 76.39  ? 131 ASP A OD1 1 
ATOM   880  O  OD2 . ASP A 1 111 ? 11.567  9.970   12.115  1.00 65.94  ? 131 ASP A OD2 1 
ATOM   881  N  N   . ILE A 1 112 ? 9.590   5.849   8.956   1.00 53.79  ? 132 ILE A N   1 
ATOM   882  C  CA  . ILE A 1 112 ? 9.740   4.574   8.271   1.00 50.93  ? 132 ILE A CA  1 
ATOM   883  C  C   . ILE A 1 112 ? 10.892  4.588   7.264   1.00 50.39  ? 132 ILE A C   1 
ATOM   884  O  O   . ILE A 1 112 ? 11.364  5.646   6.899   1.00 55.47  ? 132 ILE A O   1 
ATOM   885  C  CB  . ILE A 1 112 ? 8.402   4.178   7.637   1.00 46.90  ? 132 ILE A CB  1 
ATOM   886  C  CG1 . ILE A 1 112 ? 8.057   5.070   6.448   1.00 43.90  ? 132 ILE A CG1 1 
ATOM   887  C  CG2 . ILE A 1 112 ? 7.331   4.305   8.700   1.00 45.90  ? 132 ILE A CG2 1 
ATOM   888  C  CD1 . ILE A 1 112 ? 7.096   4.409   5.493   1.00 43.76  ? 132 ILE A CD1 1 
ATOM   889  N  N   . VAL A 1 113 ? 11.388  3.421   6.865   1.00 55.77  ? 133 VAL A N   1 
ATOM   890  C  CA  . VAL A 1 113 ? 12.433  3.359   5.820   1.00 55.71  ? 133 VAL A CA  1 
ATOM   891  C  C   . VAL A 1 113 ? 11.892  2.663   4.595   1.00 54.26  ? 133 VAL A C   1 
ATOM   892  O  O   . VAL A 1 113 ? 11.302  1.599   4.698   1.00 59.34  ? 133 VAL A O   1 
ATOM   893  C  CB  . VAL A 1 113 ? 13.797  2.744   6.267   1.00 56.25  ? 133 VAL A CB  1 
ATOM   894  C  CG1 . VAL A 1 113 ? 14.303  3.412   7.548   1.00 50.04  ? 133 VAL A CG1 1 
ATOM   895  C  CG2 . VAL A 1 113 ? 13.724  1.224   6.435   1.00 64.24  ? 133 VAL A CG2 1 
ATOM   896  N  N   . LEU A 1 114 ? 12.059  3.297   3.444   1.00 57.82  ? 134 LEU A N   1 
ATOM   897  C  CA  . LEU A 1 114 ? 11.696  2.687   2.176   1.00 53.18  ? 134 LEU A CA  1 
ATOM   898  C  C   . LEU A 1 114 ? 12.949  2.387   1.383   1.00 55.28  ? 134 LEU A C   1 
ATOM   899  O  O   . LEU A 1 114 ? 13.958  3.122   1.458   1.00 50.71  ? 134 LEU A O   1 
ATOM   900  C  CB  . LEU A 1 114 ? 10.770  3.590   1.394   1.00 54.60  ? 134 LEU A CB  1 
ATOM   901  C  CG  . LEU A 1 114 ? 9.516   3.990   2.179   1.00 56.32  ? 134 LEU A CG  1 
ATOM   902  C  CD1 . LEU A 1 114 ? 8.804   5.059   1.385   1.00 56.72  ? 134 LEU A CD1 1 
ATOM   903  C  CD2 . LEU A 1 114 ? 8.571   2.822   2.426   1.00 53.87  ? 134 LEU A CD2 1 
ATOM   904  N  N   . ASP A 1 115 ? 12.902  1.275   0.664   1.00 55.63  ? 135 ASP A N   1 
ATOM   905  C  CA  . ASP A 1 115 ? 13.974  0.935   -0.233  1.00 54.48  ? 135 ASP A CA  1 
ATOM   906  C  C   . ASP A 1 115 ? 13.679  1.493   -1.591  1.00 56.22  ? 135 ASP A C   1 
ATOM   907  O  O   . ASP A 1 115 ? 12.717  1.068   -2.282  1.00 55.33  ? 135 ASP A O   1 
ATOM   908  C  CB  . ASP A 1 115 ? 14.234  -0.550  -0.234  1.00 56.16  ? 135 ASP A CB  1 
ATOM   909  C  CG  . ASP A 1 115 ? 14.975  -0.977  1.006   1.00 67.22  ? 135 ASP A CG  1 
ATOM   910  O  OD1 . ASP A 1 115 ? 16.009  -0.339  1.357   1.00 76.86  ? 135 ASP A OD1 1 
ATOM   911  O  OD2 . ASP A 1 115 ? 14.512  -1.931  1.654   1.00 69.36  ? 135 ASP A OD2 1 
ATOM   912  N  N   . ALA A 1 116 ? 14.488  2.513   -1.906  1.00 52.57  ? 136 ALA A N   1 
ATOM   913  C  CA  . ALA A 1 116 ? 14.466  3.214   -3.175  1.00 51.63  ? 136 ALA A CA  1 
ATOM   914  C  C   . ALA A 1 116 ? 15.239  2.372   -4.123  1.00 55.16  ? 136 ALA A C   1 
ATOM   915  O  O   . ALA A 1 116 ? 16.385  1.963   -3.838  1.00 59.15  ? 136 ALA A O   1 
ATOM   916  C  CB  . ALA A 1 116 ? 15.124  4.565   -3.051  1.00 51.13  ? 136 ALA A CB  1 
ATOM   917  N  N   . GLU A 1 117 ? 14.568  2.070   -5.219  1.00 58.23  ? 137 GLU A N   1 
ATOM   918  C  CA  . GLU A 1 117 ? 15.175  1.411   -6.335  1.00 63.23  ? 137 GLU A CA  1 
ATOM   919  C  C   . GLU A 1 117 ? 14.874  2.216   -7.614  1.00 69.53  ? 137 GLU A C   1 
ATOM   920  O  O   . GLU A 1 117 ? 13.732  2.195   -8.118  1.00 68.87  ? 137 GLU A O   1 
ATOM   921  C  CB  . GLU A 1 117 ? 14.669  -0.012  -6.401  1.00 65.77  ? 137 GLU A CB  1 
ATOM   922  C  CG  . GLU A 1 117 ? 15.353  -0.833  -7.474  1.00 92.83  ? 137 GLU A CG  1 
ATOM   923  C  CD  . GLU A 1 117 ? 15.708  -2.241  -7.034  1.00 103.38 ? 137 GLU A CD  1 
ATOM   924  O  OE1 . GLU A 1 117 ? 14.980  -2.835  -6.208  1.00 95.56  ? 137 GLU A OE1 1 
ATOM   925  O  OE2 . GLU A 1 117 ? 16.736  -2.751  -7.538  1.00 132.35 ? 137 GLU A OE2 1 
ATOM   926  N  N   . ILE A 1 118 ? 15.884  2.960   -8.096  1.00 70.83  ? 138 ILE A N   1 
ATOM   927  C  CA  . ILE A 1 118 ? 15.783  3.706   -9.363  1.00 71.49  ? 138 ILE A CA  1 
ATOM   928  C  C   . ILE A 1 118 ? 15.814  2.770   -10.578 1.00 81.82  ? 138 ILE A C   1 
ATOM   929  O  O   . ILE A 1 118 ? 16.896  2.339   -11.018 1.00 85.46  ? 138 ILE A O   1 
ATOM   930  C  CB  . ILE A 1 118 ? 16.873  4.777   -9.558  1.00 60.05  ? 138 ILE A CB  1 
ATOM   931  C  CG1 . ILE A 1 118 ? 16.703  5.901   -8.565  1.00 52.56  ? 138 ILE A CG1 1 
ATOM   932  C  CG2 . ILE A 1 118 ? 16.710  5.398   -10.936 1.00 65.01  ? 138 ILE A CG2 1 
ATOM   933  C  CD1 . ILE A 1 118 ? 17.780  6.046   -7.538  1.00 50.22  ? 138 ILE A CD1 1 
ATOM   934  N  N   . GLY A 1 119 ? 14.622  2.482   -11.112 1.00 93.02  ? 139 GLY A N   1 
ATOM   935  C  CA  . GLY A 1 119 ? 14.449  1.692   -12.341 1.00 96.25  ? 139 GLY A CA  1 
ATOM   936  C  C   . GLY A 1 119 ? 14.643  2.429   -13.679 1.00 107.21 ? 139 GLY A C   1 
ATOM   937  O  O   . GLY A 1 119 ? 14.215  1.892   -14.712 1.00 107.77 ? 139 GLY A O   1 
ATOM   938  N  N   . GLY A 1 120 ? 15.267  3.634   -13.671 1.00 97.33  ? 140 GLY A N   1 
ATOM   939  C  CA  . GLY A 1 120 ? 15.614  4.387   -14.901 1.00 76.74  ? 140 GLY A CA  1 
ATOM   940  C  C   . GLY A 1 120 ? 15.521  5.913   -14.927 1.00 81.94  ? 140 GLY A C   1 
ATOM   941  O  O   . GLY A 1 120 ? 14.516  6.480   -14.516 1.00 88.43  ? 140 GLY A O   1 
ATOM   942  N  N   . VAL A 1 121 ? 16.563  6.572   -15.441 1.00 76.36  ? 141 VAL A N   1 
ATOM   943  C  CA  . VAL A 1 121 ? 16.685  8.033   -15.468 1.00 73.33  ? 141 VAL A CA  1 
ATOM   944  C  C   . VAL A 1 121 ? 17.008  8.381   -16.881 1.00 86.95  ? 141 VAL A C   1 
ATOM   945  O  O   . VAL A 1 121 ? 17.950  7.827   -17.441 1.00 111.41 ? 141 VAL A O   1 
ATOM   946  C  CB  . VAL A 1 121 ? 17.904  8.512   -14.648 1.00 73.09  ? 141 VAL A CB  1 
ATOM   947  C  CG1 . VAL A 1 121 ? 18.036  10.049  -14.625 1.00 65.91  ? 141 VAL A CG1 1 
ATOM   948  C  CG2 . VAL A 1 121 ? 17.866  7.922   -13.247 1.00 71.24  ? 141 VAL A CG2 1 
ATOM   949  N  N   . ALA A 1 122 ? 16.259  9.317   -17.454 1.00 100.64 ? 142 ALA A N   1 
ATOM   950  C  CA  . ALA A 1 122 ? 16.334  9.590   -18.899 1.00 98.19  ? 142 ALA A CA  1 
ATOM   951  C  C   . ALA A 1 122 ? 16.127  11.072  -19.273 1.00 99.11  ? 142 ALA A C   1 
ATOM   952  O  O   . ALA A 1 122 ? 15.652  11.888  -18.451 1.00 100.22 ? 142 ALA A O   1 
ATOM   953  C  CB  . ALA A 1 122 ? 15.354  8.671   -19.661 1.00 84.85  ? 142 ALA A CB  1 
ATOM   954  N  N   . LYS A 1 123 ? 16.541  11.411  -20.496 1.00 101.92 ? 143 LYS A N   1 
ATOM   955  C  CA  . LYS A 1 123 ? 16.053  12.606  -21.192 1.00 106.78 ? 143 LYS A CA  1 
ATOM   956  C  C   . LYS A 1 123 ? 14.976  12.194  -22.185 1.00 112.09 ? 143 LYS A C   1 
ATOM   957  O  O   . LYS A 1 123 ? 15.159  11.240  -22.932 1.00 113.06 ? 143 LYS A O   1 
ATOM   958  C  CB  . LYS A 1 123 ? 17.184  13.377  -21.860 1.00 96.96  ? 143 LYS A CB  1 
ATOM   959  C  CG  . LYS A 1 123 ? 17.289  14.765  -21.278 1.00 104.60 ? 143 LYS A CG  1 
ATOM   960  C  CD  . LYS A 1 123 ? 18.715  15.243  -21.094 1.00 106.44 ? 143 LYS A CD  1 
ATOM   961  C  CE  . LYS A 1 123 ? 18.666  16.658  -20.539 1.00 109.06 ? 143 LYS A CE  1 
ATOM   962  N  NZ  . LYS A 1 123 ? 20.020  17.263  -20.504 1.00 124.66 ? 143 LYS A NZ  1 
ATOM   963  N  N   . GLY A 1 124 ? 13.842  12.886  -22.159 1.00 131.30 ? 144 GLY A N   1 
ATOM   964  C  CA  . GLY A 1 124 ? 12.659  12.443  -22.906 1.00 160.57 ? 144 GLY A CA  1 
ATOM   965  C  C   . GLY A 1 124 ? 12.707  12.692  -24.404 1.00 177.05 ? 144 GLY A C   1 
ATOM   966  O  O   . GLY A 1 124 ? 13.657  13.331  -24.910 1.00 167.94 ? 144 GLY A O   1 
ATOM   967  N  N   . LYS A 1 125 ? 11.685  12.164  -25.099 1.00 172.79 ? 145 LYS A N   1 
ATOM   968  C  CA  . LYS A 1 125 ? 11.360  12.517  -26.495 1.00 148.38 ? 145 LYS A CA  1 
ATOM   969  C  C   . LYS A 1 125 ? 11.728  14.004  -26.775 1.00 145.40 ? 145 LYS A C   1 
ATOM   970  O  O   . LYS A 1 125 ? 12.656  14.309  -27.545 1.00 112.75 ? 145 LYS A O   1 
ATOM   971  C  CB  . LYS A 1 125 ? 9.870   12.188  -26.826 1.00 130.25 ? 145 LYS A CB  1 
ATOM   972  C  CG  . LYS A 1 125 ? 8.839   12.309  -25.684 1.00 121.63 ? 145 LYS A CG  1 
ATOM   973  C  CD  . LYS A 1 125 ? 8.127   10.999  -25.314 1.00 116.57 ? 145 LYS A CD  1 
ATOM   974  C  CE  . LYS A 1 125 ? 8.936   10.070  -24.406 1.00 110.65 ? 145 LYS A CE  1 
ATOM   975  N  NZ  . LYS A 1 125 ? 10.068  9.381   -25.110 1.00 93.25  ? 145 LYS A NZ  1 
ATOM   976  N  N   . ASP A 1 126 ? 11.058  14.894  -26.042 1.00 145.31 ? 146 ASP A N   1 
ATOM   977  C  CA  . ASP A 1 126 ? 11.201  16.352  -26.115 1.00 134.72 ? 146 ASP A CA  1 
ATOM   978  C  C   . ASP A 1 126 ? 12.488  16.991  -25.521 1.00 125.98 ? 146 ASP A C   1 
ATOM   979  O  O   . ASP A 1 126 ? 12.564  18.217  -25.447 1.00 126.38 ? 146 ASP A O   1 
ATOM   980  C  CB  . ASP A 1 126 ? 9.951   16.995  -25.467 1.00 140.02 ? 146 ASP A CB  1 
ATOM   981  C  CG  . ASP A 1 126 ? 9.604   16.384  -24.086 1.00 147.37 ? 146 ASP A CG  1 
ATOM   982  O  OD1 . ASP A 1 126 ? 9.207   15.188  -24.025 1.00 137.26 ? 146 ASP A OD1 1 
ATOM   983  O  OD2 . ASP A 1 126 ? 9.718   17.104  -23.063 1.00 136.28 ? 146 ASP A OD2 1 
ATOM   984  N  N   . GLY A 1 127 ? 13.479  16.203  -25.092 1.00 114.10 ? 147 GLY A N   1 
ATOM   985  C  CA  . GLY A 1 127 ? 14.637  16.764  -24.350 1.00 109.77 ? 147 GLY A CA  1 
ATOM   986  C  C   . GLY A 1 127 ? 14.441  17.231  -22.889 1.00 115.73 ? 147 GLY A C   1 
ATOM   987  O  O   . GLY A 1 127 ? 15.398  17.688  -22.236 1.00 106.53 ? 147 GLY A O   1 
ATOM   988  N  N   . LYS A 1 128 ? 13.213  17.128  -22.367 1.00 121.95 ? 148 LYS A N   1 
ATOM   989  C  CA  . LYS A 1 128 ? 12.951  17.298  -20.925 1.00 108.04 ? 148 LYS A CA  1 
ATOM   990  C  C   . LYS A 1 128 ? 12.953  15.943  -20.173 1.00 110.23 ? 148 LYS A C   1 
ATOM   991  O  O   . LYS A 1 128 ? 12.533  14.901  -20.718 1.00 98.10  ? 148 LYS A O   1 
ATOM   992  C  CB  . LYS A 1 128 ? 11.683  18.137  -20.666 1.00 101.58 ? 148 LYS A CB  1 
ATOM   993  C  CG  . LYS A 1 128 ? 11.961  19.646  -20.706 1.00 119.18 ? 148 LYS A CG  1 
ATOM   994  C  CD  . LYS A 1 128 ? 10.882  20.552  -20.089 1.00 117.47 ? 148 LYS A CD  1 
ATOM   995  C  CE  . LYS A 1 128 ? 11.486  21.887  -19.618 1.00 107.86 ? 148 LYS A CE  1 
ATOM   996  N  NZ  . LYS A 1 128 ? 10.541  23.050  -19.583 1.00 115.96 ? 148 LYS A NZ  1 
ATOM   997  N  N   . GLU A 1 129 ? 13.439  15.982  -18.928 1.00 104.83 ? 149 GLU A N   1 
ATOM   998  C  CA  . GLU A 1 129 ? 13.716  14.790  -18.088 1.00 93.85  ? 149 GLU A CA  1 
ATOM   999  C  C   . GLU A 1 129 ? 12.544  13.874  -17.724 1.00 86.35  ? 149 GLU A C   1 
ATOM   1000 O  O   . GLU A 1 129 ? 11.386  14.306  -17.575 1.00 80.74  ? 149 GLU A O   1 
ATOM   1001 C  CB  . GLU A 1 129 ? 14.342  15.215  -16.760 1.00 94.36  ? 149 GLU A CB  1 
ATOM   1002 C  CG  . GLU A 1 129 ? 15.617  16.029  -16.834 1.00 99.69  ? 149 GLU A CG  1 
ATOM   1003 C  CD  . GLU A 1 129 ? 16.883  15.212  -16.647 1.00 106.03 ? 149 GLU A CD  1 
ATOM   1004 O  OE1 . GLU A 1 129 ? 17.941  15.818  -16.919 1.00 95.70  ? 149 GLU A OE1 1 
ATOM   1005 O  OE2 . GLU A 1 129 ? 16.830  14.010  -16.231 1.00 103.71 ? 149 GLU A OE2 1 
ATOM   1006 N  N   . LYS A 1 130 ? 12.887  12.605  -17.547 1.00 77.42  ? 150 LYS A N   1 
ATOM   1007 C  CA  . LYS A 1 130 ? 12.036  11.664  -16.831 1.00 78.78  ? 150 LYS A CA  1 
ATOM   1008 C  C   . LYS A 1 130 ? 12.840  10.871  -15.778 1.00 80.28  ? 150 LYS A C   1 
ATOM   1009 O  O   . LYS A 1 130 ? 14.087  11.034  -15.668 1.00 76.06  ? 150 LYS A O   1 
ATOM   1010 C  CB  . LYS A 1 130 ? 11.216  10.776  -17.781 1.00 78.60  ? 150 LYS A CB  1 
ATOM   1011 C  CG  . LYS A 1 130 ? 11.881  10.428  -19.103 1.00 92.54  ? 150 LYS A CG  1 
ATOM   1012 C  CD  . LYS A 1 130 ? 10.891  9.858   -20.114 1.00 94.42  ? 150 LYS A CD  1 
ATOM   1013 C  CE  . LYS A 1 130 ? 11.603  9.058   -21.202 1.00 98.51  ? 150 LYS A CE  1 
ATOM   1014 N  NZ  . LYS A 1 130 ? 10.718  7.983   -21.741 1.00 114.46 ? 150 LYS A NZ  1 
ATOM   1015 N  N   . ILE A 1 131 ? 12.096  10.133  -14.939 1.00 70.30  ? 151 ILE A N   1 
ATOM   1016 C  CA  . ILE A 1 131 ? 12.622  9.144   -13.981 1.00 70.23  ? 151 ILE A CA  1 
ATOM   1017 C  C   . ILE A 1 131 ? 11.543  8.152   -13.705 1.00 72.95  ? 151 ILE A C   1 
ATOM   1018 O  O   . ILE A 1 131 ? 10.356  8.483   -13.791 1.00 74.93  ? 151 ILE A O   1 
ATOM   1019 C  CB  . ILE A 1 131 ? 13.003  9.661   -12.575 1.00 66.27  ? 151 ILE A CB  1 
ATOM   1020 C  CG1 . ILE A 1 131 ? 11.889  10.517  -11.986 1.00 63.11  ? 151 ILE A CG1 1 
ATOM   1021 C  CG2 . ILE A 1 131 ? 14.361  10.353  -12.551 1.00 70.30  ? 151 ILE A CG2 1 
ATOM   1022 C  CD1 . ILE A 1 131 ? 12.240  10.975  -10.594 1.00 75.73  ? 151 ILE A CD1 1 
ATOM   1023 N  N   . GLY A 1 132 ? 11.983  6.951   -13.337 1.00 76.43  ? 152 GLY A N   1 
ATOM   1024 C  CA  . GLY A 1 132 ? 11.122  5.849   -12.923 1.00 79.93  ? 152 GLY A CA  1 
ATOM   1025 C  C   . GLY A 1 132 ? 11.772  5.169   -11.736 1.00 83.84  ? 152 GLY A C   1 
ATOM   1026 O  O   . GLY A 1 132 ? 12.887  4.664   -11.844 1.00 103.29 ? 152 GLY A O   1 
ATOM   1027 N  N   . PHE A 1 133 ? 11.110  5.188   -10.590 1.00 73.35  ? 153 PHE A N   1 
ATOM   1028 C  CA  . PHE A 1 133 ? 11.678  4.555   -9.420  1.00 68.61  ? 153 PHE A CA  1 
ATOM   1029 C  C   . PHE A 1 133 ? 10.627  3.799   -8.684  1.00 69.56  ? 153 PHE A C   1 
ATOM   1030 O  O   . PHE A 1 133 ? 9.426   3.952   -8.958  1.00 76.98  ? 153 PHE A O   1 
ATOM   1031 C  CB  . PHE A 1 133 ? 12.370  5.567   -8.498  1.00 68.57  ? 153 PHE A CB  1 
ATOM   1032 C  CG  . PHE A 1 133 ? 11.472  6.657   -7.994  1.00 72.77  ? 153 PHE A CG  1 
ATOM   1033 C  CD1 . PHE A 1 133 ? 11.290  7.823   -8.722  1.00 75.86  ? 153 PHE A CD1 1 
ATOM   1034 C  CD2 . PHE A 1 133 ? 10.830  6.538   -6.775  1.00 69.70  ? 153 PHE A CD2 1 
ATOM   1035 C  CE1 . PHE A 1 133 ? 10.464  8.833   -8.248  1.00 73.10  ? 153 PHE A CE1 1 
ATOM   1036 C  CE2 . PHE A 1 133 ? 10.010  7.550   -6.306  1.00 69.26  ? 153 PHE A CE2 1 
ATOM   1037 C  CZ  . PHE A 1 133 ? 9.826   8.699   -7.041  1.00 68.02  ? 153 PHE A CZ  1 
ATOM   1038 N  N   . SER A 1 134 ? 11.084  2.966   -7.760  1.00 67.68  ? 154 SER A N   1 
ATOM   1039 C  CA  . SER A 1 134 ? 10.180  2.341   -6.816  1.00 65.36  ? 154 SER A CA  1 
ATOM   1040 C  C   . SER A 1 134 ? 10.609  2.597   -5.359  1.00 63.80  ? 154 SER A C   1 
ATOM   1041 O  O   . SER A 1 134 ? 11.788  2.858   -5.065  1.00 63.72  ? 154 SER A O   1 
ATOM   1042 C  CB  . SER A 1 134 ? 10.057  0.863   -7.112  1.00 61.96  ? 154 SER A CB  1 
ATOM   1043 O  OG  . SER A 1 134 ? 11.197  0.231   -6.585  1.00 74.68  ? 154 SER A OG  1 
ATOM   1044 N  N   . LEU A 1 135 ? 9.617   2.572   -4.474  1.00 60.88  ? 155 LEU A N   1 
ATOM   1045 C  CA  . LEU A 1 135 ? 9.823   2.627   -3.033  1.00 62.58  ? 155 LEU A CA  1 
ATOM   1046 C  C   . LEU A 1 135 ? 9.106   1.423   -2.448  1.00 61.20  ? 155 LEU A C   1 
ATOM   1047 O  O   . LEU A 1 135 ? 7.892   1.255   -2.680  1.00 61.04  ? 155 LEU A O   1 
ATOM   1048 C  CB  . LEU A 1 135 ? 9.277   3.937   -2.463  1.00 59.43  ? 155 LEU A CB  1 
ATOM   1049 C  CG  . LEU A 1 135 ? 9.899   5.213   -3.030  1.00 59.61  ? 155 LEU A CG  1 
ATOM   1050 C  CD1 . LEU A 1 135 ? 9.165   6.423   -2.503  1.00 58.77  ? 155 LEU A CD1 1 
ATOM   1051 C  CD2 . LEU A 1 135 ? 11.364  5.330   -2.667  1.00 56.59  ? 155 LEU A CD2 1 
ATOM   1052 N  N   . ASN A 1 136 ? 9.867   0.561   -1.765  1.00 56.16  ? 156 ASN A N   1 
ATOM   1053 C  CA  . ASN A 1 136 ? 9.331   -0.668  -1.159  1.00 53.64  ? 156 ASN A CA  1 
ATOM   1054 C  C   . ASN A 1 136 ? 9.691   -0.625  0.308   1.00 55.72  ? 156 ASN A C   1 
ATOM   1055 O  O   . ASN A 1 136 ? 10.736  -0.085  0.662   1.00 59.63  ? 156 ASN A O   1 
ATOM   1056 C  CB  . ASN A 1 136 ? 9.879   -1.953  -1.813  1.00 59.73  ? 156 ASN A CB  1 
ATOM   1057 C  CG  . ASN A 1 136 ? 9.498   -2.084  -3.302  1.00 78.81  ? 156 ASN A CG  1 
ATOM   1058 O  OD1 . ASN A 1 136 ? 8.584   -2.849  -3.713  1.00 76.03  ? 156 ASN A OD1 1 
ATOM   1059 N  ND2 . ASN A 1 136 ? 10.216  -1.338  -4.129  1.00 92.48  ? 156 ASN A ND2 1 
ATOM   1060 N  N   . GLY A 1 137 ? 8.809   -1.148  1.157   1.00 54.37  ? 157 GLY A N   1 
ATOM   1061 C  CA  . GLY A 1 137 ? 9.070   -1.306  2.586   1.00 50.11  ? 157 GLY A CA  1 
ATOM   1062 C  C   . GLY A 1 137 ? 7.875   -1.896  3.310   1.00 52.74  ? 157 GLY A C   1 
ATOM   1063 O  O   . GLY A 1 137 ? 6.739   -1.808  2.834   1.00 54.88  ? 157 GLY A O   1 
ATOM   1064 N  N   . LYS A 1 138 ? 8.142   -2.502  4.462   1.00 52.39  ? 158 LYS A N   1 
ATOM   1065 C  CA  . LYS A 1 138 ? 7.131   -3.097  5.338   1.00 51.42  ? 158 LYS A CA  1 
ATOM   1066 C  C   . LYS A 1 138 ? 6.862   -2.117  6.520   1.00 50.71  ? 158 LYS A C   1 
ATOM   1067 O  O   . LYS A 1 138 ? 7.792   -1.617  7.089   1.00 56.04  ? 158 LYS A O   1 
ATOM   1068 C  CB  . LYS A 1 138 ? 7.575   -4.536  5.788   1.00 43.33  ? 158 LYS A CB  1 
ATOM   1069 N  N   . ILE A 1 139 ? 5.610   -1.805  6.863   1.00 55.73  ? 159 ILE A N   1 
ATOM   1070 C  CA  . ILE A 1 139 ? 5.276   -1.089  8.133   1.00 56.17  ? 159 ILE A CA  1 
ATOM   1071 C  C   . ILE A 1 139 ? 4.348   -1.963  8.971   1.00 60.07  ? 159 ILE A C   1 
ATOM   1072 O  O   . ILE A 1 139 ? 3.683   -2.878  8.424   1.00 65.51  ? 159 ILE A O   1 
ATOM   1073 C  CB  . ILE A 1 139 ? 4.578   0.262   7.892   1.00 53.25  ? 159 ILE A CB  1 
ATOM   1074 C  CG1 . ILE A 1 139 ? 3.306   0.064   7.068   1.00 54.42  ? 159 ILE A CG1 1 
ATOM   1075 C  CG2 . ILE A 1 139 ? 5.483   1.187   7.122   1.00 53.67  ? 159 ILE A CG2 1 
ATOM   1076 C  CD1 . ILE A 1 139 ? 2.482   1.311   6.932   1.00 58.66  ? 159 ILE A CD1 1 
ATOM   1077 N  N   . LYS A 1 140 ? 4.269   -1.675  10.269  1.00 56.09  ? 160 LYS A N   1 
ATOM   1078 C  CA  . LYS A 1 140 ? 3.371   -2.446  11.157  1.00 56.12  ? 160 LYS A CA  1 
ATOM   1079 C  C   . LYS A 1 140 ? 2.134   -1.677  11.598  1.00 54.35  ? 160 LYS A C   1 
ATOM   1080 O  O   . LYS A 1 140 ? 2.261   -0.614  12.196  1.00 57.70  ? 160 LYS A O   1 
ATOM   1081 C  CB  . LYS A 1 140 ? 4.111   -2.917  12.408  1.00 55.99  ? 160 LYS A CB  1 
ATOM   1082 C  CG  . LYS A 1 140 ? 5.312   -3.779  12.108  1.00 59.18  ? 160 LYS A CG  1 
ATOM   1083 C  CD  . LYS A 1 140 ? 5.720   -4.687  13.248  1.00 62.92  ? 160 LYS A CD  1 
ATOM   1084 C  CE  . LYS A 1 140 ? 6.855   -4.114  14.070  1.00 75.45  ? 160 LYS A CE  1 
ATOM   1085 N  NZ  . LYS A 1 140 ? 7.733   -5.239  14.522  1.00 93.85  ? 160 LYS A NZ  1 
ATOM   1086 N  N   . ARG A 1 141 ? 0.949   -2.227  11.325  1.00 57.17  ? 161 ARG A N   1 
ATOM   1087 C  CA  . ARG A 1 141 ? -0.348  -1.717  11.843  1.00 50.62  ? 161 ARG A CA  1 
ATOM   1088 C  C   . ARG A 1 141 ? -0.206  -1.309  13.308  1.00 52.86  ? 161 ARG A C   1 
ATOM   1089 O  O   . ARG A 1 141 ? -0.688  -0.261  13.726  1.00 56.31  ? 161 ARG A O   1 
ATOM   1090 C  CB  . ARG A 1 141 ? -1.436  -2.793  11.716  1.00 47.19  ? 161 ARG A CB  1 
ATOM   1091 C  CG  . ARG A 1 141 ? -2.058  -2.979  10.328  1.00 51.69  ? 161 ARG A CG  1 
ATOM   1092 C  CD  . ARG A 1 141 ? -3.065  -4.129  10.252  1.00 50.39  ? 161 ARG A CD  1 
ATOM   1093 N  NE  . ARG A 1 141 ? -3.732  -4.287  11.536  1.00 62.90  ? 161 ARG A NE  1 
ATOM   1094 C  CZ  . ARG A 1 141 ? -4.110  -5.425  12.104  1.00 65.50  ? 161 ARG A CZ  1 
ATOM   1095 N  NH1 . ARG A 1 141 ? -3.943  -6.589  11.521  1.00 75.43  ? 161 ARG A NH1 1 
ATOM   1096 N  NH2 . ARG A 1 141 ? -4.672  -5.384  13.291  1.00 75.87  ? 161 ARG A NH2 1 
ATOM   1097 N  N   . SER A 1 142 ? 0.503   -2.119  14.083  1.00 48.62  ? 162 SER A N   1 
ATOM   1098 C  CA  . SER A 1 142 ? 0.601   -1.870  15.498  1.00 48.68  ? 162 SER A CA  1 
ATOM   1099 C  C   . SER A 1 142 ? 1.442   -0.634  15.848  1.00 52.91  ? 162 SER A C   1 
ATOM   1100 O  O   . SER A 1 142 ? 1.272   -0.042  16.903  1.00 56.24  ? 162 SER A O   1 
ATOM   1101 C  CB  . SER A 1 142 ? 1.166   -3.103  16.186  1.00 47.10  ? 162 SER A CB  1 
ATOM   1102 O  OG  . SER A 1 142 ? 2.591   -3.169  16.103  1.00 49.11  ? 162 SER A OG  1 
ATOM   1103 N  N   . ASP A 1 143 ? 2.384   -0.281  14.982  1.00 59.58  ? 163 ASP A N   1 
ATOM   1104 C  CA  . ASP A 1 143 ? 3.265   0.862   15.204  1.00 60.10  ? 163 ASP A CA  1 
ATOM   1105 C  C   . ASP A 1 143 ? 2.469   2.145   15.005  1.00 58.99  ? 163 ASP A C   1 
ATOM   1106 O  O   . ASP A 1 143 ? 2.835   3.181   15.527  1.00 61.06  ? 163 ASP A O   1 
ATOM   1107 C  CB  . ASP A 1 143 ? 4.408   0.867   14.176  1.00 74.24  ? 163 ASP A CB  1 
ATOM   1108 C  CG  . ASP A 1 143 ? 5.584   -0.020  14.559  1.00 71.25  ? 163 ASP A CG  1 
ATOM   1109 O  OD1 . ASP A 1 143 ? 5.666   -0.456  15.723  1.00 61.83  ? 163 ASP A OD1 1 
ATOM   1110 O  OD2 . ASP A 1 143 ? 6.434   -0.259  13.669  1.00 75.74  ? 163 ASP A OD2 1 
ATOM   1111 N  N   . PHE A 1 144 ? 1.396   2.058   14.230  1.00 54.89  ? 164 PHE A N   1 
ATOM   1112 C  CA  . PHE A 1 144 ? 0.530   3.175   13.924  1.00 53.60  ? 164 PHE A CA  1 
ATOM   1113 C  C   . PHE A 1 144 ? -0.785  3.081   14.637  1.00 56.48  ? 164 PHE A C   1 
ATOM   1114 O  O   . PHE A 1 144 ? -1.709  3.828   14.277  1.00 51.72  ? 164 PHE A O   1 
ATOM   1115 C  CB  . PHE A 1 144 ? 0.230   3.177   12.426  1.00 55.60  ? 164 PHE A CB  1 
ATOM   1116 C  CG  . PHE A 1 144 ? 1.358   3.688   11.619  1.00 59.55  ? 164 PHE A CG  1 
ATOM   1117 C  CD1 . PHE A 1 144 ? 2.383   2.825   11.220  1.00 55.51  ? 164 PHE A CD1 1 
ATOM   1118 C  CD2 . PHE A 1 144 ? 1.446   5.057   11.329  1.00 56.82  ? 164 PHE A CD2 1 
ATOM   1119 C  CE1 . PHE A 1 144 ? 3.447   3.312   10.494  1.00 58.68  ? 164 PHE A CE1 1 
ATOM   1120 C  CE2 . PHE A 1 144 ? 2.509   5.547   10.608  1.00 55.08  ? 164 PHE A CE2 1 
ATOM   1121 C  CZ  . PHE A 1 144 ? 3.508   4.677   10.192  1.00 60.27  ? 164 PHE A CZ  1 
ATOM   1122 N  N   . LYS A 1 145 ? -0.890  2.136   15.595  1.00 57.91  ? 165 LYS A N   1 
ATOM   1123 C  CA  . LYS A 1 145 ? -2.120  1.887   16.375  1.00 57.19  ? 165 LYS A CA  1 
ATOM   1124 C  C   . LYS A 1 145 ? -3.365  1.801   15.433  1.00 54.84  ? 165 LYS A C   1 
ATOM   1125 O  O   . LYS A 1 145 ? -4.466  2.258   15.774  1.00 62.07  ? 165 LYS A O   1 
ATOM   1126 C  CB  . LYS A 1 145 ? -2.266  2.970   17.468  1.00 61.81  ? 165 LYS A CB  1 
ATOM   1127 C  CG  . LYS A 1 145 ? -1.458  2.757   18.743  1.00 65.20  ? 165 LYS A CG  1 
ATOM   1128 C  CD  . LYS A 1 145 ? -2.366  2.062   19.753  1.00 87.43  ? 165 LYS A CD  1 
ATOM   1129 C  CE  . LYS A 1 145 ? -1.646  1.068   20.651  1.00 100.93 ? 165 LYS A CE  1 
ATOM   1130 N  NZ  . LYS A 1 145 ? -0.948  1.779   21.757  1.00 102.20 ? 165 LYS A NZ  1 
ATOM   1131 N  N   . PHE A 1 146 ? -3.146  1.217   14.249  1.00 48.12  ? 166 PHE A N   1 
ATOM   1132 C  CA  . PHE A 1 146 ? -4.094  1.195   13.144  1.00 52.69  ? 166 PHE A CA  1 
ATOM   1133 C  C   . PHE A 1 146 ? -4.900  -0.085  13.072  1.00 60.86  ? 166 PHE A C   1 
ATOM   1134 O  O   . PHE A 1 146 ? -4.304  -1.191  13.012  1.00 67.68  ? 166 PHE A O   1 
ATOM   1135 C  CB  . PHE A 1 146 ? -3.354  1.327   11.814  1.00 50.25  ? 166 PHE A CB  1 
ATOM   1136 C  CG  . PHE A 1 146 ? -4.244  1.170   10.609  1.00 49.76  ? 166 PHE A CG  1 
ATOM   1137 C  CD1 . PHE A 1 146 ? -5.007  2.242   10.141  1.00 52.48  ? 166 PHE A CD1 1 
ATOM   1138 C  CD2 . PHE A 1 146 ? -4.341  -0.054  9.945   1.00 50.45  ? 166 PHE A CD2 1 
ATOM   1139 C  CE1 . PHE A 1 146 ? -5.850  2.102   9.029   1.00 55.51  ? 166 PHE A CE1 1 
ATOM   1140 C  CE2 . PHE A 1 146 ? -5.162  -0.199  8.825   1.00 51.24  ? 166 PHE A CE2 1 
ATOM   1141 C  CZ  . PHE A 1 146 ? -5.919  0.881   8.362   1.00 53.34  ? 166 PHE A CZ  1 
ATOM   1142 N  N   . ALA A 1 147 ? -6.232  0.085   12.995  1.00 55.10  ? 167 ALA A N   1 
ATOM   1143 C  CA  . ALA A 1 147 ? -7.230  -1.013  13.031  1.00 60.49  ? 167 ALA A CA  1 
ATOM   1144 C  C   . ALA A 1 147 ? -7.073  -1.930  14.236  1.00 63.53  ? 167 ALA A C   1 
ATOM   1145 O  O   . ALA A 1 147 ? -7.155  -3.153  14.100  1.00 70.65  ? 167 ALA A O   1 
ATOM   1146 C  CB  . ALA A 1 147 ? -7.256  -1.821  11.728  1.00 56.89  ? 167 ALA A CB  1 
ATOM   1147 N  N   . THR A 1 148 ? -6.858  -1.317  15.405  1.00 62.93  ? 168 THR A N   1 
ATOM   1148 C  CA  . THR A 1 148 ? -6.525  -2.029  16.654  1.00 70.85  ? 168 THR A CA  1 
ATOM   1149 C  C   . THR A 1 148 ? -7.564  -3.065  17.080  1.00 68.62  ? 168 THR A C   1 
ATOM   1150 O  O   . THR A 1 148 ? -7.189  -4.064  17.663  1.00 65.01  ? 168 THR A O   1 
ATOM   1151 C  CB  . THR A 1 148 ? -6.194  -1.083  17.854  1.00 73.66  ? 168 THR A CB  1 
ATOM   1152 O  OG1 . THR A 1 148 ? -7.058  0.067   17.833  1.00 96.97  ? 168 THR A OG1 1 
ATOM   1153 C  CG2 . THR A 1 148 ? -4.699  -0.644  17.844  1.00 80.68  ? 168 THR A CG2 1 
ATOM   1154 N  N   . SER A 1 149 ? -8.846  -2.813  16.792  1.00 75.04  ? 169 SER A N   1 
ATOM   1155 C  CA  . SER A 1 149 ? -9.952  -3.738  17.062  1.00 72.67  ? 169 SER A CA  1 
ATOM   1156 C  C   . SER A 1 149 ? -9.725  -5.106  16.359  1.00 73.93  ? 169 SER A C   1 
ATOM   1157 O  O   . SER A 1 149 ? -9.923  -6.176  16.977  1.00 72.27  ? 169 SER A O   1 
ATOM   1158 C  CB  . SER A 1 149 ? -11.282 -3.095  16.631  1.00 69.45  ? 169 SER A CB  1 
ATOM   1159 O  OG  . SER A 1 149 ? -11.217 -2.714  15.266  1.00 80.70  ? 169 SER A OG  1 
ATOM   1160 N  N   . THR A 1 150 ? -9.272  -5.057  15.093  1.00 70.51  ? 170 THR A N   1 
ATOM   1161 C  CA  . THR A 1 150 ? -8.929  -6.254  14.287  1.00 64.42  ? 170 THR A CA  1 
ATOM   1162 C  C   . THR A 1 150 ? -7.640  -6.971  14.702  1.00 67.03  ? 170 THR A C   1 
ATOM   1163 O  O   . THR A 1 150 ? -6.576  -6.360  14.726  1.00 73.38  ? 170 THR A O   1 
ATOM   1164 C  CB  . THR A 1 150 ? -8.772  -5.882  12.836  1.00 57.44  ? 170 THR A CB  1 
ATOM   1165 O  OG1 . THR A 1 150 ? -9.823  -4.986  12.474  1.00 61.53  ? 170 THR A OG1 1 
ATOM   1166 C  CG2 . THR A 1 150 ? -8.801  -7.113  11.984  1.00 60.87  ? 170 THR A CG2 1 
ATOM   1167 N  N   . SER A 1 151 ? -7.751  -8.261  15.030  1.00 71.37  ? 171 SER A N   1 
ATOM   1168 C  CA  . SER A 1 151 ? -6.639  -9.083  15.527  1.00 70.78  ? 171 SER A CA  1 
ATOM   1169 C  C   . SER A 1 151 ? -5.526  -9.215  14.511  1.00 68.04  ? 171 SER A C   1 
ATOM   1170 O  O   . SER A 1 151 ? -5.767  -9.203  13.287  1.00 59.02  ? 171 SER A O   1 
ATOM   1171 C  CB  . SER A 1 151 ? -7.128  -10.491 15.851  1.00 75.58  ? 171 SER A CB  1 
ATOM   1172 O  OG  . SER A 1 151 ? -6.167  -11.193 16.597  1.00 82.70  ? 171 SER A OG  1 
ATOM   1173 N  N   . THR A 1 152 ? -4.307  -9.373  15.019  1.00 63.53  ? 172 THR A N   1 
ATOM   1174 C  CA  . THR A 1 152 ? -3.207  -9.745  14.128  1.00 65.78  ? 172 THR A CA  1 
ATOM   1175 C  C   . THR A 1 152 ? -3.287  -11.182 13.569  1.00 63.87  ? 172 THR A C   1 
ATOM   1176 O  O   . THR A 1 152 ? -2.431  -11.573 12.800  1.00 72.22  ? 172 THR A O   1 
ATOM   1177 C  CB  . THR A 1 152 ? -1.835  -9.534  14.761  1.00 60.47  ? 172 THR A CB  1 
ATOM   1178 O  OG1 . THR A 1 152 ? -1.843  -10.070 16.074  1.00 68.80  ? 172 THR A OG1 1 
ATOM   1179 C  CG2 . THR A 1 152 ? -1.522  -8.094  14.829  1.00 62.71  ? 172 THR A CG2 1 
ATOM   1180 N  N   . ILE A 1 153 ? -4.309  -11.950 13.937  1.00 63.43  ? 173 ILE A N   1 
ATOM   1181 C  CA  . ILE A 1 153 ? -4.495  -13.291 13.402  1.00 59.20  ? 173 ILE A CA  1 
ATOM   1182 C  C   . ILE A 1 153 ? -5.270  -13.166 12.110  1.00 62.82  ? 173 ILE A C   1 
ATOM   1183 O  O   . ILE A 1 153 ? -4.785  -13.578 11.066  1.00 70.69  ? 173 ILE A O   1 
ATOM   1184 C  CB  . ILE A 1 153 ? -5.226  -14.217 14.383  1.00 59.57  ? 173 ILE A CB  1 
ATOM   1185 C  CG1 . ILE A 1 153 ? -4.454  -14.309 15.696  1.00 60.36  ? 173 ILE A CG1 1 
ATOM   1186 C  CG2 . ILE A 1 153 ? -5.302  -15.616 13.816  1.00 62.82  ? 173 ILE A CG2 1 
ATOM   1187 C  CD1 . ILE A 1 153 ? -5.239  -14.902 16.848  1.00 58.79  ? 173 ILE A CD1 1 
ATOM   1188 N  N   . THR A 1 154 ? -6.460  -12.580 12.193  1.00 66.77  ? 174 THR A N   1 
ATOM   1189 C  CA  . THR A 1 154 ? -7.325  -12.315 11.045  1.00 66.14  ? 174 THR A CA  1 
ATOM   1190 C  C   . THR A 1 154 ? -6.608  -11.519 9.936   1.00 66.34  ? 174 THR A C   1 
ATOM   1191 O  O   . THR A 1 154 ? -6.685  -11.874 8.751   1.00 64.05  ? 174 THR A O   1 
ATOM   1192 C  CB  . THR A 1 154 ? -8.584  -11.563 11.535  1.00 72.18  ? 174 THR A CB  1 
ATOM   1193 O  OG1 . THR A 1 154 ? -9.223  -12.364 12.537  1.00 87.86  ? 174 THR A OG1 1 
ATOM   1194 C  CG2 . THR A 1 154 ? -9.588  -11.212 10.376  1.00 76.79  ? 174 THR A CG2 1 
ATOM   1195 N  N   . LEU A 1 155 ? -5.936  -10.436 10.336  1.00 66.48  ? 175 LEU A N   1 
ATOM   1196 C  CA  . LEU A 1 155 ? -5.310  -9.481  9.405   1.00 57.81  ? 175 LEU A CA  1 
ATOM   1197 C  C   . LEU A 1 155 ? -3.911  -9.262  9.886   1.00 61.32  ? 175 LEU A C   1 
ATOM   1198 O  O   . LEU A 1 155 ? -3.694  -9.064  11.086  1.00 63.59  ? 175 LEU A O   1 
ATOM   1199 C  CB  . LEU A 1 155 ? -6.051  -8.170  9.386   1.00 50.65  ? 175 LEU A CB  1 
ATOM   1200 C  CG  . LEU A 1 155 ? -5.560  -7.085  8.448   1.00 53.66  ? 175 LEU A CG  1 
ATOM   1201 C  CD1 . LEU A 1 155 ? -5.989  -7.295  7.007   1.00 48.59  ? 175 LEU A CD1 1 
ATOM   1202 C  CD2 . LEU A 1 155 ? -6.108  -5.755  8.931   1.00 51.94  ? 175 LEU A CD2 1 
ATOM   1203 N  N   . SER A 1 156 ? -2.966  -9.339  8.950   1.00 62.28  ? 176 SER A N   1 
ATOM   1204 C  CA  . SER A 1 156 ? -1.537  -9.329  9.247   1.00 60.55  ? 176 SER A CA  1 
ATOM   1205 C  C   . SER A 1 156 ? -1.153  -7.995  9.899   1.00 61.30  ? 176 SER A C   1 
ATOM   1206 O  O   . SER A 1 156 ? -1.714  -6.949  9.546   1.00 59.63  ? 176 SER A O   1 
ATOM   1207 C  CB  . SER A 1 156 ? -0.758  -9.533  7.946   1.00 59.51  ? 176 SER A CB  1 
ATOM   1208 O  OG  . SER A 1 156 ? 0.616   -9.356  8.166   1.00 71.78  ? 176 SER A OG  1 
ATOM   1209 N  N   . ASP A 1 157 ? -0.211  -8.011  10.839  1.00 58.79  ? 177 ASP A N   1 
ATOM   1210 C  CA  . ASP A 1 157 ? 0.301   -6.735  11.347  1.00 56.58  ? 177 ASP A CA  1 
ATOM   1211 C  C   . ASP A 1 157 ? 1.161   -6.016  10.305  1.00 62.86  ? 177 ASP A C   1 
ATOM   1212 O  O   . ASP A 1 157 ? 1.349   -4.797  10.391  1.00 68.43  ? 177 ASP A O   1 
ATOM   1213 C  CB  . ASP A 1 157 ? 1.078   -6.924  12.640  1.00 52.34  ? 177 ASP A CB  1 
ATOM   1214 C  CG  . ASP A 1 157 ? 1.229   -5.627  13.444  1.00 58.60  ? 177 ASP A CG  1 
ATOM   1215 O  OD1 . ASP A 1 157 ? 0.350   -4.712  13.431  1.00 63.87  ? 177 ASP A OD1 1 
ATOM   1216 O  OD2 . ASP A 1 157 ? 2.254   -5.539  14.136  1.00 56.95  ? 177 ASP A OD2 1 
ATOM   1217 N  N   . ASP A 1 158 ? 1.664   -6.767  9.315   1.00 65.73  ? 178 ASP A N   1 
ATOM   1218 C  CA  . ASP A 1 158 ? 2.587   -6.225  8.315   1.00 63.63  ? 178 ASP A CA  1 
ATOM   1219 C  C   . ASP A 1 158 ? 1.865   -5.784  7.077   1.00 64.18  ? 178 ASP A C   1 
ATOM   1220 O  O   . ASP A 1 158 ? 1.133   -6.586  6.447   1.00 70.50  ? 178 ASP A O   1 
ATOM   1221 C  CB  . ASP A 1 158 ? 3.678   -7.232  7.963   1.00 66.79  ? 178 ASP A CB  1 
ATOM   1222 C  CG  . ASP A 1 158 ? 4.491   -7.644  9.173   1.00 76.62  ? 178 ASP A CG  1 
ATOM   1223 O  OD1 . ASP A 1 158 ? 5.399   -6.881  9.605   1.00 80.86  ? 178 ASP A OD1 1 
ATOM   1224 O  OD2 . ASP A 1 158 ? 4.187   -8.727  9.708   1.00 80.04  ? 178 ASP A OD2 1 
ATOM   1225 N  N   . ILE A 1 159 ? 2.065   -4.501  6.759   1.00 59.92  ? 179 ILE A N   1 
ATOM   1226 C  CA  . ILE A 1 159 ? 1.599   -3.907  5.506   1.00 59.11  ? 179 ILE A CA  1 
ATOM   1227 C  C   . ILE A 1 159 ? 2.823   -3.722  4.613   1.00 60.55  ? 179 ILE A C   1 
ATOM   1228 O  O   . ILE A 1 159 ? 3.838   -3.205  5.067   1.00 58.02  ? 179 ILE A O   1 
ATOM   1229 C  CB  . ILE A 1 159 ? 0.920   -2.532  5.721   1.00 56.78  ? 179 ILE A CB  1 
ATOM   1230 C  CG1 . ILE A 1 159 ? -0.153  -2.596  6.796   1.00 58.38  ? 179 ILE A CG1 1 
ATOM   1231 C  CG2 . ILE A 1 159 ? 0.264   -2.052  4.443   1.00 51.82  ? 179 ILE A CG2 1 
ATOM   1232 C  CD1 . ILE A 1 159 ? -0.718  -1.241  7.153   1.00 65.22  ? 179 ILE A CD1 1 
ATOM   1233 N  N   . ASN A 1 160 ? 2.728   -4.144  3.357   1.00 62.83  ? 180 ASN A N   1 
ATOM   1234 C  CA  . ASN A 1 160 ? 3.818   -3.965  2.405   1.00 67.26  ? 180 ASN A CA  1 
ATOM   1235 C  C   . ASN A 1 160 ? 3.533   -2.826  1.483   1.00 64.76  ? 180 ASN A C   1 
ATOM   1236 O  O   . ASN A 1 160 ? 2.589   -2.860  0.712   1.00 73.49  ? 180 ASN A O   1 
ATOM   1237 C  CB  . ASN A 1 160 ? 4.060   -5.225  1.569   1.00 76.37  ? 180 ASN A CB  1 
ATOM   1238 C  CG  . ASN A 1 160 ? 4.847   -6.291  2.315   1.00 79.84  ? 180 ASN A CG  1 
ATOM   1239 O  OD1 . ASN A 1 160 ? 5.950   -6.059  2.853   1.00 96.48  ? 180 ASN A OD1 1 
ATOM   1240 N  ND2 . ASN A 1 160 ? 4.287   -7.479  2.338   1.00 91.62  ? 180 ASN A ND2 1 
ATOM   1241 N  N   . LEU A 1 161 ? 4.378   -1.821  1.555   1.00 62.14  ? 181 LEU A N   1 
ATOM   1242 C  CA  . LEU A 1 161 ? 4.237   -0.647  0.728   1.00 58.45  ? 181 LEU A CA  1 
ATOM   1243 C  C   . LEU A 1 161 ? 4.948   -0.921  -0.579  1.00 62.23  ? 181 LEU A C   1 
ATOM   1244 O  O   . LEU A 1 161 ? 6.128   -1.304  -0.566  1.00 64.89  ? 181 LEU A O   1 
ATOM   1245 C  CB  . LEU A 1 161 ? 4.864   0.543   1.443   1.00 55.19  ? 181 LEU A CB  1 
ATOM   1246 C  CG  . LEU A 1 161 ? 4.485   0.842   2.878   1.00 53.73  ? 181 LEU A CG  1 
ATOM   1247 C  CD1 . LEU A 1 161 ? 4.870   2.274   3.185   1.00 62.61  ? 181 LEU A CD1 1 
ATOM   1248 C  CD2 . LEU A 1 161 ? 2.986   0.658   3.030   1.00 56.95  ? 181 LEU A CD2 1 
ATOM   1249 N  N   . CYS A 1 162 ? 4.211   -0.771  -1.685  1.00 73.25  ? 182 CYS A N   1 
ATOM   1250 C  CA  A CYS A 1 162 ? 4.766   -0.914  -3.065  0.50 81.65  ? 182 CYS A CA  1 
ATOM   1251 C  CA  B CYS A 1 162 ? 4.715   -0.977  -3.028  0.50 73.09  ? 182 CYS A CA  1 
ATOM   1252 C  C   . CYS A 1 162 ? 4.397   0.284   -3.932  1.00 79.61  ? 182 CYS A C   1 
ATOM   1253 O  O   . CYS A 1 162 ? 3.368   0.286   -4.650  1.00 87.52  ? 182 CYS A O   1 
ATOM   1254 C  CB  A CYS A 1 162 ? 4.364   -2.232  -3.779  0.50 99.94  ? 182 CYS A CB  1 
ATOM   1255 C  CB  B CYS A 1 162 ? 4.150   -2.345  -3.540  0.50 76.80  ? 182 CYS A CB  1 
ATOM   1256 S  SG  A CYS A 1 162 ? 5.289   -2.568  -5.330  0.50 135.60 ? 182 CYS A SG  1 
ATOM   1257 S  SG  B CYS A 1 162 ? 4.448   -3.821  -2.455  0.50 75.34  ? 182 CYS A SG  1 
ATOM   1258 N  N   . ILE A 1 163 ? 5.249   1.334   -3.862  1.00 63.83  ? 183 ILE A N   1 
ATOM   1259 C  CA  . ILE A 1 163 ? 5.070   2.611   -4.616  1.00 60.15  ? 183 ILE A CA  1 
ATOM   1260 C  C   . ILE A 1 163 ? 5.854   2.593   -5.916  1.00 64.92  ? 183 ILE A C   1 
ATOM   1261 O  O   . ILE A 1 163 ? 7.074   2.547   -5.883  1.00 75.18  ? 183 ILE A O   1 
ATOM   1262 C  CB  . ILE A 1 163 ? 5.616   3.871   -3.876  1.00 56.16  ? 183 ILE A CB  1 
ATOM   1263 C  CG1 . ILE A 1 163 ? 5.269   3.912   -2.391  1.00 53.43  ? 183 ILE A CG1 1 
ATOM   1264 C  CG2 . ILE A 1 163 ? 5.182   5.152   -4.566  1.00 47.48  ? 183 ILE A CG2 1 
ATOM   1265 C  CD1 . ILE A 1 163 ? 3.801   3.941   -2.093  1.00 63.42  ? 183 ILE A CD1 1 
ATOM   1266 N  N   . GLU A 1 164 ? 5.163   2.673   -7.049  1.00 73.10  ? 184 GLU A N   1 
ATOM   1267 C  CA  . GLU A 1 164 ? 5.791   2.725   -8.382  1.00 77.90  ? 184 GLU A CA  1 
ATOM   1268 C  C   . GLU A 1 164 ? 5.565   4.101   -9.047  1.00 73.26  ? 184 GLU A C   1 
ATOM   1269 O  O   . GLU A 1 164 ? 4.427   4.522   -9.196  1.00 73.09  ? 184 GLU A O   1 
ATOM   1270 C  CB  . GLU A 1 164 ? 5.195   1.623   -9.256  1.00 87.83  ? 184 GLU A CB  1 
ATOM   1271 C  CG  . GLU A 1 164 ? 6.181   0.941   -10.189 1.00 108.59 ? 184 GLU A CG  1 
ATOM   1272 C  CD  . GLU A 1 164 ? 6.952   -0.153  -9.486  1.00 128.11 ? 184 GLU A CD  1 
ATOM   1273 O  OE1 . GLU A 1 164 ? 6.303   -1.000  -8.802  1.00 131.18 ? 184 GLU A OE1 1 
ATOM   1274 O  OE2 . GLU A 1 164 ? 8.202   -0.142  -9.617  1.00 126.95 ? 184 GLU A OE2 1 
ATOM   1275 N  N   . VAL A 1 165 ? 6.626   4.799   -9.441  1.00 64.97  ? 185 VAL A N   1 
ATOM   1276 C  CA  . VAL A 1 165 ? 6.480   6.169   -9.964  1.00 66.61  ? 185 VAL A CA  1 
ATOM   1277 C  C   . VAL A 1 165 ? 7.162   6.305   -11.322 1.00 71.11  ? 185 VAL A C   1 
ATOM   1278 O  O   . VAL A 1 165 ? 8.346   5.986   -11.419 1.00 82.02  ? 185 VAL A O   1 
ATOM   1279 C  CB  . VAL A 1 165 ? 7.109   7.209   -9.000  1.00 63.31  ? 185 VAL A CB  1 
ATOM   1280 C  CG1 . VAL A 1 165 ? 6.996   8.626   -9.538  1.00 59.26  ? 185 VAL A CG1 1 
ATOM   1281 C  CG2 . VAL A 1 165 ? 6.463   7.118   -7.649  1.00 57.83  ? 185 VAL A CG2 1 
ATOM   1282 N  N   . GLU A 1 166 ? 6.407   6.715   -12.359 1.00 71.59  ? 186 GLU A N   1 
ATOM   1283 C  CA  . GLU A 1 166 ? 6.954   7.389   -13.565 1.00 69.93  ? 186 GLU A CA  1 
ATOM   1284 C  C   . GLU A 1 166 ? 6.705   8.886   -13.327 1.00 72.57  ? 186 GLU A C   1 
ATOM   1285 O  O   . GLU A 1 166 ? 5.672   9.257   -12.763 1.00 78.86  ? 186 GLU A O   1 
ATOM   1286 C  CB  . GLU A 1 166 ? 6.319   6.882   -14.873 1.00 61.46  ? 186 GLU A CB  1 
ATOM   1287 N  N   . ALA A 1 167 ? 7.663   9.741   -13.680 1.00 70.18  ? 187 ALA A N   1 
ATOM   1288 C  CA  . ALA A 1 167 ? 7.551   11.183  -13.398 1.00 70.33  ? 187 ALA A CA  1 
ATOM   1289 C  C   . ALA A 1 167 ? 8.427   12.038  -14.321 1.00 80.82  ? 187 ALA A C   1 
ATOM   1290 O  O   . ALA A 1 167 ? 9.543   11.634  -14.670 1.00 94.28  ? 187 ALA A O   1 
ATOM   1291 C  CB  . ALA A 1 167 ? 7.856   11.486  -11.940 1.00 62.10  ? 187 ALA A CB  1 
ATOM   1292 N  N   . ASN A 1 168 ? 7.918   13.225  -14.680 1.00 80.01  ? 188 ASN A N   1 
ATOM   1293 C  CA  . ASN A 1 168 ? 8.497   14.092  -15.714 1.00 68.04  ? 188 ASN A CA  1 
ATOM   1294 C  C   . ASN A 1 168 ? 8.887   15.423  -15.146 1.00 69.15  ? 188 ASN A C   1 
ATOM   1295 O  O   . ASN A 1 168 ? 8.304   15.870  -14.155 1.00 66.56  ? 188 ASN A O   1 
ATOM   1296 C  CB  . ASN A 1 168 ? 7.496   14.304  -16.828 1.00 60.74  ? 188 ASN A CB  1 
ATOM   1297 C  CG  . ASN A 1 168 ? 7.033   13.003  -17.440 1.00 70.09  ? 188 ASN A CG  1 
ATOM   1298 O  OD1 . ASN A 1 168 ? 7.730   12.407  -18.280 1.00 71.38  ? 188 ASN A OD1 1 
ATOM   1299 N  ND2 . ASN A 1 168 ? 5.853   12.536  -17.015 1.00 74.07  ? 188 ASN A ND2 1 
ATOM   1300 N  N   . GLU A 1 169 ? 9.874   16.058  -15.773 1.00 71.16  ? 189 GLU A N   1 
ATOM   1301 C  CA  . GLU A 1 169 ? 10.342  17.369  -15.328 1.00 84.46  ? 189 GLU A CA  1 
ATOM   1302 C  C   . GLU A 1 169 ? 9.199   18.424  -15.405 1.00 96.75  ? 189 GLU A C   1 
ATOM   1303 O  O   . GLU A 1 169 ? 8.189   18.189  -16.062 1.00 98.05  ? 189 GLU A O   1 
ATOM   1304 C  CB  . GLU A 1 169 ? 11.581  17.777  -16.139 1.00 80.89  ? 189 GLU A CB  1 
ATOM   1305 C  CG  . GLU A 1 169 ? 12.423  18.872  -15.486 1.00 88.65  ? 189 GLU A CG  1 
ATOM   1306 C  CD  . GLU A 1 169 ? 13.638  19.311  -16.299 1.00 93.74  ? 189 GLU A CD  1 
ATOM   1307 O  OE1 . GLU A 1 169 ? 14.442  20.106  -15.751 1.00 93.82  ? 189 GLU A OE1 1 
ATOM   1308 O  OE2 . GLU A 1 169 ? 13.803  18.871  -17.465 1.00 94.70  ? 189 GLU A OE2 1 
ATOM   1309 N  N   . LYS A 1 170 ? 9.368   19.573  -14.746 1.00 106.54 ? 190 LYS A N   1 
ATOM   1310 C  CA  . LYS A 1 170 ? 8.308   20.571  -14.574 1.00 110.75 ? 190 LYS A CA  1 
ATOM   1311 C  C   . LYS A 1 170 ? 8.398   21.799  -15.518 1.00 131.61 ? 190 LYS A C   1 
ATOM   1312 O  O   . LYS A 1 170 ? 9.272   21.842  -16.395 1.00 145.21 ? 190 LYS A O   1 
ATOM   1313 C  CB  . LYS A 1 170 ? 8.321   21.017  -13.117 1.00 115.94 ? 190 LYS A CB  1 
ATOM   1314 C  CG  . LYS A 1 170 ? 6.988   20.844  -12.429 1.00 117.68 ? 190 LYS A CG  1 
ATOM   1315 C  CD  . LYS A 1 170 ? 6.995   21.466  -11.048 1.00 105.71 ? 190 LYS A CD  1 
ATOM   1316 C  CE  . LYS A 1 170 ? 5.562   21.512  -10.560 1.00 115.67 ? 190 LYS A CE  1 
ATOM   1317 N  NZ  . LYS A 1 170 ? 5.441   22.373  -9.359  1.00 132.16 ? 190 LYS A NZ  1 
ATOM   1318 N  N   . GLU A 1 171 ? 7.495   22.780  -15.314 1.00 138.64 ? 191 GLU A N   1 
ATOM   1319 C  CA  . GLU A 1 171 ? 7.356   24.047  -16.104 1.00 120.99 ? 191 GLU A CA  1 
ATOM   1320 C  C   . GLU A 1 171 ? 7.247   23.794  -17.608 1.00 122.52 ? 191 GLU A C   1 
ATOM   1321 O  O   . GLU A 1 171 ? 6.803   22.718  -18.029 1.00 119.88 ? 191 GLU A O   1 
ATOM   1322 C  CB  . GLU A 1 171 ? 8.447   25.100  -15.773 1.00 98.72  ? 191 GLU A CB  1 
HETATM 1323 C  C1  . LFA B 2 .   ? 3.322   5.879   1.331   1.00 50.26  ? 301 LFA A C1  1 
HETATM 1324 C  C2  . LFA B 2 .   ? 2.073   4.971   1.088   1.00 57.90  ? 301 LFA A C2  1 
HETATM 1325 C  C3  . LFA B 2 .   ? 1.454   4.170   2.269   1.00 59.17  ? 301 LFA A C3  1 
HETATM 1326 C  C4  . LFA B 2 .   ? 0.304   3.151   2.013   1.00 57.82  ? 301 LFA A C4  1 
HETATM 1327 C  C5  . LFA B 2 .   ? -0.282  2.623   3.360   1.00 56.87  ? 301 LFA A C5  1 
HETATM 1328 C  C6  . LFA B 2 .   ? -1.627  1.874   3.262   1.00 60.89  ? 301 LFA A C6  1 
HETATM 1329 C  C7  . LFA B 2 .   ? -2.144  1.071   4.479   1.00 55.33  ? 301 LFA A C7  1 
HETATM 1330 C  C8  . LFA B 2 .   ? -3.272  0.152   3.963   1.00 57.53  ? 301 LFA A C8  1 
HETATM 1331 C  C9  . LFA B 2 .   ? -3.967  -0.828  4.945   1.00 58.42  ? 301 LFA A C9  1 
HETATM 1332 C  C10 . LFA B 2 .   ? -5.166  -1.599  4.302   1.00 59.72  ? 301 LFA A C10 1 
HETATM 1333 C  C11 . LFA B 2 .   ? -5.893  -2.704  5.128   1.00 63.73  ? 301 LFA A C11 1 
HETATM 1334 C  C12 . LFA B 2 .   ? -6.890  -3.604  4.346   1.00 66.18  ? 301 LFA A C12 1 
HETATM 1335 C  C13 . LFA B 2 .   ? -7.895  -4.369  5.234   1.00 73.51  ? 301 LFA A C13 1 
HETATM 1336 C  C14 . LFA B 2 .   ? -8.876  -5.330  4.506   1.00 81.78  ? 301 LFA A C14 1 
HETATM 1337 C  C15 . LFA B 2 .   ? -10.185 -5.704  5.266   1.00 88.85  ? 301 LFA A C15 1 
HETATM 1338 C  C16 . LFA B 2 .   ? -10.400 -7.189  5.625   1.00 96.23  ? 301 LFA A C16 1 
HETATM 1339 C  C17 . LFA B 2 .   ? -11.107 -7.397  6.967   1.00 88.77  ? 301 LFA A C17 1 
HETATM 1340 S  S   . SO4 C 3 .   ? 9.133   7.489   15.467  0.90 107.52 ? 302 SO4 A S   1 
HETATM 1341 O  O1  . SO4 C 3 .   ? 9.649   7.790   16.823  0.90 98.10  ? 302 SO4 A O1  1 
HETATM 1342 O  O2  . SO4 C 3 .   ? 8.834   8.747   14.708  0.90 108.26 ? 302 SO4 A O2  1 
HETATM 1343 O  O3  . SO4 C 3 .   ? 7.893   6.691   15.625  0.90 136.35 ? 302 SO4 A O3  1 
HETATM 1344 O  O4  . SO4 C 3 .   ? 10.093  6.634   14.737  0.90 110.86 ? 302 SO4 A O4  1 
HETATM 1345 S  S   . SO4 D 3 .   ? -11.300 -10.158 14.034  0.45 49.21  ? 303 SO4 A S   1 
HETATM 1346 O  O1  . SO4 D 3 .   ? -12.341 -9.573  14.915  0.45 50.53  ? 303 SO4 A O1  1 
HETATM 1347 O  O2  . SO4 D 3 .   ? -11.720 -9.921  12.611  0.45 45.56  ? 303 SO4 A O2  1 
HETATM 1348 O  O3  . SO4 D 3 .   ? -9.973  -9.546  14.283  0.45 44.34  ? 303 SO4 A O3  1 
HETATM 1349 O  O4  . SO4 D 3 .   ? -11.193 -11.594 14.403  0.45 46.50  ? 303 SO4 A O4  1 
HETATM 1350 HG HG  . MBO E 4 .   ? 5.995   -4.228  -1.783  0.50 75.33  ? 304 MBO A HG  1 
HETATM 1351 C  CE1 . MBO E 4 .   ? 7.941   -4.981  -0.852  0.50 67.17  ? 304 MBO A CE1 1 
HETATM 1352 C  CE2 . MBO E 4 .   ? 8.836   -5.721  -1.632  0.50 63.68  ? 304 MBO A CE2 1 
HETATM 1353 C  CE3 . MBO E 4 .   ? 10.005  -6.170  -1.048  0.50 69.16  ? 304 MBO A CE3 1 
HETATM 1354 C  CE4 . MBO E 4 .   ? 10.258  -5.873  0.296   0.50 71.41  ? 304 MBO A CE4 1 
HETATM 1355 C  CE5 . MBO E 4 .   ? 9.354   -5.129  1.064   0.50 66.71  ? 304 MBO A CE5 1 
HETATM 1356 C  CE6 . MBO E 4 .   ? 8.177   -4.684  0.486   0.50 63.22  ? 304 MBO A CE6 1 
HETATM 1357 C  CZ  . MBO E 4 .   ? 11.532  -6.357  0.922   0.50 69.12  ? 304 MBO A CZ  1 
HETATM 1358 O  OZ1 . MBO E 4 .   ? 11.707  -6.241  2.157   0.50 68.07  ? 304 MBO A OZ1 1 
HETATM 1359 O  OZ2 . MBO E 4 .   ? 12.388  -6.862  0.174   0.50 64.58  ? 304 MBO A OZ2 1 
HETATM 1360 HG HG  . MBO F 4 .   ? 6.940   -3.001  -5.528  0.50 144.31 ? 305 MBO A HG  1 
HETATM 1361 O  O   . HOH G 5 .   ? -13.855 10.033  17.143  1.00 69.28  ? 401 HOH A O   1 
HETATM 1362 O  O   . HOH G 5 .   ? 3.582   12.464  7.400   1.00 55.67  ? 402 HOH A O   1 
HETATM 1363 O  O   . HOH G 5 .   ? 21.777  5.390   8.604   1.00 65.19  ? 403 HOH A O   1 
HETATM 1364 O  O   . HOH G 5 .   ? -7.758  2.538   18.482  1.00 73.22  ? 404 HOH A O   1 
HETATM 1365 O  O   . HOH G 5 .   ? 17.628  -0.202  3.552   1.00 62.87  ? 405 HOH A O   1 
HETATM 1366 O  O   . HOH G 5 .   ? -3.603  5.026   12.687  1.00 64.18  ? 406 HOH A O   1 
HETATM 1367 O  O   . HOH G 5 .   ? -26.394 -49.238 -4.631  1.00 66.88  ? 407 HOH A O   1 
HETATM 1368 O  O   . HOH G 5 .   ? 2.004   17.341  -1.960  1.00 62.18  ? 408 HOH A O   1 
HETATM 1369 O  O   . HOH G 5 .   ? 17.839  7.137   4.959   1.00 57.15  ? 409 HOH A O   1 
HETATM 1370 O  O   . HOH G 5 .   ? -18.011 5.084   10.739  1.00 65.54  ? 410 HOH A O   1 
HETATM 1371 O  O   . HOH G 5 .   ? -7.389  2.023   15.107  1.00 62.96  ? 411 HOH A O   1 
HETATM 1372 O  O   . HOH G 5 .   ? -3.605  -8.652  18.185  1.00 44.24  ? 412 HOH A O   1 
HETATM 1373 O  O   . HOH G 5 .   ? -17.513 -4.631  -5.829  1.00 68.86  ? 413 HOH A O   1 
HETATM 1374 O  O   . HOH G 5 .   ? -22.427 -22.809 9.222   1.00 52.91  ? 414 HOH A O   1 
HETATM 1375 O  O   . HOH G 5 .   ? -9.869  5.806   13.408  1.00 67.71  ? 415 HOH A O   1 
HETATM 1376 O  O   . HOH G 5 .   ? -2.344  -13.501 8.774   1.00 49.29  ? 416 HOH A O   1 
HETATM 1377 O  O   . HOH G 5 .   ? -21.569 -1.175  0.253   1.00 75.20  ? 417 HOH A O   1 
HETATM 1378 O  O   . HOH G 5 .   ? 1.215   16.292  -8.198  1.00 56.17  ? 418 HOH A O   1 
HETATM 1379 O  O   . HOH G 5 .   ? -11.540 -10.517 -2.252  1.00 52.13  ? 419 HOH A O   1 
HETATM 1380 O  O   . HOH G 5 .   ? -1.982  -13.350 -3.325  1.00 69.02  ? 420 HOH A O   1 
HETATM 1381 O  O   . HOH G 5 .   ? -5.461  0.408   -11.787 1.00 62.44  ? 421 HOH A O   1 
# 
loop_
_pdbx_poly_seq_scheme.asym_id 
_pdbx_poly_seq_scheme.entity_id 
_pdbx_poly_seq_scheme.seq_id 
_pdbx_poly_seq_scheme.mon_id 
_pdbx_poly_seq_scheme.ndb_seq_num 
_pdbx_poly_seq_scheme.pdb_seq_num 
_pdbx_poly_seq_scheme.auth_seq_num 
_pdbx_poly_seq_scheme.pdb_mon_id 
_pdbx_poly_seq_scheme.auth_mon_id 
_pdbx_poly_seq_scheme.pdb_strand_id 
_pdbx_poly_seq_scheme.pdb_ins_code 
_pdbx_poly_seq_scheme.hetero 
A 1 1   MET 1   21  21  MET MET A . n 
A 1 2   LYS 2   22  22  LYS LYS A . n 
A 1 3   GLU 3   23  23  GLU GLU A . n 
A 1 4   TYR 4   24  24  TYR TYR A . n 
A 1 5   THR 5   25  25  THR THR A . n 
A 1 6   LEU 6   26  26  LEU LEU A . n 
A 1 7   ASP 7   27  27  ASP ASP A . n 
A 1 8   LYS 8   28  28  LYS LYS A . n 
A 1 9   ALA 9   29  29  ALA ALA A . n 
A 1 10  HIS 10  30  30  HIS HIS A . n 
A 1 11  THR 11  31  31  THR THR A . n 
A 1 12  ASP 12  32  32  ASP ASP A . n 
A 1 13  VAL 13  33  33  VAL VAL A . n 
A 1 14  GLY 14  34  34  GLY GLY A . n 
A 1 15  PHE 15  35  35  PHE PHE A . n 
A 1 16  LYS 16  36  36  LYS LYS A . n 
A 1 17  ILE 17  37  37  ILE ILE A . n 
A 1 18  LYS 18  38  38  LYS LYS A . n 
A 1 19  HIS 19  39  39  HIS HIS A . n 
A 1 20  LEU 20  40  40  LEU LEU A . n 
A 1 21  GLN 21  41  41  GLN GLN A . n 
A 1 22  ILE 22  42  42  ILE ILE A . n 
A 1 23  SER 23  43  43  SER SER A . n 
A 1 24  ASN 24  44  44  ASN ASN A . n 
A 1 25  VAL 25  45  45  VAL VAL A . n 
A 1 26  LYS 26  46  46  LYS LYS A . n 
A 1 27  GLY 27  47  47  GLY GLY A . n 
A 1 28  ASN 28  48  48  ASN ASN A . n 
A 1 29  PHE 29  49  49  PHE PHE A . n 
A 1 30  LYS 30  50  50  LYS LYS A . n 
A 1 31  ASP 31  51  51  ASP ASP A . n 
A 1 32  TYR 32  52  52  TYR TYR A . n 
A 1 33  SER 33  53  53  SER SER A . n 
A 1 34  ALA 34  54  54  ALA ALA A . n 
A 1 35  VAL 35  55  55  VAL VAL A . n 
A 1 36  ILE 36  56  56  ILE ILE A . n 
A 1 37  ASP 37  57  57  ASP ASP A . n 
A 1 38  PHE 38  58  58  PHE PHE A . n 
A 1 39  ASP 39  59  59  ASP ASP A . n 
A 1 40  PRO 40  60  60  PRO PRO A . n 
A 1 41  ALA 41  61  61  ALA ALA A . n 
A 1 42  SER 42  62  62  SER SER A . n 
A 1 43  ALA 43  63  63  ALA ALA A . n 
A 1 44  GLU 44  64  64  GLU GLU A . n 
A 1 45  PHE 45  65  65  PHE PHE A . n 
A 1 46  LYS 46  66  66  LYS LYS A . n 
A 1 47  LYS 47  67  67  LYS LYS A . n 
A 1 48  LEU 48  68  68  LEU LEU A . n 
A 1 49  ASP 49  69  69  ASP ASP A . n 
A 1 50  VAL 50  70  70  VAL VAL A . n 
A 1 51  THR 51  71  71  THR THR A . n 
A 1 52  ILE 52  72  72  ILE ILE A . n 
A 1 53  LYS 53  73  73  LYS LYS A . n 
A 1 54  ILE 54  74  74  ILE ILE A . n 
A 1 55  ALA 55  75  75  ALA ALA A . n 
A 1 56  SER 56  76  76  SER SER A . n 
A 1 57  VAL 57  77  77  VAL VAL A . n 
A 1 58  ASN 58  78  78  ASN ASN A . n 
A 1 59  THR 59  79  79  THR THR A . n 
A 1 60  GLU 60  80  80  GLU GLU A . n 
A 1 61  ASN 61  81  81  ASN ASN A . n 
A 1 62  GLN 62  82  82  GLN GLN A . n 
A 1 63  THR 63  83  83  THR THR A . n 
A 1 64  ARG 64  84  84  ARG ARG A . n 
A 1 65  ASP 65  85  85  ASP ASP A . n 
A 1 66  ASN 66  86  86  ASN ASN A . n 
A 1 67  HIS 67  87  87  HIS HIS A . n 
A 1 68  LEU 68  88  88  LEU LEU A . n 
A 1 69  GLN 69  89  89  GLN GLN A . n 
A 1 70  GLN 70  90  90  GLN GLN A . n 
A 1 71  ASP 71  91  91  ASP ASP A . n 
A 1 72  ASP 72  92  92  ASP ASP A . n 
A 1 73  PHE 73  93  93  PHE PHE A . n 
A 1 74  PHE 74  94  94  PHE PHE A . n 
A 1 75  LYS 75  95  95  LYS LYS A . n 
A 1 76  ALA 76  96  96  ALA ALA A . n 
A 1 77  LYS 77  97  97  LYS LYS A . n 
A 1 78  LYS 78  98  98  LYS LYS A . n 
A 1 79  TYR 79  99  99  TYR TYR A . n 
A 1 80  PRO 80  100 100 PRO PRO A . n 
A 1 81  ASP 81  101 101 ASP ASP A . n 
A 1 82  MET 82  102 102 MET MET A . n 
A 1 83  THR 83  103 103 THR THR A . n 
A 1 84  PHE 84  104 104 PHE PHE A . n 
A 1 85  THR 85  105 105 THR THR A . n 
A 1 86  MET 86  106 106 MET MET A . n 
A 1 87  LYS 87  107 107 LYS LYS A . n 
A 1 88  LYS 88  108 108 LYS LYS A . n 
A 1 89  TYR 89  109 109 TYR TYR A . n 
A 1 90  GLU 90  110 110 GLU GLU A . n 
A 1 91  LYS 91  111 111 LYS LYS A . n 
A 1 92  ILE 92  112 112 ILE ILE A . n 
A 1 93  ASP 93  113 113 ASP ASP A . n 
A 1 94  ASN 94  114 114 ASN ASN A . n 
A 1 95  GLU 95  115 115 GLU GLU A . n 
A 1 96  LYS 96  116 116 LYS LYS A . n 
A 1 97  GLY 97  117 117 GLY GLY A . n 
A 1 98  LYS 98  118 118 LYS LYS A . n 
A 1 99  MET 99  119 119 MET MET A . n 
A 1 100 THR 100 120 120 THR THR A . n 
A 1 101 GLY 101 121 121 GLY GLY A . n 
A 1 102 THR 102 122 122 THR THR A . n 
A 1 103 LEU 103 123 123 LEU LEU A . n 
A 1 104 THR 104 124 124 THR THR A . n 
A 1 105 ILE 105 125 125 ILE ILE A . n 
A 1 106 ALA 106 126 126 ALA ALA A . n 
A 1 107 GLY 107 127 127 GLY GLY A . n 
A 1 108 VAL 108 128 128 VAL VAL A . n 
A 1 109 SER 109 129 129 SER SER A . n 
A 1 110 LYS 110 130 130 LYS LYS A . n 
A 1 111 ASP 111 131 131 ASP ASP A . n 
A 1 112 ILE 112 132 132 ILE ILE A . n 
A 1 113 VAL 113 133 133 VAL VAL A . n 
A 1 114 LEU 114 134 134 LEU LEU A . n 
A 1 115 ASP 115 135 135 ASP ASP A . n 
A 1 116 ALA 116 136 136 ALA ALA A . n 
A 1 117 GLU 117 137 137 GLU GLU A . n 
A 1 118 ILE 118 138 138 ILE ILE A . n 
A 1 119 GLY 119 139 139 GLY GLY A . n 
A 1 120 GLY 120 140 140 GLY GLY A . n 
A 1 121 VAL 121 141 141 VAL VAL A . n 
A 1 122 ALA 122 142 142 ALA ALA A . n 
A 1 123 LYS 123 143 143 LYS LYS A . n 
A 1 124 GLY 124 144 144 GLY GLY A . n 
A 1 125 LYS 125 145 145 LYS LYS A . n 
A 1 126 ASP 126 146 146 ASP ASP A . n 
A 1 127 GLY 127 147 147 GLY GLY A . n 
A 1 128 LYS 128 148 148 LYS LYS A . n 
A 1 129 GLU 129 149 149 GLU GLU A . n 
A 1 130 LYS 130 150 150 LYS LYS A . n 
A 1 131 ILE 131 151 151 ILE ILE A . n 
A 1 132 GLY 132 152 152 GLY GLY A . n 
A 1 133 PHE 133 153 153 PHE PHE A . n 
A 1 134 SER 134 154 154 SER SER A . n 
A 1 135 LEU 135 155 155 LEU LEU A . n 
A 1 136 ASN 136 156 156 ASN ASN A . n 
A 1 137 GLY 137 157 157 GLY GLY A . n 
A 1 138 LYS 138 158 158 LYS LYS A . n 
A 1 139 ILE 139 159 159 ILE ILE A . n 
A 1 140 LYS 140 160 160 LYS LYS A . n 
A 1 141 ARG 141 161 161 ARG ARG A . n 
A 1 142 SER 142 162 162 SER SER A . n 
A 1 143 ASP 143 163 163 ASP ASP A . n 
A 1 144 PHE 144 164 164 PHE PHE A . n 
A 1 145 LYS 145 165 165 LYS LYS A . n 
A 1 146 PHE 146 166 166 PHE PHE A . n 
A 1 147 ALA 147 167 167 ALA ALA A . n 
A 1 148 THR 148 168 168 THR THR A . n 
A 1 149 SER 149 169 169 SER SER A . n 
A 1 150 THR 150 170 170 THR THR A . n 
A 1 151 SER 151 171 171 SER SER A . n 
A 1 152 THR 152 172 172 THR THR A . n 
A 1 153 ILE 153 173 173 ILE ILE A . n 
A 1 154 THR 154 174 174 THR THR A . n 
A 1 155 LEU 155 175 175 LEU LEU A . n 
A 1 156 SER 156 176 176 SER SER A . n 
A 1 157 ASP 157 177 177 ASP ASP A . n 
A 1 158 ASP 158 178 178 ASP ASP A . n 
A 1 159 ILE 159 179 179 ILE ILE A . n 
A 1 160 ASN 160 180 180 ASN ASN A . n 
A 1 161 LEU 161 181 181 LEU LEU A . n 
A 1 162 CYS 162 182 182 CYS CYS A . n 
A 1 163 ILE 163 183 183 ILE ILE A . n 
A 1 164 GLU 164 184 184 GLU GLU A . n 
A 1 165 VAL 165 185 185 VAL VAL A . n 
A 1 166 GLU 166 186 186 GLU GLU A . n 
A 1 167 ALA 167 187 187 ALA ALA A . n 
A 1 168 ASN 168 188 188 ASN ASN A . n 
A 1 169 GLU 169 189 189 GLU GLU A . n 
A 1 170 LYS 170 190 190 LYS LYS A . n 
A 1 171 GLU 171 191 191 GLU GLU A . n 
A 1 172 GLY 172 192 ?   ?   ?   A . n 
A 1 173 GLY 173 193 ?   ?   ?   A . n 
A 1 174 SER 174 194 ?   ?   ?   A . n 
A 1 175 HIS 175 195 ?   ?   ?   A . n 
A 1 176 HIS 176 196 ?   ?   ?   A . n 
A 1 177 HIS 177 197 ?   ?   ?   A . n 
A 1 178 HIS 178 198 ?   ?   ?   A . n 
A 1 179 HIS 179 199 ?   ?   ?   A . n 
A 1 180 HIS 180 200 ?   ?   ?   A . n 
# 
loop_
_pdbx_nonpoly_scheme.asym_id 
_pdbx_nonpoly_scheme.entity_id 
_pdbx_nonpoly_scheme.mon_id 
_pdbx_nonpoly_scheme.ndb_seq_num 
_pdbx_nonpoly_scheme.pdb_seq_num 
_pdbx_nonpoly_scheme.auth_seq_num 
_pdbx_nonpoly_scheme.pdb_mon_id 
_pdbx_nonpoly_scheme.auth_mon_id 
_pdbx_nonpoly_scheme.pdb_strand_id 
_pdbx_nonpoly_scheme.pdb_ins_code 
B 2 LFA 1  301 1  LFA LFA A . 
C 3 SO4 1  302 1  SO4 SO4 A . 
D 3 SO4 1  303 2  SO4 SO4 A . 
E 4 MBO 1  304 1  MBO MBO A . 
F 4 MBO 1  305 2  MBO MBO A . 
G 5 HOH 1  401 25 HOH HOH A . 
G 5 HOH 2  402 17 HOH HOH A . 
G 5 HOH 3  403 6  HOH HOH A . 
G 5 HOH 4  404 14 HOH HOH A . 
G 5 HOH 5  405 7  HOH HOH A . 
G 5 HOH 6  406 19 HOH HOH A . 
G 5 HOH 7  407 9  HOH HOH A . 
G 5 HOH 8  408 10 HOH HOH A . 
G 5 HOH 9  409 1  HOH HOH A . 
G 5 HOH 10 410 22 HOH HOH A . 
G 5 HOH 11 411 12 HOH HOH A . 
G 5 HOH 12 412 5  HOH HOH A . 
G 5 HOH 13 413 4  HOH HOH A . 
G 5 HOH 14 414 20 HOH HOH A . 
G 5 HOH 15 415 15 HOH HOH A . 
G 5 HOH 16 416 3  HOH HOH A . 
G 5 HOH 17 417 11 HOH HOH A . 
G 5 HOH 18 418 8  HOH HOH A . 
G 5 HOH 19 419 2  HOH HOH A . 
G 5 HOH 20 420 18 HOH HOH A . 
G 5 HOH 21 421 21 HOH HOH A . 
# 
loop_
_pdbx_struct_assembly.id 
_pdbx_struct_assembly.details 
_pdbx_struct_assembly.method_details 
_pdbx_struct_assembly.oligomeric_details 
_pdbx_struct_assembly.oligomeric_count 
1 author_defined_assembly   ?    monomeric  1 
2 software_defined_assembly PISA tetrameric 4 
# 
loop_
_pdbx_struct_assembly_gen.assembly_id 
_pdbx_struct_assembly_gen.oper_expression 
_pdbx_struct_assembly_gen.asym_id_list 
1 1       A,B,C,D,E,F,G 
2 1,2,3,4 A,B,C,D,E,F,G 
# 
loop_
_pdbx_struct_assembly_prop.biol_id 
_pdbx_struct_assembly_prop.type 
_pdbx_struct_assembly_prop.value 
_pdbx_struct_assembly_prop.details 
1 'ABSA (A^2)' 1480  ? 
1 MORE         -29   ? 
1 'SSA (A^2)'  12460 ? 
2 'ABSA (A^2)' 23550 ? 
2 MORE         -262  ? 
2 'SSA (A^2)'  32210 ? 
# 
loop_
_pdbx_struct_oper_list.id 
_pdbx_struct_oper_list.type 
_pdbx_struct_oper_list.name 
_pdbx_struct_oper_list.symmetry_operation 
_pdbx_struct_oper_list.matrix[1][1] 
_pdbx_struct_oper_list.matrix[1][2] 
_pdbx_struct_oper_list.matrix[1][3] 
_pdbx_struct_oper_list.vector[1] 
_pdbx_struct_oper_list.matrix[2][1] 
_pdbx_struct_oper_list.matrix[2][2] 
_pdbx_struct_oper_list.matrix[2][3] 
_pdbx_struct_oper_list.vector[2] 
_pdbx_struct_oper_list.matrix[3][1] 
_pdbx_struct_oper_list.matrix[3][2] 
_pdbx_struct_oper_list.matrix[3][3] 
_pdbx_struct_oper_list.vector[3] 
1 'identity operation'         1_555  x,y,z        1.0000000000  0.0000000000  0.0000000000  0.0000000000   0.0000000000  1.0000000000  0.0000000000  0.0000000000   0.0000000000  0.0000000000  1.0000000000  0.0000000000  
2 'crystal symmetry operation' 4_545  -x,-y-1,z    -0.5293022191 -0.7966352513 -0.2919099814 -20.5274014412 -0.7966352513 0.3482700564  0.4940447795  -22.7958354318 -0.2919099814 0.4940447795  -0.8189678373 29.1109051505 
3 'crystal symmetry operation' 9_556  -x,-x+y,-z+1 -0.6945317835 -0.0814485700 0.7148368571  -20.0212536123 -0.0814485700 -0.9782829467 -0.1906006471 -35.3411811291 0.7148368571  -0.1906006471 0.6728147301  4.5288207228  
4 'crystal symmetry operation' 12_546 x,x-y-1,-z+1 0.2238340025  0.8780838213  -0.4229268757 16.9019152619  0.8780838213  -0.3699871097 -0.3034441324 -16.9170339377 -0.4229268757 -0.3034441324 -0.8538468928 13.7862243682 
# 
_pdbx_struct_conn_angle.id                    1 
_pdbx_struct_conn_angle.ptnr1_label_atom_id   O 
_pdbx_struct_conn_angle.ptnr1_label_alt_id    ? 
_pdbx_struct_conn_angle.ptnr1_label_asym_id   A 
_pdbx_struct_conn_angle.ptnr1_label_comp_id   LEU 
_pdbx_struct_conn_angle.ptnr1_label_seq_id    161 
_pdbx_struct_conn_angle.ptnr1_auth_atom_id    ? 
_pdbx_struct_conn_angle.ptnr1_auth_asym_id    A 
_pdbx_struct_conn_angle.ptnr1_auth_comp_id    LEU 
_pdbx_struct_conn_angle.ptnr1_auth_seq_id     181 
_pdbx_struct_conn_angle.ptnr1_PDB_ins_code    ? 
_pdbx_struct_conn_angle.ptnr1_symmetry        1_555 
_pdbx_struct_conn_angle.ptnr2_label_atom_id   HG 
_pdbx_struct_conn_angle.ptnr2_label_alt_id    ? 
_pdbx_struct_conn_angle.ptnr2_label_asym_id   E 
_pdbx_struct_conn_angle.ptnr2_label_comp_id   MBO 
_pdbx_struct_conn_angle.ptnr2_label_seq_id    . 
_pdbx_struct_conn_angle.ptnr2_auth_atom_id    ? 
_pdbx_struct_conn_angle.ptnr2_auth_asym_id    A 
_pdbx_struct_conn_angle.ptnr2_auth_comp_id    MBO 
_pdbx_struct_conn_angle.ptnr2_auth_seq_id     304 
_pdbx_struct_conn_angle.ptnr2_PDB_ins_code    ? 
_pdbx_struct_conn_angle.ptnr2_symmetry        1_555 
_pdbx_struct_conn_angle.ptnr3_label_atom_id   CE1 
_pdbx_struct_conn_angle.ptnr3_label_alt_id    ? 
_pdbx_struct_conn_angle.ptnr3_label_asym_id   E 
_pdbx_struct_conn_angle.ptnr3_label_comp_id   MBO 
_pdbx_struct_conn_angle.ptnr3_label_seq_id    . 
_pdbx_struct_conn_angle.ptnr3_auth_atom_id    ? 
_pdbx_struct_conn_angle.ptnr3_auth_asym_id    A 
_pdbx_struct_conn_angle.ptnr3_auth_comp_id    MBO 
_pdbx_struct_conn_angle.ptnr3_auth_seq_id     304 
_pdbx_struct_conn_angle.ptnr3_PDB_ins_code    ? 
_pdbx_struct_conn_angle.ptnr3_symmetry        1_555 
_pdbx_struct_conn_angle.value                 96.4 
_pdbx_struct_conn_angle.value_esd             ? 
# 
loop_
_pdbx_audit_revision_history.ordinal 
_pdbx_audit_revision_history.data_content_type 
_pdbx_audit_revision_history.major_revision 
_pdbx_audit_revision_history.minor_revision 
_pdbx_audit_revision_history.revision_date 
1 'Structure model' 1 0 2018-01-03 
2 'Structure model' 1 1 2018-01-31 
3 'Structure model' 1 2 2023-10-04 
# 
_pdbx_audit_revision_details.ordinal             1 
_pdbx_audit_revision_details.revision_ordinal    1 
_pdbx_audit_revision_details.data_content_type   'Structure model' 
_pdbx_audit_revision_details.provider            repository 
_pdbx_audit_revision_details.type                'Initial release' 
_pdbx_audit_revision_details.description         ? 
_pdbx_audit_revision_details.details             ? 
# 
loop_
_pdbx_audit_revision_group.ordinal 
_pdbx_audit_revision_group.revision_ordinal 
_pdbx_audit_revision_group.data_content_type 
_pdbx_audit_revision_group.group 
1 2 'Structure model' 'Database references'    
2 3 'Structure model' 'Data collection'        
3 3 'Structure model' 'Database references'    
4 3 'Structure model' 'Refinement description' 
# 
loop_
_pdbx_audit_revision_category.ordinal 
_pdbx_audit_revision_category.revision_ordinal 
_pdbx_audit_revision_category.data_content_type 
_pdbx_audit_revision_category.category 
1 2 'Structure model' citation                      
2 3 'Structure model' chem_comp_atom                
3 3 'Structure model' chem_comp_bond                
4 3 'Structure model' database_2                    
5 3 'Structure model' pdbx_initial_refinement_model 
# 
loop_
_pdbx_audit_revision_item.ordinal 
_pdbx_audit_revision_item.revision_ordinal 
_pdbx_audit_revision_item.data_content_type 
_pdbx_audit_revision_item.item 
1 2 'Structure model' '_citation.journal_volume'            
2 2 'Structure model' '_citation.page_first'                
3 2 'Structure model' '_citation.page_last'                 
4 2 'Structure model' '_citation.year'                      
5 3 'Structure model' '_database_2.pdbx_DOI'                
6 3 'Structure model' '_database_2.pdbx_database_accession' 
# 
loop_
_software.citation_id 
_software.classification 
_software.compiler_name 
_software.compiler_version 
_software.contact_author 
_software.contact_author_email 
_software.date 
_software.description 
_software.dependencies 
_software.hardware 
_software.language 
_software.location 
_software.mods 
_software.name 
_software.os 
_software.os_version 
_software.type 
_software.version 
_software.pdbx_ordinal 
? 'data scaling'    ? ? ? ? ? ? ? ? ? ? ? SCALA       ? ? ? 3.3.22   1 
? refinement        ? ? ? ? ? ? ? ? ? ? ? REFMAC      ? ? ? 5.8.0158 2 
? 'data extraction' ? ? ? ? ? ? ? ? ? ? ? PDB_EXTRACT ? ? ? 3.22     3 
? 'data reduction'  ? ? ? ? ? ? ? ? ? ? ? XDS         ? ? ? 20161101 4 
? phasing           ? ? ? ? ? ? ? ? ? ? ? REFMAC      ? ? ? 5.8.0158 5 
# 
loop_
_pdbx_validate_torsion.id 
_pdbx_validate_torsion.PDB_model_num 
_pdbx_validate_torsion.auth_comp_id 
_pdbx_validate_torsion.auth_asym_id 
_pdbx_validate_torsion.auth_seq_id 
_pdbx_validate_torsion.PDB_ins_code 
_pdbx_validate_torsion.label_alt_id 
_pdbx_validate_torsion.phi 
_pdbx_validate_torsion.psi 
1 1 LYS A 22 ? ? -174.29 147.61  
2 1 PHE A 93 ? ? -126.31 -115.16 
# 
loop_
_pdbx_unobs_or_zero_occ_atoms.id 
_pdbx_unobs_or_zero_occ_atoms.PDB_model_num 
_pdbx_unobs_or_zero_occ_atoms.polymer_flag 
_pdbx_unobs_or_zero_occ_atoms.occupancy_flag 
_pdbx_unobs_or_zero_occ_atoms.auth_asym_id 
_pdbx_unobs_or_zero_occ_atoms.auth_comp_id 
_pdbx_unobs_or_zero_occ_atoms.auth_seq_id 
_pdbx_unobs_or_zero_occ_atoms.PDB_ins_code 
_pdbx_unobs_or_zero_occ_atoms.auth_atom_id 
_pdbx_unobs_or_zero_occ_atoms.label_alt_id 
_pdbx_unobs_or_zero_occ_atoms.label_asym_id 
_pdbx_unobs_or_zero_occ_atoms.label_comp_id 
_pdbx_unobs_or_zero_occ_atoms.label_seq_id 
_pdbx_unobs_or_zero_occ_atoms.label_atom_id 
1  1 Y 1 A LYS 46  ? CG  ? A LYS 26  CG  
2  1 Y 1 A LYS 46  ? CD  ? A LYS 26  CD  
3  1 Y 1 A LYS 46  ? CE  ? A LYS 26  CE  
4  1 Y 1 A LYS 46  ? NZ  ? A LYS 26  NZ  
5  1 Y 1 A LYS 50  ? CG  ? A LYS 30  CG  
6  1 Y 1 A LYS 50  ? CD  ? A LYS 30  CD  
7  1 Y 1 A LYS 50  ? CE  ? A LYS 30  CE  
8  1 Y 1 A LYS 50  ? NZ  ? A LYS 30  NZ  
9  1 Y 1 A LYS 97  ? CG  ? A LYS 77  CG  
10 1 Y 1 A LYS 97  ? CD  ? A LYS 77  CD  
11 1 Y 1 A LYS 97  ? CE  ? A LYS 77  CE  
12 1 Y 1 A LYS 97  ? NZ  ? A LYS 77  NZ  
13 1 Y 1 A LYS 158 ? CG  ? A LYS 138 CG  
14 1 Y 1 A LYS 158 ? CD  ? A LYS 138 CD  
15 1 Y 1 A LYS 158 ? CE  ? A LYS 138 CE  
16 1 Y 1 A LYS 158 ? NZ  ? A LYS 138 NZ  
17 1 Y 1 A GLU 186 ? CG  ? A GLU 166 CG  
18 1 Y 1 A GLU 186 ? CD  ? A GLU 166 CD  
19 1 Y 1 A GLU 186 ? OE1 ? A GLU 166 OE1 
20 1 Y 1 A GLU 186 ? OE2 ? A GLU 166 OE2 
21 1 Y 1 A GLU 191 ? CG  ? A GLU 171 CG  
22 1 Y 1 A GLU 191 ? CD  ? A GLU 171 CD  
23 1 Y 1 A GLU 191 ? OE1 ? A GLU 171 OE1 
24 1 Y 1 A GLU 191 ? OE2 ? A GLU 171 OE2 
25 1 N 1 A LFA 301 ? C18 ? B LFA 1   C18 
26 1 N 1 A LFA 301 ? C19 ? B LFA 1   C19 
27 1 N 1 A LFA 301 ? C20 ? B LFA 1   C20 
# 
loop_
_pdbx_unobs_or_zero_occ_residues.id 
_pdbx_unobs_or_zero_occ_residues.PDB_model_num 
_pdbx_unobs_or_zero_occ_residues.polymer_flag 
_pdbx_unobs_or_zero_occ_residues.occupancy_flag 
_pdbx_unobs_or_zero_occ_residues.auth_asym_id 
_pdbx_unobs_or_zero_occ_residues.auth_comp_id 
_pdbx_unobs_or_zero_occ_residues.auth_seq_id 
_pdbx_unobs_or_zero_occ_residues.PDB_ins_code 
_pdbx_unobs_or_zero_occ_residues.label_asym_id 
_pdbx_unobs_or_zero_occ_residues.label_comp_id 
_pdbx_unobs_or_zero_occ_residues.label_seq_id 
1 1 Y 1 A GLY 192 ? A GLY 172 
2 1 Y 1 A GLY 193 ? A GLY 173 
3 1 Y 1 A SER 194 ? A SER 174 
4 1 Y 1 A HIS 195 ? A HIS 175 
5 1 Y 1 A HIS 196 ? A HIS 176 
6 1 Y 1 A HIS 197 ? A HIS 177 
7 1 Y 1 A HIS 198 ? A HIS 178 
8 1 Y 1 A HIS 199 ? A HIS 179 
9 1 Y 1 A HIS 200 ? A HIS 180 
# 
loop_
_chem_comp_atom.comp_id 
_chem_comp_atom.atom_id 
_chem_comp_atom.type_symbol 
_chem_comp_atom.pdbx_aromatic_flag 
_chem_comp_atom.pdbx_stereo_config 
_chem_comp_atom.pdbx_ordinal 
ALA N    N  N N 1   
ALA CA   C  N S 2   
ALA C    C  N N 3   
ALA O    O  N N 4   
ALA CB   C  N N 5   
ALA OXT  O  N N 6   
ALA H    H  N N 7   
ALA H2   H  N N 8   
ALA HA   H  N N 9   
ALA HB1  H  N N 10  
ALA HB2  H  N N 11  
ALA HB3  H  N N 12  
ALA HXT  H  N N 13  
ARG N    N  N N 14  
ARG CA   C  N S 15  
ARG C    C  N N 16  
ARG O    O  N N 17  
ARG CB   C  N N 18  
ARG CG   C  N N 19  
ARG CD   C  N N 20  
ARG NE   N  N N 21  
ARG CZ   C  N N 22  
ARG NH1  N  N N 23  
ARG NH2  N  N N 24  
ARG OXT  O  N N 25  
ARG H    H  N N 26  
ARG H2   H  N N 27  
ARG HA   H  N N 28  
ARG HB2  H  N N 29  
ARG HB3  H  N N 30  
ARG HG2  H  N N 31  
ARG HG3  H  N N 32  
ARG HD2  H  N N 33  
ARG HD3  H  N N 34  
ARG HE   H  N N 35  
ARG HH11 H  N N 36  
ARG HH12 H  N N 37  
ARG HH21 H  N N 38  
ARG HH22 H  N N 39  
ARG HXT  H  N N 40  
ASN N    N  N N 41  
ASN CA   C  N S 42  
ASN C    C  N N 43  
ASN O    O  N N 44  
ASN CB   C  N N 45  
ASN CG   C  N N 46  
ASN OD1  O  N N 47  
ASN ND2  N  N N 48  
ASN OXT  O  N N 49  
ASN H    H  N N 50  
ASN H2   H  N N 51  
ASN HA   H  N N 52  
ASN HB2  H  N N 53  
ASN HB3  H  N N 54  
ASN HD21 H  N N 55  
ASN HD22 H  N N 56  
ASN HXT  H  N N 57  
ASP N    N  N N 58  
ASP CA   C  N S 59  
ASP C    C  N N 60  
ASP O    O  N N 61  
ASP CB   C  N N 62  
ASP CG   C  N N 63  
ASP OD1  O  N N 64  
ASP OD2  O  N N 65  
ASP OXT  O  N N 66  
ASP H    H  N N 67  
ASP H2   H  N N 68  
ASP HA   H  N N 69  
ASP HB2  H  N N 70  
ASP HB3  H  N N 71  
ASP HD2  H  N N 72  
ASP HXT  H  N N 73  
CYS N    N  N N 74  
CYS CA   C  N R 75  
CYS C    C  N N 76  
CYS O    O  N N 77  
CYS CB   C  N N 78  
CYS SG   S  N N 79  
CYS OXT  O  N N 80  
CYS H    H  N N 81  
CYS H2   H  N N 82  
CYS HA   H  N N 83  
CYS HB2  H  N N 84  
CYS HB3  H  N N 85  
CYS HG   H  N N 86  
CYS HXT  H  N N 87  
GLN N    N  N N 88  
GLN CA   C  N S 89  
GLN C    C  N N 90  
GLN O    O  N N 91  
GLN CB   C  N N 92  
GLN CG   C  N N 93  
GLN CD   C  N N 94  
GLN OE1  O  N N 95  
GLN NE2  N  N N 96  
GLN OXT  O  N N 97  
GLN H    H  N N 98  
GLN H2   H  N N 99  
GLN HA   H  N N 100 
GLN HB2  H  N N 101 
GLN HB3  H  N N 102 
GLN HG2  H  N N 103 
GLN HG3  H  N N 104 
GLN HE21 H  N N 105 
GLN HE22 H  N N 106 
GLN HXT  H  N N 107 
GLU N    N  N N 108 
GLU CA   C  N S 109 
GLU C    C  N N 110 
GLU O    O  N N 111 
GLU CB   C  N N 112 
GLU CG   C  N N 113 
GLU CD   C  N N 114 
GLU OE1  O  N N 115 
GLU OE2  O  N N 116 
GLU OXT  O  N N 117 
GLU H    H  N N 118 
GLU H2   H  N N 119 
GLU HA   H  N N 120 
GLU HB2  H  N N 121 
GLU HB3  H  N N 122 
GLU HG2  H  N N 123 
GLU HG3  H  N N 124 
GLU HE2  H  N N 125 
GLU HXT  H  N N 126 
GLY N    N  N N 127 
GLY CA   C  N N 128 
GLY C    C  N N 129 
GLY O    O  N N 130 
GLY OXT  O  N N 131 
GLY H    H  N N 132 
GLY H2   H  N N 133 
GLY HA2  H  N N 134 
GLY HA3  H  N N 135 
GLY HXT  H  N N 136 
HIS N    N  N N 137 
HIS CA   C  N S 138 
HIS C    C  N N 139 
HIS O    O  N N 140 
HIS CB   C  N N 141 
HIS CG   C  Y N 142 
HIS ND1  N  Y N 143 
HIS CD2  C  Y N 144 
HIS CE1  C  Y N 145 
HIS NE2  N  Y N 146 
HIS OXT  O  N N 147 
HIS H    H  N N 148 
HIS H2   H  N N 149 
HIS HA   H  N N 150 
HIS HB2  H  N N 151 
HIS HB3  H  N N 152 
HIS HD1  H  N N 153 
HIS HD2  H  N N 154 
HIS HE1  H  N N 155 
HIS HE2  H  N N 156 
HIS HXT  H  N N 157 
HOH O    O  N N 158 
HOH H1   H  N N 159 
HOH H2   H  N N 160 
ILE N    N  N N 161 
ILE CA   C  N S 162 
ILE C    C  N N 163 
ILE O    O  N N 164 
ILE CB   C  N S 165 
ILE CG1  C  N N 166 
ILE CG2  C  N N 167 
ILE CD1  C  N N 168 
ILE OXT  O  N N 169 
ILE H    H  N N 170 
ILE H2   H  N N 171 
ILE HA   H  N N 172 
ILE HB   H  N N 173 
ILE HG12 H  N N 174 
ILE HG13 H  N N 175 
ILE HG21 H  N N 176 
ILE HG22 H  N N 177 
ILE HG23 H  N N 178 
ILE HD11 H  N N 179 
ILE HD12 H  N N 180 
ILE HD13 H  N N 181 
ILE HXT  H  N N 182 
LEU N    N  N N 183 
LEU CA   C  N S 184 
LEU C    C  N N 185 
LEU O    O  N N 186 
LEU CB   C  N N 187 
LEU CG   C  N N 188 
LEU CD1  C  N N 189 
LEU CD2  C  N N 190 
LEU OXT  O  N N 191 
LEU H    H  N N 192 
LEU H2   H  N N 193 
LEU HA   H  N N 194 
LEU HB2  H  N N 195 
LEU HB3  H  N N 196 
LEU HG   H  N N 197 
LEU HD11 H  N N 198 
LEU HD12 H  N N 199 
LEU HD13 H  N N 200 
LEU HD21 H  N N 201 
LEU HD22 H  N N 202 
LEU HD23 H  N N 203 
LEU HXT  H  N N 204 
LFA C1   C  N N 205 
LFA C2   C  N N 206 
LFA C3   C  N N 207 
LFA C4   C  N N 208 
LFA C5   C  N N 209 
LFA C6   C  N N 210 
LFA C7   C  N N 211 
LFA C8   C  N N 212 
LFA C9   C  N N 213 
LFA C10  C  N N 214 
LFA C11  C  N N 215 
LFA C12  C  N N 216 
LFA C13  C  N N 217 
LFA C14  C  N N 218 
LFA C15  C  N N 219 
LFA C16  C  N N 220 
LFA C17  C  N N 221 
LFA C18  C  N N 222 
LFA C19  C  N N 223 
LFA C20  C  N N 224 
LFA H11  H  N N 225 
LFA H12  H  N N 226 
LFA H13  H  N N 227 
LFA H21  H  N N 228 
LFA H22  H  N N 229 
LFA H31  H  N N 230 
LFA H32  H  N N 231 
LFA H41  H  N N 232 
LFA H42  H  N N 233 
LFA H51  H  N N 234 
LFA H52  H  N N 235 
LFA H61  H  N N 236 
LFA H62  H  N N 237 
LFA H71  H  N N 238 
LFA H72  H  N N 239 
LFA H81  H  N N 240 
LFA H82  H  N N 241 
LFA H91  H  N N 242 
LFA H92  H  N N 243 
LFA H101 H  N N 244 
LFA H102 H  N N 245 
LFA H111 H  N N 246 
LFA H112 H  N N 247 
LFA H121 H  N N 248 
LFA H122 H  N N 249 
LFA H131 H  N N 250 
LFA H132 H  N N 251 
LFA H141 H  N N 252 
LFA H142 H  N N 253 
LFA H151 H  N N 254 
LFA H152 H  N N 255 
LFA H161 H  N N 256 
LFA H162 H  N N 257 
LFA H171 H  N N 258 
LFA H172 H  N N 259 
LFA H181 H  N N 260 
LFA H182 H  N N 261 
LFA H191 H  N N 262 
LFA H192 H  N N 263 
LFA H201 H  N N 264 
LFA H202 H  N N 265 
LFA H203 H  N N 266 
LYS N    N  N N 267 
LYS CA   C  N S 268 
LYS C    C  N N 269 
LYS O    O  N N 270 
LYS CB   C  N N 271 
LYS CG   C  N N 272 
LYS CD   C  N N 273 
LYS CE   C  N N 274 
LYS NZ   N  N N 275 
LYS OXT  O  N N 276 
LYS H    H  N N 277 
LYS H2   H  N N 278 
LYS HA   H  N N 279 
LYS HB2  H  N N 280 
LYS HB3  H  N N 281 
LYS HG2  H  N N 282 
LYS HG3  H  N N 283 
LYS HD2  H  N N 284 
LYS HD3  H  N N 285 
LYS HE2  H  N N 286 
LYS HE3  H  N N 287 
LYS HZ1  H  N N 288 
LYS HZ2  H  N N 289 
LYS HZ3  H  N N 290 
LYS HXT  H  N N 291 
MBO HG   HG N N 292 
MBO CE1  C  Y N 293 
MBO CE2  C  Y N 294 
MBO CE3  C  Y N 295 
MBO CE4  C  Y N 296 
MBO CE5  C  Y N 297 
MBO CE6  C  Y N 298 
MBO CZ   C  N N 299 
MBO OZ1  O  N N 300 
MBO OZ2  O  N N 301 
MBO HE2  H  N N 302 
MBO HE3  H  N N 303 
MBO HE5  H  N N 304 
MBO HE6  H  N N 305 
MBO HZ2  H  N N 306 
MET N    N  N N 307 
MET CA   C  N S 308 
MET C    C  N N 309 
MET O    O  N N 310 
MET CB   C  N N 311 
MET CG   C  N N 312 
MET SD   S  N N 313 
MET CE   C  N N 314 
MET OXT  O  N N 315 
MET H    H  N N 316 
MET H2   H  N N 317 
MET HA   H  N N 318 
MET HB2  H  N N 319 
MET HB3  H  N N 320 
MET HG2  H  N N 321 
MET HG3  H  N N 322 
MET HE1  H  N N 323 
MET HE2  H  N N 324 
MET HE3  H  N N 325 
MET HXT  H  N N 326 
PHE N    N  N N 327 
PHE CA   C  N S 328 
PHE C    C  N N 329 
PHE O    O  N N 330 
PHE CB   C  N N 331 
PHE CG   C  Y N 332 
PHE CD1  C  Y N 333 
PHE CD2  C  Y N 334 
PHE CE1  C  Y N 335 
PHE CE2  C  Y N 336 
PHE CZ   C  Y N 337 
PHE OXT  O  N N 338 
PHE H    H  N N 339 
PHE H2   H  N N 340 
PHE HA   H  N N 341 
PHE HB2  H  N N 342 
PHE HB3  H  N N 343 
PHE HD1  H  N N 344 
PHE HD2  H  N N 345 
PHE HE1  H  N N 346 
PHE HE2  H  N N 347 
PHE HZ   H  N N 348 
PHE HXT  H  N N 349 
PRO N    N  N N 350 
PRO CA   C  N S 351 
PRO C    C  N N 352 
PRO O    O  N N 353 
PRO CB   C  N N 354 
PRO CG   C  N N 355 
PRO CD   C  N N 356 
PRO OXT  O  N N 357 
PRO H    H  N N 358 
PRO HA   H  N N 359 
PRO HB2  H  N N 360 
PRO HB3  H  N N 361 
PRO HG2  H  N N 362 
PRO HG3  H  N N 363 
PRO HD2  H  N N 364 
PRO HD3  H  N N 365 
PRO HXT  H  N N 366 
SER N    N  N N 367 
SER CA   C  N S 368 
SER C    C  N N 369 
SER O    O  N N 370 
SER CB   C  N N 371 
SER OG   O  N N 372 
SER OXT  O  N N 373 
SER H    H  N N 374 
SER H2   H  N N 375 
SER HA   H  N N 376 
SER HB2  H  N N 377 
SER HB3  H  N N 378 
SER HG   H  N N 379 
SER HXT  H  N N 380 
SO4 S    S  N N 381 
SO4 O1   O  N N 382 
SO4 O2   O  N N 383 
SO4 O3   O  N N 384 
SO4 O4   O  N N 385 
THR N    N  N N 386 
THR CA   C  N S 387 
THR C    C  N N 388 
THR O    O  N N 389 
THR CB   C  N R 390 
THR OG1  O  N N 391 
THR CG2  C  N N 392 
THR OXT  O  N N 393 
THR H    H  N N 394 
THR H2   H  N N 395 
THR HA   H  N N 396 
THR HB   H  N N 397 
THR HG1  H  N N 398 
THR HG21 H  N N 399 
THR HG22 H  N N 400 
THR HG23 H  N N 401 
THR HXT  H  N N 402 
TYR N    N  N N 403 
TYR CA   C  N S 404 
TYR C    C  N N 405 
TYR O    O  N N 406 
TYR CB   C  N N 407 
TYR CG   C  Y N 408 
TYR CD1  C  Y N 409 
TYR CD2  C  Y N 410 
TYR CE1  C  Y N 411 
TYR CE2  C  Y N 412 
TYR CZ   C  Y N 413 
TYR OH   O  N N 414 
TYR OXT  O  N N 415 
TYR H    H  N N 416 
TYR H2   H  N N 417 
TYR HA   H  N N 418 
TYR HB2  H  N N 419 
TYR HB3  H  N N 420 
TYR HD1  H  N N 421 
TYR HD2  H  N N 422 
TYR HE1  H  N N 423 
TYR HE2  H  N N 424 
TYR HH   H  N N 425 
TYR HXT  H  N N 426 
VAL N    N  N N 427 
VAL CA   C  N S 428 
VAL C    C  N N 429 
VAL O    O  N N 430 
VAL CB   C  N N 431 
VAL CG1  C  N N 432 
VAL CG2  C  N N 433 
VAL OXT  O  N N 434 
VAL H    H  N N 435 
VAL H2   H  N N 436 
VAL HA   H  N N 437 
VAL HB   H  N N 438 
VAL HG11 H  N N 439 
VAL HG12 H  N N 440 
VAL HG13 H  N N 441 
VAL HG21 H  N N 442 
VAL HG22 H  N N 443 
VAL HG23 H  N N 444 
VAL HXT  H  N N 445 
# 
loop_
_chem_comp_bond.comp_id 
_chem_comp_bond.atom_id_1 
_chem_comp_bond.atom_id_2 
_chem_comp_bond.value_order 
_chem_comp_bond.pdbx_aromatic_flag 
_chem_comp_bond.pdbx_stereo_config 
_chem_comp_bond.pdbx_ordinal 
ALA N   CA   sing N N 1   
ALA N   H    sing N N 2   
ALA N   H2   sing N N 3   
ALA CA  C    sing N N 4   
ALA CA  CB   sing N N 5   
ALA CA  HA   sing N N 6   
ALA C   O    doub N N 7   
ALA C   OXT  sing N N 8   
ALA CB  HB1  sing N N 9   
ALA CB  HB2  sing N N 10  
ALA CB  HB3  sing N N 11  
ALA OXT HXT  sing N N 12  
ARG N   CA   sing N N 13  
ARG N   H    sing N N 14  
ARG N   H2   sing N N 15  
ARG CA  C    sing N N 16  
ARG CA  CB   sing N N 17  
ARG CA  HA   sing N N 18  
ARG C   O    doub N N 19  
ARG C   OXT  sing N N 20  
ARG CB  CG   sing N N 21  
ARG CB  HB2  sing N N 22  
ARG CB  HB3  sing N N 23  
ARG CG  CD   sing N N 24  
ARG CG  HG2  sing N N 25  
ARG CG  HG3  sing N N 26  
ARG CD  NE   sing N N 27  
ARG CD  HD2  sing N N 28  
ARG CD  HD3  sing N N 29  
ARG NE  CZ   sing N N 30  
ARG NE  HE   sing N N 31  
ARG CZ  NH1  sing N N 32  
ARG CZ  NH2  doub N N 33  
ARG NH1 HH11 sing N N 34  
ARG NH1 HH12 sing N N 35  
ARG NH2 HH21 sing N N 36  
ARG NH2 HH22 sing N N 37  
ARG OXT HXT  sing N N 38  
ASN N   CA   sing N N 39  
ASN N   H    sing N N 40  
ASN N   H2   sing N N 41  
ASN CA  C    sing N N 42  
ASN CA  CB   sing N N 43  
ASN CA  HA   sing N N 44  
ASN C   O    doub N N 45  
ASN C   OXT  sing N N 46  
ASN CB  CG   sing N N 47  
ASN CB  HB2  sing N N 48  
ASN CB  HB3  sing N N 49  
ASN CG  OD1  doub N N 50  
ASN CG  ND2  sing N N 51  
ASN ND2 HD21 sing N N 52  
ASN ND2 HD22 sing N N 53  
ASN OXT HXT  sing N N 54  
ASP N   CA   sing N N 55  
ASP N   H    sing N N 56  
ASP N   H2   sing N N 57  
ASP CA  C    sing N N 58  
ASP CA  CB   sing N N 59  
ASP CA  HA   sing N N 60  
ASP C   O    doub N N 61  
ASP C   OXT  sing N N 62  
ASP CB  CG   sing N N 63  
ASP CB  HB2  sing N N 64  
ASP CB  HB3  sing N N 65  
ASP CG  OD1  doub N N 66  
ASP CG  OD2  sing N N 67  
ASP OD2 HD2  sing N N 68  
ASP OXT HXT  sing N N 69  
CYS N   CA   sing N N 70  
CYS N   H    sing N N 71  
CYS N   H2   sing N N 72  
CYS CA  C    sing N N 73  
CYS CA  CB   sing N N 74  
CYS CA  HA   sing N N 75  
CYS C   O    doub N N 76  
CYS C   OXT  sing N N 77  
CYS CB  SG   sing N N 78  
CYS CB  HB2  sing N N 79  
CYS CB  HB3  sing N N 80  
CYS SG  HG   sing N N 81  
CYS OXT HXT  sing N N 82  
GLN N   CA   sing N N 83  
GLN N   H    sing N N 84  
GLN N   H2   sing N N 85  
GLN CA  C    sing N N 86  
GLN CA  CB   sing N N 87  
GLN CA  HA   sing N N 88  
GLN C   O    doub N N 89  
GLN C   OXT  sing N N 90  
GLN CB  CG   sing N N 91  
GLN CB  HB2  sing N N 92  
GLN CB  HB3  sing N N 93  
GLN CG  CD   sing N N 94  
GLN CG  HG2  sing N N 95  
GLN CG  HG3  sing N N 96  
GLN CD  OE1  doub N N 97  
GLN CD  NE2  sing N N 98  
GLN NE2 HE21 sing N N 99  
GLN NE2 HE22 sing N N 100 
GLN OXT HXT  sing N N 101 
GLU N   CA   sing N N 102 
GLU N   H    sing N N 103 
GLU N   H2   sing N N 104 
GLU CA  C    sing N N 105 
GLU CA  CB   sing N N 106 
GLU CA  HA   sing N N 107 
GLU C   O    doub N N 108 
GLU C   OXT  sing N N 109 
GLU CB  CG   sing N N 110 
GLU CB  HB2  sing N N 111 
GLU CB  HB3  sing N N 112 
GLU CG  CD   sing N N 113 
GLU CG  HG2  sing N N 114 
GLU CG  HG3  sing N N 115 
GLU CD  OE1  doub N N 116 
GLU CD  OE2  sing N N 117 
GLU OE2 HE2  sing N N 118 
GLU OXT HXT  sing N N 119 
GLY N   CA   sing N N 120 
GLY N   H    sing N N 121 
GLY N   H2   sing N N 122 
GLY CA  C    sing N N 123 
GLY CA  HA2  sing N N 124 
GLY CA  HA3  sing N N 125 
GLY C   O    doub N N 126 
GLY C   OXT  sing N N 127 
GLY OXT HXT  sing N N 128 
HIS N   CA   sing N N 129 
HIS N   H    sing N N 130 
HIS N   H2   sing N N 131 
HIS CA  C    sing N N 132 
HIS CA  CB   sing N N 133 
HIS CA  HA   sing N N 134 
HIS C   O    doub N N 135 
HIS C   OXT  sing N N 136 
HIS CB  CG   sing N N 137 
HIS CB  HB2  sing N N 138 
HIS CB  HB3  sing N N 139 
HIS CG  ND1  sing Y N 140 
HIS CG  CD2  doub Y N 141 
HIS ND1 CE1  doub Y N 142 
HIS ND1 HD1  sing N N 143 
HIS CD2 NE2  sing Y N 144 
HIS CD2 HD2  sing N N 145 
HIS CE1 NE2  sing Y N 146 
HIS CE1 HE1  sing N N 147 
HIS NE2 HE2  sing N N 148 
HIS OXT HXT  sing N N 149 
HOH O   H1   sing N N 150 
HOH O   H2   sing N N 151 
ILE N   CA   sing N N 152 
ILE N   H    sing N N 153 
ILE N   H2   sing N N 154 
ILE CA  C    sing N N 155 
ILE CA  CB   sing N N 156 
ILE CA  HA   sing N N 157 
ILE C   O    doub N N 158 
ILE C   OXT  sing N N 159 
ILE CB  CG1  sing N N 160 
ILE CB  CG2  sing N N 161 
ILE CB  HB   sing N N 162 
ILE CG1 CD1  sing N N 163 
ILE CG1 HG12 sing N N 164 
ILE CG1 HG13 sing N N 165 
ILE CG2 HG21 sing N N 166 
ILE CG2 HG22 sing N N 167 
ILE CG2 HG23 sing N N 168 
ILE CD1 HD11 sing N N 169 
ILE CD1 HD12 sing N N 170 
ILE CD1 HD13 sing N N 171 
ILE OXT HXT  sing N N 172 
LEU N   CA   sing N N 173 
LEU N   H    sing N N 174 
LEU N   H2   sing N N 175 
LEU CA  C    sing N N 176 
LEU CA  CB   sing N N 177 
LEU CA  HA   sing N N 178 
LEU C   O    doub N N 179 
LEU C   OXT  sing N N 180 
LEU CB  CG   sing N N 181 
LEU CB  HB2  sing N N 182 
LEU CB  HB3  sing N N 183 
LEU CG  CD1  sing N N 184 
LEU CG  CD2  sing N N 185 
LEU CG  HG   sing N N 186 
LEU CD1 HD11 sing N N 187 
LEU CD1 HD12 sing N N 188 
LEU CD1 HD13 sing N N 189 
LEU CD2 HD21 sing N N 190 
LEU CD2 HD22 sing N N 191 
LEU CD2 HD23 sing N N 192 
LEU OXT HXT  sing N N 193 
LFA C1  C2   sing N N 194 
LFA C1  H11  sing N N 195 
LFA C1  H12  sing N N 196 
LFA C1  H13  sing N N 197 
LFA C2  C3   sing N N 198 
LFA C2  H21  sing N N 199 
LFA C2  H22  sing N N 200 
LFA C3  C4   sing N N 201 
LFA C3  H31  sing N N 202 
LFA C3  H32  sing N N 203 
LFA C4  C5   sing N N 204 
LFA C4  H41  sing N N 205 
LFA C4  H42  sing N N 206 
LFA C5  C6   sing N N 207 
LFA C5  H51  sing N N 208 
LFA C5  H52  sing N N 209 
LFA C6  C7   sing N N 210 
LFA C6  H61  sing N N 211 
LFA C6  H62  sing N N 212 
LFA C7  C8   sing N N 213 
LFA C7  H71  sing N N 214 
LFA C7  H72  sing N N 215 
LFA C8  C9   sing N N 216 
LFA C8  H81  sing N N 217 
LFA C8  H82  sing N N 218 
LFA C9  C10  sing N N 219 
LFA C9  H91  sing N N 220 
LFA C9  H92  sing N N 221 
LFA C10 C11  sing N N 222 
LFA C10 H101 sing N N 223 
LFA C10 H102 sing N N 224 
LFA C11 C12  sing N N 225 
LFA C11 H111 sing N N 226 
LFA C11 H112 sing N N 227 
LFA C12 C13  sing N N 228 
LFA C12 H121 sing N N 229 
LFA C12 H122 sing N N 230 
LFA C13 C14  sing N N 231 
LFA C13 H131 sing N N 232 
LFA C13 H132 sing N N 233 
LFA C14 C15  sing N N 234 
LFA C14 H141 sing N N 235 
LFA C14 H142 sing N N 236 
LFA C15 C16  sing N N 237 
LFA C15 H151 sing N N 238 
LFA C15 H152 sing N N 239 
LFA C16 C17  sing N N 240 
LFA C16 H161 sing N N 241 
LFA C16 H162 sing N N 242 
LFA C17 C18  sing N N 243 
LFA C17 H171 sing N N 244 
LFA C17 H172 sing N N 245 
LFA C18 C19  sing N N 246 
LFA C18 H181 sing N N 247 
LFA C18 H182 sing N N 248 
LFA C19 C20  sing N N 249 
LFA C19 H191 sing N N 250 
LFA C19 H192 sing N N 251 
LFA C20 H201 sing N N 252 
LFA C20 H202 sing N N 253 
LFA C20 H203 sing N N 254 
LYS N   CA   sing N N 255 
LYS N   H    sing N N 256 
LYS N   H2   sing N N 257 
LYS CA  C    sing N N 258 
LYS CA  CB   sing N N 259 
LYS CA  HA   sing N N 260 
LYS C   O    doub N N 261 
LYS C   OXT  sing N N 262 
LYS CB  CG   sing N N 263 
LYS CB  HB2  sing N N 264 
LYS CB  HB3  sing N N 265 
LYS CG  CD   sing N N 266 
LYS CG  HG2  sing N N 267 
LYS CG  HG3  sing N N 268 
LYS CD  CE   sing N N 269 
LYS CD  HD2  sing N N 270 
LYS CD  HD3  sing N N 271 
LYS CE  NZ   sing N N 272 
LYS CE  HE2  sing N N 273 
LYS CE  HE3  sing N N 274 
LYS NZ  HZ1  sing N N 275 
LYS NZ  HZ2  sing N N 276 
LYS NZ  HZ3  sing N N 277 
LYS OXT HXT  sing N N 278 
MBO HG  CE1  sing N N 279 
MBO CE1 CE2  sing Y N 280 
MBO CE1 CE6  doub Y N 281 
MBO CE2 CE3  doub Y N 282 
MBO CE2 HE2  sing N N 283 
MBO CE3 CE4  sing Y N 284 
MBO CE3 HE3  sing N N 285 
MBO CE4 CE5  doub Y N 286 
MBO CE4 CZ   sing N N 287 
MBO CE5 CE6  sing Y N 288 
MBO CE5 HE5  sing N N 289 
MBO CE6 HE6  sing N N 290 
MBO CZ  OZ1  doub N N 291 
MBO CZ  OZ2  sing N N 292 
MBO OZ2 HZ2  sing N N 293 
MET N   CA   sing N N 294 
MET N   H    sing N N 295 
MET N   H2   sing N N 296 
MET CA  C    sing N N 297 
MET CA  CB   sing N N 298 
MET CA  HA   sing N N 299 
MET C   O    doub N N 300 
MET C   OXT  sing N N 301 
MET CB  CG   sing N N 302 
MET CB  HB2  sing N N 303 
MET CB  HB3  sing N N 304 
MET CG  SD   sing N N 305 
MET CG  HG2  sing N N 306 
MET CG  HG3  sing N N 307 
MET SD  CE   sing N N 308 
MET CE  HE1  sing N N 309 
MET CE  HE2  sing N N 310 
MET CE  HE3  sing N N 311 
MET OXT HXT  sing N N 312 
PHE N   CA   sing N N 313 
PHE N   H    sing N N 314 
PHE N   H2   sing N N 315 
PHE CA  C    sing N N 316 
PHE CA  CB   sing N N 317 
PHE CA  HA   sing N N 318 
PHE C   O    doub N N 319 
PHE C   OXT  sing N N 320 
PHE CB  CG   sing N N 321 
PHE CB  HB2  sing N N 322 
PHE CB  HB3  sing N N 323 
PHE CG  CD1  doub Y N 324 
PHE CG  CD2  sing Y N 325 
PHE CD1 CE1  sing Y N 326 
PHE CD1 HD1  sing N N 327 
PHE CD2 CE2  doub Y N 328 
PHE CD2 HD2  sing N N 329 
PHE CE1 CZ   doub Y N 330 
PHE CE1 HE1  sing N N 331 
PHE CE2 CZ   sing Y N 332 
PHE CE2 HE2  sing N N 333 
PHE CZ  HZ   sing N N 334 
PHE OXT HXT  sing N N 335 
PRO N   CA   sing N N 336 
PRO N   CD   sing N N 337 
PRO N   H    sing N N 338 
PRO CA  C    sing N N 339 
PRO CA  CB   sing N N 340 
PRO CA  HA   sing N N 341 
PRO C   O    doub N N 342 
PRO C   OXT  sing N N 343 
PRO CB  CG   sing N N 344 
PRO CB  HB2  sing N N 345 
PRO CB  HB3  sing N N 346 
PRO CG  CD   sing N N 347 
PRO CG  HG2  sing N N 348 
PRO CG  HG3  sing N N 349 
PRO CD  HD2  sing N N 350 
PRO CD  HD3  sing N N 351 
PRO OXT HXT  sing N N 352 
SER N   CA   sing N N 353 
SER N   H    sing N N 354 
SER N   H2   sing N N 355 
SER CA  C    sing N N 356 
SER CA  CB   sing N N 357 
SER CA  HA   sing N N 358 
SER C   O    doub N N 359 
SER C   OXT  sing N N 360 
SER CB  OG   sing N N 361 
SER CB  HB2  sing N N 362 
SER CB  HB3  sing N N 363 
SER OG  HG   sing N N 364 
SER OXT HXT  sing N N 365 
SO4 S   O1   doub N N 366 
SO4 S   O2   doub N N 367 
SO4 S   O3   sing N N 368 
SO4 S   O4   sing N N 369 
THR N   CA   sing N N 370 
THR N   H    sing N N 371 
THR N   H2   sing N N 372 
THR CA  C    sing N N 373 
THR CA  CB   sing N N 374 
THR CA  HA   sing N N 375 
THR C   O    doub N N 376 
THR C   OXT  sing N N 377 
THR CB  OG1  sing N N 378 
THR CB  CG2  sing N N 379 
THR CB  HB   sing N N 380 
THR OG1 HG1  sing N N 381 
THR CG2 HG21 sing N N 382 
THR CG2 HG22 sing N N 383 
THR CG2 HG23 sing N N 384 
THR OXT HXT  sing N N 385 
TYR N   CA   sing N N 386 
TYR N   H    sing N N 387 
TYR N   H2   sing N N 388 
TYR CA  C    sing N N 389 
TYR CA  CB   sing N N 390 
TYR CA  HA   sing N N 391 
TYR C   O    doub N N 392 
TYR C   OXT  sing N N 393 
TYR CB  CG   sing N N 394 
TYR CB  HB2  sing N N 395 
TYR CB  HB3  sing N N 396 
TYR CG  CD1  doub Y N 397 
TYR CG  CD2  sing Y N 398 
TYR CD1 CE1  sing Y N 399 
TYR CD1 HD1  sing N N 400 
TYR CD2 CE2  doub Y N 401 
TYR CD2 HD2  sing N N 402 
TYR CE1 CZ   doub Y N 403 
TYR CE1 HE1  sing N N 404 
TYR CE2 CZ   sing Y N 405 
TYR CE2 HE2  sing N N 406 
TYR CZ  OH   sing N N 407 
TYR OH  HH   sing N N 408 
TYR OXT HXT  sing N N 409 
VAL N   CA   sing N N 410 
VAL N   H    sing N N 411 
VAL N   H2   sing N N 412 
VAL CA  C    sing N N 413 
VAL CA  CB   sing N N 414 
VAL CA  HA   sing N N 415 
VAL C   O    doub N N 416 
VAL C   OXT  sing N N 417 
VAL CB  CG1  sing N N 418 
VAL CB  CG2  sing N N 419 
VAL CB  HB   sing N N 420 
VAL CG1 HG11 sing N N 421 
VAL CG1 HG12 sing N N 422 
VAL CG1 HG13 sing N N 423 
VAL CG2 HG21 sing N N 424 
VAL CG2 HG22 sing N N 425 
VAL CG2 HG23 sing N N 426 
VAL OXT HXT  sing N N 427 
# 
loop_
_pdbx_entity_nonpoly.entity_id 
_pdbx_entity_nonpoly.name 
_pdbx_entity_nonpoly.comp_id 
2 EICOSANE              LFA 
3 'SULFATE ION'         SO4 
4 'MERCURIBENZOIC ACID' MBO 
5 water                 HOH 
# 
_pdbx_initial_refinement_model.id               1 
_pdbx_initial_refinement_model.entity_id_list   ? 
_pdbx_initial_refinement_model.type             'experimental model' 
_pdbx_initial_refinement_model.source_name      PDB 
_pdbx_initial_refinement_model.accession_code   5W37 
_pdbx_initial_refinement_model.details          'PDB entry 5W37' 
# 
_pdbx_struct_assembly_auth_evidence.id                     1 
_pdbx_struct_assembly_auth_evidence.assembly_id            1 
_pdbx_struct_assembly_auth_evidence.experimental_support   none 
_pdbx_struct_assembly_auth_evidence.details                . 
# 
